data_7BV6
#
_entry.id   7BV6
#
_cell.length_a   143.981
_cell.length_b   196.000
_cell.length_c   76.142
_cell.angle_alpha   90.000
_cell.angle_beta   90.000
_cell.angle_gamma   90.000
#
_symmetry.space_group_name_H-M   'P 21 21 2'
#
loop_
_entity.id
_entity.type
_entity.pdbx_description
1 polymer 'Vesicle-associated membrane protein 8'
2 polymer Syntaxin-17
3 polymer 'Synaptosomal-associated protein 29'
4 polymer 'Synaptosomal-associated protein 29'
#
loop_
_entity_poly.entity_id
_entity_poly.type
_entity_poly.pdbx_seq_one_letter_code
_entity_poly.pdbx_strand_id
1 'polypeptide(L)' GGNDRVRNLQSEVEGVKNIMTQNVERILARGENLEHLRNKTEDLEATSEHFKTTSQKVARKFWWKNVK A,E,I,M,Q,U
2 'polypeptide(L)'
;HTTEAEASSQSLTQIYALPEIPQDQNAAESWETLEADLIELSQLVTDFSLLVNSQQEKIDSIADHVNSAAVNVEEGTKNL
GKAAKYK
;
B,F,J,N,R,V
3 'polypeptide(L)'
;DRQQYLRQEVLRRAEATAASTSRSLALMYESEKVGVASSEELARQRGVLERTEKMVDKMDQDLKISQKHINSIKSVFGGL
VNYFKSKPVET
;
C,G,K,O,S,W
4 'polypeptide(L)' KNPHLRAYHQKIDSNLDELSMGLGRLKDIALGMQTEIEEQDDILDRLTTKVDKLDVNIKSTERKVRQL D,H,L,P,T,X
#
# COMPACT_ATOMS: atom_id res chain seq x y z
N GLY A 2 48.57 -14.32 18.66
CA GLY A 2 47.72 -13.14 18.64
C GLY A 2 48.15 -12.07 17.65
N ASN A 3 49.44 -11.75 17.64
CA ASN A 3 49.97 -10.72 16.74
C ASN A 3 50.41 -11.26 15.38
N ASP A 4 50.85 -12.52 15.31
CA ASP A 4 51.07 -13.15 14.01
C ASP A 4 49.76 -13.45 13.33
N ARG A 5 48.72 -13.79 14.10
CA ARG A 5 47.42 -14.17 13.54
C ARG A 5 46.77 -12.99 12.82
N VAL A 6 46.97 -11.78 13.32
CA VAL A 6 46.32 -10.62 12.72
C VAL A 6 46.97 -10.29 11.38
N ARG A 7 48.31 -10.27 11.33
CA ARG A 7 48.94 -9.85 10.10
C ARG A 7 48.71 -10.89 9.00
N ASN A 8 48.57 -12.18 9.37
CA ASN A 8 48.20 -13.20 8.40
C ASN A 8 46.84 -12.91 7.81
N LEU A 9 45.85 -12.76 8.67
CA LEU A 9 44.51 -12.47 8.19
C LEU A 9 44.51 -11.25 7.30
N GLN A 10 45.19 -10.18 7.74
CA GLN A 10 45.20 -8.94 6.98
C GLN A 10 45.65 -9.23 5.55
N SER A 11 46.84 -9.79 5.41
CA SER A 11 47.41 -9.99 4.08
C SER A 11 46.54 -10.88 3.18
N GLU A 12 45.77 -11.81 3.77
CA GLU A 12 44.82 -12.57 2.97
C GLU A 12 43.73 -11.65 2.43
N VAL A 13 43.14 -10.86 3.31
CA VAL A 13 42.18 -9.84 2.91
C VAL A 13 42.76 -8.98 1.81
N GLU A 14 44.01 -8.54 1.97
CA GLU A 14 44.66 -7.79 0.91
C GLU A 14 44.68 -8.60 -0.37
N GLY A 15 44.96 -9.89 -0.26
CA GLY A 15 44.90 -10.76 -1.42
C GLY A 15 43.55 -10.73 -2.10
N VAL A 16 42.49 -10.97 -1.32
CA VAL A 16 41.16 -11.02 -1.91
C VAL A 16 40.75 -9.66 -2.43
N LYS A 17 41.16 -8.59 -1.72
CA LYS A 17 40.96 -7.22 -2.20
C LYS A 17 41.54 -7.03 -3.58
N ASN A 18 42.75 -7.54 -3.79
CA ASN A 18 43.45 -7.33 -5.06
C ASN A 18 42.66 -7.94 -6.19
N ILE A 19 42.06 -9.11 -5.96
CA ILE A 19 41.30 -9.77 -7.02
C ILE A 19 40.06 -8.98 -7.32
N MET A 20 39.31 -8.60 -6.28
CA MET A 20 38.11 -7.81 -6.48
C MET A 20 38.41 -6.53 -7.26
N THR A 21 39.47 -5.80 -6.89
CA THR A 21 39.83 -4.59 -7.63
C THR A 21 39.98 -4.89 -9.13
N GLN A 22 40.63 -6.00 -9.47
CA GLN A 22 40.73 -6.39 -10.87
C GLN A 22 39.36 -6.67 -11.46
N ASN A 23 38.54 -7.49 -10.78
CA ASN A 23 37.21 -7.82 -11.26
C ASN A 23 36.37 -6.60 -11.54
N VAL A 24 36.44 -5.59 -10.68
CA VAL A 24 35.80 -4.32 -10.98
C VAL A 24 36.35 -3.75 -12.29
N GLU A 25 37.67 -3.74 -12.47
CA GLU A 25 38.21 -3.26 -13.73
C GLU A 25 37.71 -4.13 -14.90
N ARG A 26 37.81 -5.44 -14.79
CA ARG A 26 37.29 -6.31 -15.84
C ARG A 26 35.81 -6.04 -16.13
N ILE A 27 34.99 -5.79 -15.10
CA ILE A 27 33.55 -5.66 -15.36
C ILE A 27 33.23 -4.30 -15.94
N LEU A 28 34.06 -3.29 -15.68
CA LEU A 28 33.88 -2.05 -16.41
C LEU A 28 34.11 -2.26 -17.91
N ALA A 29 35.17 -2.99 -18.27
CA ALA A 29 35.37 -3.42 -19.65
C ALA A 29 34.11 -4.06 -20.22
N ARG A 30 33.64 -5.12 -19.56
CA ARG A 30 32.43 -5.78 -20.02
C ARG A 30 31.35 -4.76 -20.30
N GLY A 31 31.24 -3.75 -19.43
CA GLY A 31 30.24 -2.72 -19.64
C GLY A 31 30.41 -2.02 -20.97
N GLU A 32 31.66 -1.75 -21.34
CA GLU A 32 31.87 -1.02 -22.59
C GLU A 32 31.75 -1.93 -23.80
N ASN A 33 32.08 -3.23 -23.64
CA ASN A 33 31.77 -4.17 -24.71
C ASN A 33 30.26 -4.31 -24.90
N LEU A 34 29.53 -4.41 -23.79
CA LEU A 34 28.08 -4.46 -23.85
C LEU A 34 27.51 -3.28 -24.62
N GLU A 35 27.98 -2.05 -24.33
CA GLU A 35 27.38 -0.87 -24.97
C GLU A 35 27.50 -0.95 -26.47
N HIS A 36 28.66 -1.36 -26.98
CA HIS A 36 28.85 -1.40 -28.41
C HIS A 36 27.87 -2.38 -29.05
N LEU A 37 27.53 -3.45 -28.34
CA LEU A 37 26.58 -4.42 -28.90
C LEU A 37 25.17 -3.86 -28.93
N ARG A 38 24.76 -3.16 -27.86
CA ARG A 38 23.47 -2.48 -27.89
C ARG A 38 23.36 -1.63 -29.14
N ASN A 39 24.35 -0.75 -29.36
CA ASN A 39 24.31 0.11 -30.53
C ASN A 39 24.32 -0.70 -31.81
N LYS A 40 25.13 -1.75 -31.86
CA LYS A 40 25.13 -2.58 -33.07
C LYS A 40 23.80 -3.30 -33.25
N THR A 41 23.13 -3.69 -32.15
CA THR A 41 21.85 -4.38 -32.31
C THR A 41 20.73 -3.41 -32.59
N GLU A 42 20.77 -2.22 -31.97
CA GLU A 42 19.89 -1.14 -32.38
C GLU A 42 19.88 -1.03 -33.90
N ASP A 43 21.08 -1.03 -34.51
CA ASP A 43 21.18 -0.97 -35.97
C ASP A 43 20.64 -2.22 -36.61
N LEU A 44 20.91 -3.39 -36.00
CA LEU A 44 20.35 -4.62 -36.53
C LEU A 44 18.83 -4.57 -36.56
N GLU A 45 18.21 -3.96 -35.55
CA GLU A 45 16.76 -3.90 -35.58
C GLU A 45 16.29 -2.98 -36.69
N ALA A 46 16.98 -1.87 -36.91
CA ALA A 46 16.55 -0.94 -37.96
C ALA A 46 16.67 -1.56 -39.36
N THR A 47 17.85 -2.12 -39.70
CA THR A 47 18.03 -2.81 -40.97
C THR A 47 16.89 -3.78 -41.22
N SER A 48 16.61 -4.61 -40.21
CA SER A 48 15.56 -5.62 -40.32
C SER A 48 14.21 -4.99 -40.61
N GLU A 49 13.86 -3.91 -39.92
CA GLU A 49 12.56 -3.28 -40.16
C GLU A 49 12.43 -2.86 -41.63
N HIS A 50 13.50 -2.32 -42.20
CA HIS A 50 13.44 -1.95 -43.61
C HIS A 50 13.28 -3.19 -44.49
N PHE A 51 14.02 -4.25 -44.17
CA PHE A 51 13.79 -5.52 -44.84
C PHE A 51 12.31 -5.92 -44.82
N LYS A 52 11.63 -5.75 -43.69
CA LYS A 52 10.21 -6.07 -43.65
C LYS A 52 9.44 -5.17 -44.61
N THR A 53 9.45 -3.85 -44.37
CA THR A 53 8.82 -2.83 -45.20
C THR A 53 8.95 -3.10 -46.69
N THR A 54 10.16 -3.40 -47.13
CA THR A 54 10.41 -3.55 -48.56
C THR A 54 9.75 -4.81 -49.09
N SER A 55 9.69 -5.86 -48.27
CA SER A 55 8.98 -7.08 -48.66
C SER A 55 7.50 -6.83 -48.86
N GLN A 56 6.84 -6.19 -47.89
CA GLN A 56 5.44 -5.87 -48.04
C GLN A 56 5.18 -5.10 -49.32
N LYS A 57 6.03 -4.12 -49.63
CA LYS A 57 5.85 -3.33 -50.85
C LYS A 57 5.92 -4.23 -52.08
N VAL A 58 6.64 -5.34 -52.01
CA VAL A 58 6.71 -6.26 -53.15
C VAL A 58 5.53 -7.21 -53.14
N ALA A 59 5.25 -7.82 -51.99
CA ALA A 59 4.12 -8.75 -51.84
C ALA A 59 2.79 -8.16 -52.31
N ARG A 60 2.60 -6.84 -52.20
CA ARG A 60 1.36 -6.24 -52.67
C ARG A 60 1.46 -5.73 -54.11
N LYS A 61 2.64 -5.24 -54.51
CA LYS A 61 2.85 -4.92 -55.92
C LYS A 61 2.53 -6.12 -56.81
N PHE A 62 2.92 -7.33 -56.39
CA PHE A 62 2.65 -8.52 -57.18
C PHE A 62 1.24 -9.03 -57.02
N TRP A 63 0.62 -8.81 -55.86
CA TRP A 63 -0.83 -8.96 -55.75
C TRP A 63 -1.52 -8.17 -56.84
N TRP A 64 -1.27 -6.86 -56.90
CA TRP A 64 -1.81 -5.98 -57.92
C TRP A 64 -1.57 -6.51 -59.34
N LYS A 65 -0.30 -6.72 -59.71
CA LYS A 65 0.09 -7.04 -61.10
C LYS A 65 -0.67 -8.22 -61.68
N ASN A 66 -1.06 -9.18 -60.84
CA ASN A 66 -1.67 -10.42 -61.31
C ASN A 66 -3.06 -10.67 -60.73
N VAL A 67 -3.63 -9.72 -59.99
CA VAL A 67 -5.06 -9.75 -59.64
C VAL A 67 -5.60 -8.33 -59.78
N ALA B 27 48.16 -3.03 20.05
CA ALA B 27 47.19 -3.81 20.81
C ALA B 27 45.94 -4.10 19.96
N ALA B 28 44.85 -3.40 20.27
CA ALA B 28 43.59 -3.51 19.53
C ALA B 28 43.51 -2.52 18.36
N GLU B 29 44.66 -1.99 17.92
CA GLU B 29 44.74 -1.17 16.72
C GLU B 29 45.02 -1.99 15.46
N SER B 30 45.77 -3.08 15.57
CA SER B 30 46.00 -3.91 14.40
C SER B 30 44.80 -4.80 14.12
N TRP B 31 43.94 -5.03 15.11
CA TRP B 31 42.59 -5.51 14.83
C TRP B 31 41.81 -4.47 14.07
N GLU B 32 41.90 -3.22 14.55
CA GLU B 32 41.25 -2.08 13.92
C GLU B 32 41.68 -1.92 12.45
N THR B 33 42.89 -2.33 12.09
CA THR B 33 43.20 -2.27 10.66
C THR B 33 42.58 -3.45 9.93
N LEU B 34 42.68 -4.65 10.49
CA LEU B 34 41.97 -5.79 9.93
C LEU B 34 40.52 -5.43 9.66
N GLU B 35 39.82 -4.90 10.68
CA GLU B 35 38.42 -4.52 10.50
C GLU B 35 38.25 -3.49 9.40
N ALA B 36 39.24 -2.64 9.17
CA ALA B 36 39.13 -1.67 8.08
C ALA B 36 39.24 -2.35 6.72
N ASP B 37 40.32 -3.10 6.50
CA ASP B 37 40.45 -3.92 5.31
C ASP B 37 39.19 -4.74 5.02
N LEU B 38 38.57 -5.32 6.04
CA LEU B 38 37.38 -6.09 5.73
C LEU B 38 36.26 -5.18 5.30
N ILE B 39 36.21 -3.96 5.82
CA ILE B 39 35.21 -3.01 5.36
C ILE B 39 35.47 -2.64 3.90
N GLU B 40 36.72 -2.35 3.53
CA GLU B 40 37.00 -1.97 2.14
C GLU B 40 36.76 -3.11 1.18
N LEU B 41 37.08 -4.33 1.59
CA LEU B 41 36.75 -5.51 0.78
C LEU B 41 35.26 -5.61 0.59
N SER B 42 34.49 -5.60 1.69
CA SER B 42 33.03 -5.59 1.60
C SER B 42 32.57 -4.50 0.64
N GLN B 43 33.18 -3.32 0.72
CA GLN B 43 32.84 -2.21 -0.16
C GLN B 43 33.11 -2.58 -1.62
N LEU B 44 34.28 -3.18 -1.89
CA LEU B 44 34.61 -3.61 -3.25
C LEU B 44 33.58 -4.60 -3.77
N VAL B 45 33.09 -5.50 -2.90
CA VAL B 45 32.15 -6.52 -3.37
C VAL B 45 30.82 -5.89 -3.73
N THR B 46 30.37 -4.89 -2.94
CA THR B 46 29.16 -4.17 -3.27
C THR B 46 29.32 -3.40 -4.58
N ASP B 47 30.44 -2.70 -4.74
CA ASP B 47 30.66 -1.94 -5.97
C ASP B 47 30.63 -2.85 -7.19
N PHE B 48 31.14 -4.08 -7.03
CA PHE B 48 31.10 -5.06 -8.12
C PHE B 48 29.66 -5.47 -8.46
N SER B 49 28.85 -5.82 -7.45
CA SER B 49 27.48 -6.24 -7.75
C SER B 49 26.67 -5.10 -8.30
N LEU B 50 26.91 -3.88 -7.84
CA LEU B 50 26.19 -2.76 -8.40
C LEU B 50 26.46 -2.65 -9.89
N LEU B 51 27.72 -2.80 -10.31
CA LEU B 51 28.01 -2.72 -11.74
C LEU B 51 27.43 -3.92 -12.50
N VAL B 52 27.53 -5.13 -11.93
CA VAL B 52 26.92 -6.30 -12.58
C VAL B 52 25.41 -6.10 -12.71
N ASN B 53 24.78 -5.49 -11.70
CA ASN B 53 23.37 -5.14 -11.78
C ASN B 53 23.12 -4.12 -12.89
N SER B 54 23.80 -2.96 -12.83
CA SER B 54 23.64 -1.87 -13.80
C SER B 54 23.87 -2.30 -15.22
N GLN B 55 24.31 -3.53 -15.44
CA GLN B 55 24.51 -4.01 -16.79
C GLN B 55 23.38 -4.91 -17.27
N GLN B 56 22.53 -5.44 -16.37
CA GLN B 56 21.30 -6.10 -16.83
C GLN B 56 20.59 -5.24 -17.88
N GLU B 57 20.57 -3.92 -17.67
CA GLU B 57 19.94 -3.01 -18.61
C GLU B 57 20.49 -3.22 -20.02
N LYS B 58 21.81 -3.19 -20.16
CA LYS B 58 22.40 -3.37 -21.47
C LYS B 58 22.12 -4.76 -22.01
N ILE B 59 22.30 -5.79 -21.16
CA ILE B 59 22.02 -7.18 -21.55
C ILE B 59 20.61 -7.33 -22.13
N ASP B 60 19.61 -6.79 -21.42
CA ASP B 60 18.23 -6.96 -21.84
C ASP B 60 17.88 -6.13 -23.07
N SER B 61 18.46 -4.93 -23.25
CA SER B 61 18.23 -4.19 -24.48
C SER B 61 18.79 -4.95 -25.67
N ILE B 62 20.04 -5.41 -25.53
CA ILE B 62 20.64 -6.28 -26.53
C ILE B 62 19.68 -7.39 -26.89
N ALA B 63 19.21 -8.11 -25.87
CA ALA B 63 18.28 -9.22 -26.12
C ALA B 63 17.03 -8.74 -26.82
N ASP B 64 16.54 -7.54 -26.46
CA ASP B 64 15.33 -7.03 -27.09
C ASP B 64 15.56 -6.79 -28.58
N HIS B 65 16.49 -5.89 -28.93
CA HIS B 65 16.73 -5.55 -30.34
C HIS B 65 16.87 -6.79 -31.21
N VAL B 66 17.69 -7.75 -30.78
CA VAL B 66 17.85 -8.95 -31.60
C VAL B 66 16.54 -9.69 -31.70
N ASN B 67 15.79 -9.74 -30.61
CA ASN B 67 14.48 -10.38 -30.68
C ASN B 67 13.55 -9.62 -31.61
N SER B 68 13.54 -8.28 -31.54
CA SER B 68 12.74 -7.48 -32.47
C SER B 68 13.19 -7.69 -33.90
N ALA B 69 14.51 -7.65 -34.14
CA ALA B 69 15.02 -7.91 -35.47
C ALA B 69 14.50 -9.23 -36.00
N ALA B 70 14.33 -10.20 -35.11
CA ALA B 70 13.97 -11.53 -35.57
C ALA B 70 12.55 -11.59 -36.12
N VAL B 71 11.59 -10.88 -35.50
CA VAL B 71 10.23 -10.90 -36.04
C VAL B 71 10.19 -10.20 -37.38
N ASN B 72 11.10 -9.26 -37.63
CA ASN B 72 11.12 -8.59 -38.92
C ASN B 72 11.60 -9.52 -40.02
N VAL B 73 12.75 -10.18 -39.83
CA VAL B 73 13.24 -11.15 -40.82
C VAL B 73 12.17 -12.21 -41.08
N GLU B 74 11.58 -12.76 -40.01
CA GLU B 74 10.45 -13.67 -40.16
C GLU B 74 9.36 -13.09 -41.06
N GLU B 75 8.86 -11.89 -40.71
CA GLU B 75 7.81 -11.29 -41.54
C GLU B 75 8.33 -10.96 -42.91
N GLY B 76 9.60 -10.57 -43.01
CA GLY B 76 10.17 -10.30 -44.31
C GLY B 76 10.19 -11.54 -45.17
N THR B 77 10.71 -12.64 -44.62
CA THR B 77 10.68 -13.89 -45.36
C THR B 77 9.26 -14.32 -45.65
N LYS B 78 8.35 -14.10 -44.70
CA LYS B 78 6.95 -14.48 -44.91
C LYS B 78 6.36 -13.69 -46.08
N ASN B 79 6.54 -12.37 -46.08
CA ASN B 79 6.00 -11.57 -47.17
C ASN B 79 6.69 -11.89 -48.49
N LEU B 80 7.97 -12.24 -48.46
CA LEU B 80 8.65 -12.72 -49.66
C LEU B 80 8.10 -14.06 -50.14
N GLY B 81 7.33 -14.76 -49.31
CA GLY B 81 6.62 -15.95 -49.73
C GLY B 81 5.28 -15.59 -50.32
N LYS B 82 4.52 -14.74 -49.61
CA LYS B 82 3.31 -14.15 -50.17
C LYS B 82 3.59 -13.54 -51.53
N ALA B 83 4.72 -12.85 -51.68
CA ALA B 83 5.05 -12.24 -52.96
C ALA B 83 5.32 -13.30 -54.03
N ALA B 84 6.15 -14.29 -53.70
CA ALA B 84 6.51 -15.29 -54.68
C ALA B 84 5.34 -16.18 -55.06
N LYS B 85 4.33 -16.30 -54.19
CA LYS B 85 3.10 -16.98 -54.60
C LYS B 85 2.23 -16.07 -55.46
N TYR B 86 1.93 -14.86 -54.95
CA TYR B 86 0.96 -13.95 -55.57
C TYR B 86 1.28 -13.65 -57.03
N LYS B 87 2.50 -13.93 -57.49
CA LYS B 87 2.84 -13.71 -58.89
C LYS B 87 3.21 -15.04 -59.57
N GLN C 4 42.74 -4.22 43.10
CA GLN C 4 42.60 -5.02 41.88
C GLN C 4 41.77 -4.27 40.84
N TYR C 5 41.96 -2.95 40.75
CA TYR C 5 41.40 -2.19 39.63
C TYR C 5 42.27 -2.27 38.39
N LEU C 6 43.54 -2.66 38.54
CA LEU C 6 44.41 -2.92 37.40
C LEU C 6 43.94 -4.12 36.58
N ARG C 7 43.16 -5.02 37.19
CA ARG C 7 42.59 -6.14 36.43
C ARG C 7 41.65 -5.65 35.35
N GLN C 8 40.65 -4.86 35.73
CA GLN C 8 39.62 -4.43 34.79
C GLN C 8 40.20 -3.69 33.60
N GLU C 9 41.43 -3.20 33.70
CA GLU C 9 42.09 -2.59 32.54
C GLU C 9 42.46 -3.64 31.51
N VAL C 10 42.68 -4.87 31.93
CA VAL C 10 43.03 -5.96 31.02
C VAL C 10 41.79 -6.66 30.44
N LEU C 11 40.68 -6.64 31.17
CA LEU C 11 39.45 -7.20 30.63
C LEU C 11 38.97 -6.38 29.44
N ARG C 12 38.97 -5.05 29.56
CA ARG C 12 38.53 -4.20 28.45
C ARG C 12 39.38 -4.44 27.20
N ARG C 13 40.68 -4.65 27.36
CA ARG C 13 41.53 -4.90 26.20
C ARG C 13 41.13 -6.19 25.50
N ALA C 14 40.81 -7.22 26.29
CA ALA C 14 40.38 -8.50 25.72
C ALA C 14 38.99 -8.37 25.10
N GLU C 15 38.04 -7.77 25.83
CA GLU C 15 36.71 -7.56 25.29
C GLU C 15 36.76 -6.72 24.01
N ALA C 16 37.60 -5.69 23.99
CA ALA C 16 37.82 -4.91 22.77
C ALA C 16 38.17 -5.81 21.60
N THR C 17 39.26 -6.58 21.71
CA THR C 17 39.63 -7.37 20.55
C THR C 17 38.60 -8.44 20.23
N ALA C 18 37.83 -8.87 21.22
CA ALA C 18 36.80 -9.87 20.93
C ALA C 18 35.66 -9.25 20.14
N ALA C 19 35.33 -7.99 20.42
CA ALA C 19 34.29 -7.31 19.64
C ALA C 19 34.79 -6.94 18.25
N SER C 20 36.03 -6.51 18.14
CA SER C 20 36.53 -6.17 16.82
C SER C 20 36.48 -7.39 15.91
N THR C 21 36.87 -8.55 16.44
CA THR C 21 36.92 -9.73 15.59
C THR C 21 35.52 -10.29 15.31
N SER C 22 34.55 -10.03 16.18
CA SER C 22 33.20 -10.37 15.77
C SER C 22 32.86 -9.61 14.50
N ARG C 23 32.78 -8.28 14.63
CA ARG C 23 32.56 -7.38 13.50
C ARG C 23 33.30 -7.82 12.25
N SER C 24 34.61 -8.03 12.36
CA SER C 24 35.36 -8.53 11.22
C SER C 24 34.71 -9.79 10.64
N LEU C 25 34.41 -10.77 11.50
CA LEU C 25 33.80 -12.01 11.01
C LEU C 25 32.51 -11.71 10.27
N ALA C 26 31.60 -10.94 10.90
CA ALA C 26 30.36 -10.55 10.25
C ALA C 26 30.59 -9.96 8.87
N LEU C 27 31.52 -9.01 8.77
CA LEU C 27 31.84 -8.41 7.48
C LEU C 27 32.20 -9.47 6.48
N MET C 28 32.94 -10.47 6.91
CA MET C 28 33.31 -11.50 5.97
C MET C 28 32.08 -12.26 5.49
N TYR C 29 31.25 -12.73 6.42
CA TYR C 29 30.04 -13.44 6.04
C TYR C 29 29.20 -12.61 5.08
N GLU C 30 29.10 -11.31 5.35
CA GLU C 30 28.28 -10.45 4.50
C GLU C 30 28.83 -10.40 3.09
N SER C 31 30.15 -10.23 2.95
CA SER C 31 30.78 -10.16 1.65
C SER C 31 30.56 -11.43 0.87
N GLU C 32 30.72 -12.57 1.52
CA GLU C 32 30.35 -13.85 0.92
C GLU C 32 28.91 -13.86 0.38
N LYS C 33 27.91 -13.61 1.25
CA LYS C 33 26.53 -13.65 0.80
C LYS C 33 26.32 -12.81 -0.45
N VAL C 34 26.89 -11.61 -0.48
CA VAL C 34 26.69 -10.73 -1.62
C VAL C 34 27.45 -11.24 -2.84
N GLY C 35 28.65 -11.77 -2.63
CA GLY C 35 29.47 -12.20 -3.74
C GLY C 35 28.90 -13.40 -4.49
N VAL C 36 28.28 -14.34 -3.78
CA VAL C 36 27.64 -15.43 -4.50
C VAL C 36 26.50 -14.88 -5.34
N ALA C 37 25.75 -13.93 -4.79
CA ALA C 37 24.54 -13.48 -5.46
C ALA C 37 24.87 -12.80 -6.77
N SER C 38 26.01 -12.10 -6.82
CA SER C 38 26.33 -11.42 -8.05
C SER C 38 26.88 -12.40 -9.06
N SER C 39 27.71 -13.33 -8.59
CA SER C 39 28.20 -14.37 -9.47
C SER C 39 27.06 -15.15 -10.09
N GLU C 40 26.03 -15.44 -9.28
CA GLU C 40 24.84 -16.11 -9.81
C GLU C 40 24.15 -15.23 -10.84
N GLU C 41 24.03 -13.92 -10.57
CA GLU C 41 23.44 -13.04 -11.58
C GLU C 41 24.33 -12.96 -12.80
N LEU C 42 25.65 -12.84 -12.60
CA LEU C 42 26.58 -12.89 -13.72
C LEU C 42 26.30 -14.09 -14.61
N ALA C 43 26.15 -15.26 -13.99
CA ALA C 43 25.99 -16.48 -14.76
C ALA C 43 24.67 -16.47 -15.51
N ARG C 44 23.60 -16.00 -14.86
CA ARG C 44 22.29 -15.87 -15.48
C ARG C 44 22.37 -15.03 -16.75
N GLN C 45 23.08 -13.89 -16.67
CA GLN C 45 23.21 -13.03 -17.85
C GLN C 45 23.95 -13.72 -18.97
N ARG C 46 24.92 -14.58 -18.63
CA ARG C 46 25.61 -15.34 -19.66
C ARG C 46 24.61 -16.13 -20.51
N GLY C 47 23.54 -16.60 -19.87
CA GLY C 47 22.53 -17.34 -20.60
C GLY C 47 21.68 -16.48 -21.52
N VAL C 48 21.47 -15.21 -21.17
CA VAL C 48 20.71 -14.29 -22.03
C VAL C 48 21.45 -14.07 -23.34
N LEU C 49 22.79 -13.94 -23.28
CA LEU C 49 23.60 -13.74 -24.48
C LEU C 49 23.70 -14.99 -25.34
N GLU C 50 23.56 -16.17 -24.72
CA GLU C 50 23.48 -17.39 -25.51
C GLU C 50 22.16 -17.46 -26.25
N ARG C 51 21.05 -17.13 -25.59
CA ARG C 51 19.76 -17.04 -26.26
C ARG C 51 19.85 -16.13 -27.45
N THR C 52 20.60 -15.04 -27.31
CA THR C 52 20.74 -14.08 -28.39
C THR C 52 21.50 -14.68 -29.56
N GLU C 53 22.55 -15.47 -29.29
CA GLU C 53 23.23 -16.16 -30.37
C GLU C 53 22.26 -17.08 -31.12
N LYS C 54 21.47 -17.87 -30.37
CA LYS C 54 20.38 -18.64 -30.96
C LYS C 54 19.56 -17.79 -31.93
N MET C 55 19.07 -16.64 -31.45
CA MET C 55 18.18 -15.81 -32.28
C MET C 55 18.89 -15.29 -33.52
N VAL C 56 20.14 -14.87 -33.39
CA VAL C 56 20.91 -14.38 -34.54
C VAL C 56 21.13 -15.49 -35.54
N ASP C 57 21.45 -16.69 -35.04
CA ASP C 57 21.66 -17.83 -35.91
C ASP C 57 20.40 -18.19 -36.69
N LYS C 58 19.21 -18.06 -36.08
CA LYS C 58 17.98 -18.36 -36.80
C LYS C 58 17.65 -17.29 -37.84
N MET C 59 18.12 -16.06 -37.65
CA MET C 59 17.92 -15.07 -38.69
C MET C 59 18.74 -15.39 -39.92
N ASP C 60 19.92 -16.00 -39.74
CA ASP C 60 20.70 -16.45 -40.89
C ASP C 60 19.88 -17.35 -41.80
N GLN C 61 19.20 -18.36 -41.23
CA GLN C 61 18.42 -19.30 -42.03
C GLN C 61 17.23 -18.61 -42.68
N ASP C 62 16.51 -17.77 -41.93
CA ASP C 62 15.43 -17.01 -42.55
C ASP C 62 15.92 -16.28 -43.81
N LEU C 63 17.17 -15.83 -43.81
CA LEU C 63 17.70 -15.10 -44.96
C LEU C 63 18.10 -16.04 -46.09
N LYS C 64 18.30 -17.31 -45.78
CA LYS C 64 18.51 -18.28 -46.84
C LYS C 64 17.19 -18.77 -47.43
N ILE C 65 16.15 -18.88 -46.61
CA ILE C 65 14.80 -19.08 -47.16
C ILE C 65 14.43 -17.88 -48.03
N SER C 66 14.67 -16.68 -47.50
CA SER C 66 14.36 -15.48 -48.24
C SER C 66 15.03 -15.49 -49.61
N GLN C 67 16.35 -15.68 -49.63
CA GLN C 67 17.07 -15.77 -50.90
C GLN C 67 16.40 -16.74 -51.88
N LYS C 68 15.80 -17.81 -51.35
CA LYS C 68 15.17 -18.84 -52.19
C LYS C 68 13.89 -18.32 -52.84
N HIS C 69 13.11 -17.52 -52.11
CA HIS C 69 11.91 -16.96 -52.70
C HIS C 69 12.26 -15.96 -53.79
N ILE C 70 13.32 -15.17 -53.58
CA ILE C 70 13.76 -14.22 -54.61
C ILE C 70 14.15 -14.96 -55.86
N ASN C 71 14.70 -16.17 -55.71
CA ASN C 71 14.99 -17.01 -56.87
C ASN C 71 13.71 -17.44 -57.57
N SER C 72 12.66 -17.77 -56.81
CA SER C 72 11.39 -18.14 -57.43
C SER C 72 10.80 -16.98 -58.22
N ILE C 73 10.76 -15.78 -57.63
CA ILE C 73 10.17 -14.63 -58.31
C ILE C 73 10.91 -14.34 -59.61
N LYS C 74 12.26 -14.32 -59.56
CA LYS C 74 13.08 -13.97 -60.70
C LYS C 74 12.97 -14.96 -61.86
N SER C 75 12.18 -16.01 -61.74
CA SER C 75 11.95 -16.97 -62.83
C SER C 75 10.83 -16.54 -63.77
N ASN D 2 41.01 -16.91 36.44
CA ASN D 2 40.65 -15.95 35.40
C ASN D 2 39.50 -16.44 34.50
N PRO D 3 38.24 -16.27 34.95
CA PRO D 3 37.10 -16.77 34.18
C PRO D 3 36.73 -15.94 32.97
N HIS D 4 36.73 -14.61 33.12
CA HIS D 4 36.31 -13.76 32.01
C HIS D 4 37.34 -13.76 30.90
N LEU D 5 38.59 -13.45 31.26
CA LEU D 5 39.72 -13.62 30.34
C LEU D 5 39.63 -14.90 29.54
N ARG D 6 39.35 -16.02 30.20
CA ARG D 6 39.24 -17.28 29.47
C ARG D 6 38.14 -17.23 28.42
N ALA D 7 37.00 -16.61 28.77
CA ALA D 7 35.87 -16.58 27.84
C ALA D 7 36.14 -15.67 26.64
N TYR D 8 36.69 -14.48 26.91
CA TYR D 8 37.04 -13.56 25.83
C TYR D 8 38.03 -14.22 24.87
N HIS D 9 39.10 -14.81 25.40
CA HIS D 9 40.09 -15.46 24.55
C HIS D 9 39.46 -16.56 23.68
N GLN D 10 38.43 -17.24 24.18
CA GLN D 10 37.82 -18.30 23.39
C GLN D 10 36.95 -17.73 22.28
N LYS D 11 36.29 -16.59 22.51
CA LYS D 11 35.57 -15.97 21.41
C LYS D 11 36.52 -15.37 20.38
N ILE D 12 37.69 -14.89 20.82
CA ILE D 12 38.66 -14.38 19.85
C ILE D 12 39.21 -15.51 19.01
N ASP D 13 39.57 -16.64 19.63
CA ASP D 13 40.01 -17.79 18.86
C ASP D 13 38.93 -18.25 17.89
N SER D 14 37.69 -18.37 18.37
CA SER D 14 36.58 -18.80 17.52
C SER D 14 36.36 -17.85 16.35
N ASN D 15 36.32 -16.55 16.61
CA ASN D 15 36.18 -15.60 15.52
C ASN D 15 37.33 -15.72 14.52
N LEU D 16 38.57 -15.90 15.01
CA LEU D 16 39.71 -15.89 14.11
C LEU D 16 39.81 -17.16 13.30
N ASP D 17 39.34 -18.28 13.83
CA ASP D 17 39.33 -19.50 13.04
C ASP D 17 38.31 -19.40 11.92
N GLU D 18 37.10 -18.94 12.26
CA GLU D 18 36.05 -18.80 11.26
C GLU D 18 36.44 -17.74 10.23
N LEU D 19 36.92 -16.58 10.69
CA LEU D 19 37.31 -15.52 9.77
C LEU D 19 38.36 -16.00 8.77
N SER D 20 39.28 -16.86 9.21
CA SER D 20 40.33 -17.30 8.30
C SER D 20 39.78 -18.20 7.22
N MET D 21 39.01 -19.20 7.61
CA MET D 21 38.35 -20.05 6.62
C MET D 21 37.47 -19.21 5.72
N GLY D 22 36.76 -18.26 6.30
CA GLY D 22 35.89 -17.43 5.50
C GLY D 22 36.66 -16.76 4.38
N LEU D 23 37.89 -16.30 4.68
CA LEU D 23 38.68 -15.55 3.72
C LEU D 23 39.13 -16.43 2.56
N GLY D 24 39.50 -17.68 2.84
CA GLY D 24 39.73 -18.62 1.76
C GLY D 24 38.51 -18.79 0.86
N ARG D 25 37.32 -18.78 1.46
CA ARG D 25 36.09 -18.94 0.70
C ARG D 25 35.84 -17.72 -0.19
N LEU D 26 36.11 -16.51 0.34
CA LEU D 26 35.98 -15.29 -0.47
C LEU D 26 36.94 -15.30 -1.66
N LYS D 27 38.20 -15.73 -1.46
CA LYS D 27 39.15 -15.80 -2.56
C LYS D 27 38.60 -16.63 -3.70
N ASP D 28 38.09 -17.83 -3.41
CA ASP D 28 37.64 -18.65 -4.53
C ASP D 28 36.41 -18.04 -5.19
N ILE D 29 35.54 -17.37 -4.41
CA ILE D 29 34.40 -16.65 -4.98
C ILE D 29 34.88 -15.63 -5.99
N ALA D 30 35.90 -14.86 -5.61
CA ALA D 30 36.43 -13.81 -6.48
C ALA D 30 37.06 -14.40 -7.73
N LEU D 31 37.93 -15.39 -7.57
CA LEU D 31 38.50 -16.05 -8.73
C LEU D 31 37.41 -16.65 -9.63
N GLY D 32 36.31 -17.09 -9.06
CA GLY D 32 35.19 -17.49 -9.90
C GLY D 32 34.70 -16.34 -10.75
N MET D 33 34.54 -15.18 -10.14
CA MET D 33 34.01 -14.04 -10.88
C MET D 33 34.90 -13.75 -12.08
N GLN D 34 36.20 -13.63 -11.85
CA GLN D 34 37.09 -13.29 -12.95
C GLN D 34 37.09 -14.34 -14.04
N THR D 35 36.96 -15.62 -13.68
CA THR D 35 36.82 -16.66 -14.71
C THR D 35 35.57 -16.42 -15.55
N GLU D 36 34.42 -16.15 -14.91
CA GLU D 36 33.19 -15.98 -15.66
C GLU D 36 33.32 -14.79 -16.61
N ILE D 37 33.88 -13.67 -16.15
CA ILE D 37 34.01 -12.52 -17.03
C ILE D 37 34.88 -12.86 -18.24
N GLU D 38 36.07 -13.45 -18.00
CA GLU D 38 36.88 -14.03 -19.07
C GLU D 38 36.05 -14.79 -20.11
N GLU D 39 35.25 -15.76 -19.66
CA GLU D 39 34.44 -16.50 -20.63
C GLU D 39 33.45 -15.57 -21.32
N GLN D 40 32.65 -14.82 -20.55
CA GLN D 40 31.66 -13.94 -21.16
C GLN D 40 32.31 -12.97 -22.14
N ASP D 41 33.49 -12.46 -21.82
CA ASP D 41 34.29 -11.72 -22.81
C ASP D 41 34.37 -12.49 -24.13
N ASP D 42 34.76 -13.76 -24.08
CA ASP D 42 34.89 -14.48 -25.35
C ASP D 42 33.56 -14.61 -26.08
N ILE D 43 32.45 -14.76 -25.34
CA ILE D 43 31.13 -14.83 -25.96
C ILE D 43 30.78 -13.52 -26.67
N LEU D 44 31.02 -12.38 -26.01
CA LEU D 44 30.62 -11.11 -26.61
C LEU D 44 31.37 -10.82 -27.91
N ASP D 45 32.66 -11.18 -28.00
CA ASP D 45 33.33 -10.98 -29.28
C ASP D 45 32.62 -11.78 -30.37
N ARG D 46 32.09 -12.95 -30.01
CA ARG D 46 31.44 -13.78 -31.01
C ARG D 46 30.09 -13.19 -31.42
N LEU D 47 29.19 -12.92 -30.45
CA LEU D 47 27.93 -12.24 -30.75
C LEU D 47 28.16 -11.03 -31.65
N THR D 48 29.18 -10.23 -31.30
CA THR D 48 29.47 -9.03 -32.08
C THR D 48 29.75 -9.38 -33.52
N THR D 49 30.67 -10.32 -33.74
CA THR D 49 30.92 -10.75 -35.11
C THR D 49 29.65 -11.21 -35.78
N LYS D 50 28.85 -12.02 -35.05
CA LYS D 50 27.62 -12.57 -35.62
C LYS D 50 26.61 -11.47 -35.95
N VAL D 51 26.44 -10.52 -35.04
CA VAL D 51 25.44 -9.49 -35.30
C VAL D 51 25.88 -8.61 -36.45
N ASP D 52 27.17 -8.29 -36.52
CA ASP D 52 27.69 -7.51 -37.65
C ASP D 52 27.56 -8.28 -38.96
N LYS D 53 27.83 -9.58 -38.95
CA LYS D 53 27.63 -10.40 -40.14
C LYS D 53 26.15 -10.38 -40.55
N LEU D 54 25.24 -10.50 -39.59
CA LEU D 54 23.82 -10.42 -39.93
C LEU D 54 23.45 -9.09 -40.53
N ASP D 55 23.85 -7.99 -39.87
CA ASP D 55 23.53 -6.66 -40.37
C ASP D 55 23.79 -6.60 -41.87
N VAL D 56 24.96 -7.04 -42.30
CA VAL D 56 25.29 -7.00 -43.71
C VAL D 56 24.34 -7.88 -44.53
N ASN D 57 24.16 -9.13 -44.11
CA ASN D 57 23.45 -10.06 -44.97
C ASN D 57 21.96 -9.75 -45.08
N ILE D 58 21.40 -8.97 -44.15
CA ILE D 58 20.06 -8.45 -44.37
C ILE D 58 20.08 -7.35 -45.42
N LYS D 59 20.93 -6.35 -45.23
CA LYS D 59 21.12 -5.32 -46.25
C LYS D 59 21.37 -5.92 -47.63
N SER D 60 22.23 -6.94 -47.72
CA SER D 60 22.44 -7.61 -49.02
C SER D 60 21.15 -8.17 -49.57
N THR D 61 20.39 -8.90 -48.75
CA THR D 61 19.11 -9.43 -49.25
C THR D 61 18.22 -8.28 -49.71
N GLU D 62 18.10 -7.25 -48.86
CA GLU D 62 17.19 -6.14 -49.13
C GLU D 62 17.51 -5.47 -50.47
N ARG D 63 18.78 -5.45 -50.87
CA ARG D 63 19.11 -4.87 -52.17
C ARG D 63 18.57 -5.72 -53.30
N LYS D 64 18.43 -7.02 -53.06
CA LYS D 64 17.79 -7.87 -54.05
C LYS D 64 16.30 -7.58 -54.12
N VAL D 65 15.69 -7.25 -52.98
CA VAL D 65 14.25 -7.00 -52.95
C VAL D 65 13.91 -5.64 -53.57
N ARG D 66 14.79 -4.63 -53.43
CA ARG D 66 14.42 -3.31 -53.91
C ARG D 66 14.46 -3.27 -55.43
N GLN D 67 15.13 -4.25 -56.05
CA GLN D 67 15.20 -4.32 -57.51
C GLN D 67 13.86 -4.73 -58.10
N LEU D 68 13.37 -5.89 -57.69
CA LEU D 68 12.11 -6.42 -58.20
C LEU D 68 10.89 -5.67 -57.67
N ASN E 3 -34.11 -6.36 -27.77
CA ASN E 3 -34.04 -7.71 -28.30
C ASN E 3 -32.86 -8.48 -27.67
N ASP E 4 -32.13 -9.25 -28.50
CA ASP E 4 -30.98 -10.02 -28.01
C ASP E 4 -30.00 -9.13 -27.26
N ARG E 5 -29.97 -7.84 -27.57
CA ARG E 5 -29.01 -6.94 -26.97
C ARG E 5 -29.16 -6.91 -25.45
N VAL E 6 -30.38 -7.02 -24.94
CA VAL E 6 -30.60 -6.88 -23.51
C VAL E 6 -30.36 -8.18 -22.75
N ARG E 7 -30.62 -9.34 -23.38
CA ARG E 7 -30.29 -10.63 -22.76
C ARG E 7 -28.79 -10.72 -22.45
N ASN E 8 -27.94 -10.34 -23.42
CA ASN E 8 -26.50 -10.34 -23.22
C ASN E 8 -26.11 -9.52 -22.00
N LEU E 9 -26.76 -8.37 -21.80
CA LEU E 9 -26.42 -7.52 -20.67
C LEU E 9 -26.81 -8.17 -19.34
N GLN E 10 -28.09 -8.56 -19.21
CA GLN E 10 -28.57 -9.18 -17.96
C GLN E 10 -27.61 -10.26 -17.48
N SER E 11 -27.14 -11.11 -18.39
CA SER E 11 -26.23 -12.18 -17.97
C SER E 11 -24.92 -11.63 -17.41
N GLU E 12 -24.39 -10.56 -18.02
CA GLU E 12 -23.22 -9.92 -17.42
C GLU E 12 -23.54 -9.45 -15.99
N VAL E 13 -24.72 -8.83 -15.80
CA VAL E 13 -25.11 -8.39 -14.46
C VAL E 13 -25.09 -9.54 -13.47
N GLU E 14 -25.62 -10.69 -13.88
CA GLU E 14 -25.63 -11.83 -12.97
C GLU E 14 -24.24 -12.42 -12.78
N GLY E 15 -23.33 -12.21 -13.74
CA GLY E 15 -21.96 -12.64 -13.54
C GLY E 15 -21.29 -11.85 -12.43
N VAL E 16 -21.66 -10.58 -12.27
CA VAL E 16 -21.12 -9.75 -11.21
C VAL E 16 -21.81 -10.06 -9.89
N LYS E 17 -23.15 -10.20 -9.92
CA LYS E 17 -23.87 -10.63 -8.71
C LYS E 17 -23.28 -11.93 -8.17
N ASN E 18 -22.78 -12.78 -9.07
CA ASN E 18 -22.21 -14.04 -8.63
C ASN E 18 -20.97 -13.79 -7.78
N ILE E 19 -20.05 -12.96 -8.28
CA ILE E 19 -18.84 -12.64 -7.54
C ILE E 19 -19.16 -11.88 -6.26
N MET E 20 -20.08 -10.92 -6.34
CA MET E 20 -20.37 -10.14 -5.15
C MET E 20 -20.93 -11.02 -4.03
N THR E 21 -21.86 -11.93 -4.37
CA THR E 21 -22.37 -12.83 -3.34
C THR E 21 -21.26 -13.60 -2.68
N GLN E 22 -20.30 -14.11 -3.48
CA GLN E 22 -19.17 -14.83 -2.92
C GLN E 22 -18.32 -13.91 -2.06
N ASN E 23 -18.10 -12.68 -2.52
CA ASN E 23 -17.36 -11.73 -1.68
C ASN E 23 -18.09 -11.48 -0.38
N VAL E 24 -19.41 -11.44 -0.40
CA VAL E 24 -20.11 -11.18 0.82
C VAL E 24 -19.98 -12.35 1.77
N GLU E 25 -19.72 -13.54 1.23
CA GLU E 25 -19.41 -14.67 2.10
C GLU E 25 -17.99 -14.58 2.61
N ARG E 26 -17.02 -14.33 1.73
CA ARG E 26 -15.63 -14.26 2.17
C ARG E 26 -15.46 -13.21 3.24
N ILE E 27 -16.08 -12.04 3.05
CA ILE E 27 -15.88 -10.93 3.99
C ILE E 27 -16.46 -11.29 5.35
N LEU E 28 -17.58 -12.01 5.36
CA LEU E 28 -18.14 -12.48 6.62
C LEU E 28 -17.20 -13.44 7.32
N ALA E 29 -16.54 -14.32 6.57
CA ALA E 29 -15.48 -15.16 7.13
C ALA E 29 -14.41 -14.33 7.79
N ARG E 30 -13.84 -13.38 7.05
CA ARG E 30 -12.87 -12.44 7.61
C ARG E 30 -13.33 -11.87 8.95
N GLY E 31 -14.59 -11.43 9.02
CA GLY E 31 -15.14 -10.93 10.27
C GLY E 31 -14.83 -11.84 11.43
N GLU E 32 -15.17 -13.11 11.30
CA GLU E 32 -14.99 -14.03 12.42
C GLU E 32 -13.52 -14.30 12.67
N ASN E 33 -12.69 -14.29 11.63
CA ASN E 33 -11.26 -14.40 11.88
C ASN E 33 -10.75 -13.18 12.62
N LEU E 34 -11.20 -11.99 12.20
CA LEU E 34 -10.87 -10.77 12.91
C LEU E 34 -11.30 -10.85 14.36
N GLU E 35 -12.58 -11.19 14.61
CA GLU E 35 -13.08 -11.25 15.99
C GLU E 35 -12.30 -12.23 16.86
N HIS E 36 -11.73 -13.31 16.28
CA HIS E 36 -10.86 -14.17 17.08
C HIS E 36 -9.54 -13.49 17.36
N LEU E 37 -8.89 -12.98 16.30
CA LEU E 37 -7.63 -12.26 16.49
C LEU E 37 -7.76 -11.18 17.55
N ARG E 38 -8.90 -10.46 17.56
CA ARG E 38 -9.11 -9.45 18.59
C ARG E 38 -9.07 -10.07 19.98
N ASN E 39 -9.68 -11.24 20.14
CA ASN E 39 -9.68 -11.89 21.44
C ASN E 39 -8.26 -12.22 21.90
N LYS E 40 -7.41 -12.68 20.98
CA LYS E 40 -6.07 -13.07 21.40
C LYS E 40 -5.22 -11.85 21.71
N THR E 41 -5.51 -10.72 21.08
CA THR E 41 -4.73 -9.53 21.40
C THR E 41 -5.13 -8.95 22.74
N GLU E 42 -6.41 -9.02 23.10
CA GLU E 42 -6.81 -8.58 24.42
C GLU E 42 -6.03 -9.31 25.48
N ASP E 43 -5.87 -10.64 25.32
CA ASP E 43 -5.08 -11.40 26.30
C ASP E 43 -3.61 -11.00 26.26
N LEU E 44 -3.06 -10.82 25.05
CA LEU E 44 -1.70 -10.32 24.90
C LEU E 44 -1.48 -9.03 25.68
N GLU E 45 -2.43 -8.09 25.60
CA GLU E 45 -2.33 -6.89 26.44
C GLU E 45 -2.30 -7.28 27.91
N ALA E 46 -3.20 -8.17 28.33
CA ALA E 46 -3.23 -8.58 29.73
C ALA E 46 -1.92 -9.18 30.18
N THR E 47 -1.31 -9.99 29.32
CA THR E 47 -0.06 -10.63 29.68
C THR E 47 1.06 -9.63 29.84
N SER E 48 1.22 -8.75 28.84
CA SER E 48 2.31 -7.79 28.86
C SER E 48 2.24 -6.89 30.08
N GLU E 49 1.05 -6.59 30.58
CA GLU E 49 0.92 -5.68 31.71
C GLU E 49 1.56 -6.30 32.95
N HIS E 50 1.52 -7.63 33.06
CA HIS E 50 2.22 -8.31 34.14
C HIS E 50 3.72 -8.20 33.98
N PHE E 51 4.19 -8.40 32.75
CA PHE E 51 5.63 -8.34 32.49
C PHE E 51 6.19 -6.96 32.81
N LYS E 52 5.42 -5.91 32.55
CA LYS E 52 5.88 -4.58 32.93
C LYS E 52 5.98 -4.46 34.44
N THR E 53 4.90 -4.78 35.15
CA THR E 53 4.84 -4.51 36.59
C THR E 53 5.99 -5.19 37.31
N THR E 54 6.39 -6.36 36.85
CA THR E 54 7.45 -7.09 37.52
C THR E 54 8.83 -6.59 37.10
N SER E 55 8.95 -6.03 35.90
CA SER E 55 10.18 -5.38 35.48
C SER E 55 10.50 -4.16 36.35
N GLN E 56 9.51 -3.27 36.56
CA GLN E 56 9.68 -2.19 37.54
C GLN E 56 10.19 -2.75 38.86
N LYS E 57 9.58 -3.86 39.31
CA LYS E 57 10.01 -4.49 40.56
C LYS E 57 11.49 -4.82 40.54
N VAL E 58 11.97 -5.42 39.44
CA VAL E 58 13.36 -5.84 39.39
C VAL E 58 14.30 -4.65 39.44
N ALA E 59 13.93 -3.53 38.79
CA ALA E 59 14.84 -2.39 38.74
C ALA E 59 14.85 -1.60 40.04
N ARG E 60 13.72 -1.57 40.77
CA ARG E 60 13.74 -0.98 42.10
C ARG E 60 14.74 -1.69 43.00
N LYS E 61 14.75 -3.04 42.97
CA LYS E 61 15.60 -3.82 43.86
C LYS E 61 17.07 -3.63 43.52
N PHE E 62 17.42 -3.70 42.24
CA PHE E 62 18.83 -3.64 41.86
C PHE E 62 19.39 -2.23 41.96
N TRP E 63 18.53 -1.20 41.92
CA TRP E 63 18.97 0.18 42.11
C TRP E 63 19.15 0.51 43.58
N TRP E 64 18.25 0.04 44.45
CA TRP E 64 18.45 0.23 45.88
C TRP E 64 19.59 -0.64 46.40
N LYS E 65 19.88 -1.75 45.70
CA LYS E 65 21.11 -2.50 45.93
C LYS E 65 22.37 -1.76 45.43
N ASN E 66 22.22 -0.48 45.06
CA ASN E 66 23.32 0.36 44.58
C ASN E 66 23.45 1.66 45.37
N VAL E 67 22.95 1.70 46.61
CA VAL E 67 23.11 2.84 47.53
C VAL E 67 23.10 2.35 48.98
N ALA F 27 -41.59 -9.46 -23.59
CA ALA F 27 -41.70 -8.26 -24.42
C ALA F 27 -40.94 -7.11 -23.76
N ALA F 28 -41.70 -6.10 -23.31
CA ALA F 28 -41.13 -4.98 -22.57
C ALA F 28 -40.76 -5.34 -21.13
N GLU F 29 -40.75 -6.62 -20.79
CA GLU F 29 -40.44 -7.09 -19.44
C GLU F 29 -39.01 -7.60 -19.29
N SER F 30 -38.20 -7.56 -20.34
CA SER F 30 -36.78 -7.90 -20.20
C SER F 30 -35.89 -6.68 -20.00
N TRP F 31 -36.35 -5.49 -20.36
CA TRP F 31 -35.65 -4.29 -19.91
C TRP F 31 -35.99 -4.02 -18.45
N GLU F 32 -37.19 -4.41 -18.03
CA GLU F 32 -37.58 -4.36 -16.62
C GLU F 32 -36.70 -5.25 -15.76
N THR F 33 -36.55 -6.54 -16.14
CA THR F 33 -35.79 -7.46 -15.31
C THR F 33 -34.30 -7.14 -15.30
N LEU F 34 -33.78 -6.55 -16.38
CA LEU F 34 -32.41 -6.03 -16.36
C LEU F 34 -32.26 -4.91 -15.32
N GLU F 35 -33.24 -4.01 -15.26
CA GLU F 35 -33.25 -3.02 -14.18
C GLU F 35 -33.29 -3.68 -12.82
N ALA F 36 -34.24 -4.59 -12.62
CA ALA F 36 -34.39 -5.27 -11.33
C ALA F 36 -33.08 -5.87 -10.88
N ASP F 37 -32.45 -6.68 -11.75
CA ASP F 37 -31.16 -7.28 -11.44
C ASP F 37 -30.13 -6.24 -11.00
N LEU F 38 -30.16 -5.04 -11.58
CA LEU F 38 -29.23 -4.00 -11.19
C LEU F 38 -29.57 -3.37 -9.84
N ILE F 39 -30.87 -3.33 -9.48
CA ILE F 39 -31.26 -2.98 -8.13
C ILE F 39 -30.62 -3.94 -7.14
N GLU F 40 -30.59 -5.22 -7.51
CA GLU F 40 -30.12 -6.25 -6.61
C GLU F 40 -28.61 -6.32 -6.60
N LEU F 41 -27.97 -6.10 -7.74
CA LEU F 41 -26.53 -5.89 -7.74
C LEU F 41 -26.18 -4.72 -6.80
N SER F 42 -26.80 -3.55 -7.02
CA SER F 42 -26.56 -2.41 -6.13
C SER F 42 -26.77 -2.78 -4.68
N GLN F 43 -27.70 -3.72 -4.41
CA GLN F 43 -27.99 -4.15 -3.05
C GLN F 43 -26.86 -5.02 -2.49
N LEU F 44 -26.22 -5.84 -3.33
CA LEU F 44 -25.09 -6.62 -2.84
C LEU F 44 -23.91 -5.73 -2.55
N VAL F 45 -23.57 -4.87 -3.51
CA VAL F 45 -22.44 -3.97 -3.37
C VAL F 45 -22.60 -3.15 -2.09
N THR F 46 -23.81 -2.62 -1.86
CA THR F 46 -24.02 -1.88 -0.62
C THR F 46 -23.78 -2.77 0.60
N ASP F 47 -24.34 -3.98 0.59
CA ASP F 47 -24.16 -4.87 1.74
C ASP F 47 -22.70 -5.22 1.94
N PHE F 48 -21.95 -5.33 0.84
CA PHE F 48 -20.53 -5.62 0.99
C PHE F 48 -19.83 -4.44 1.62
N SER F 49 -20.09 -3.23 1.11
CA SER F 49 -19.56 -2.02 1.71
C SER F 49 -19.85 -2.00 3.19
N LEU F 50 -21.11 -2.24 3.54
CA LEU F 50 -21.55 -2.19 4.93
C LEU F 50 -20.69 -3.11 5.79
N LEU F 51 -20.57 -4.38 5.40
CA LEU F 51 -19.77 -5.32 6.19
C LEU F 51 -18.34 -4.86 6.33
N VAL F 52 -17.68 -4.58 5.20
CA VAL F 52 -16.30 -4.09 5.23
C VAL F 52 -16.18 -2.92 6.19
N ASN F 53 -17.19 -2.04 6.21
CA ASN F 53 -17.14 -0.90 7.10
C ASN F 53 -17.27 -1.29 8.58
N SER F 54 -17.92 -2.41 8.89
CA SER F 54 -18.08 -2.82 10.29
C SER F 54 -16.80 -3.43 10.84
N GLN F 55 -16.18 -4.34 10.10
CA GLN F 55 -14.95 -4.96 10.56
C GLN F 55 -13.85 -3.92 10.80
N GLN F 56 -14.04 -2.68 10.34
CA GLN F 56 -13.14 -1.59 10.68
C GLN F 56 -13.02 -1.42 12.19
N GLU F 57 -14.05 -1.78 12.95
CA GLU F 57 -13.96 -1.66 14.40
C GLU F 57 -13.13 -2.80 14.98
N LYS F 58 -13.31 -4.02 14.47
CA LYS F 58 -12.44 -5.09 14.93
C LYS F 58 -10.99 -4.76 14.61
N ILE F 59 -10.75 -4.20 13.42
CA ILE F 59 -9.38 -3.91 13.02
C ILE F 59 -8.77 -2.85 13.91
N ASP F 60 -9.48 -1.75 14.13
CA ASP F 60 -8.89 -0.69 14.93
C ASP F 60 -8.56 -1.18 16.34
N SER F 61 -9.30 -2.17 16.84
CA SER F 61 -9.15 -2.68 18.19
C SER F 61 -8.00 -3.66 18.29
N ILE F 62 -7.80 -4.45 17.24
CA ILE F 62 -6.65 -5.33 17.14
C ILE F 62 -5.36 -4.52 17.17
N ALA F 63 -5.34 -3.38 16.49
CA ALA F 63 -4.17 -2.51 16.53
C ALA F 63 -4.02 -1.84 17.90
N ASP F 64 -5.10 -1.31 18.45
CA ASP F 64 -5.00 -0.68 19.76
C ASP F 64 -4.45 -1.65 20.81
N HIS F 65 -4.92 -2.89 20.81
CA HIS F 65 -4.44 -3.83 21.81
C HIS F 65 -2.97 -4.16 21.60
N VAL F 66 -2.54 -4.40 20.36
CA VAL F 66 -1.14 -4.70 20.11
C VAL F 66 -0.26 -3.49 20.42
N ASN F 67 -0.70 -2.28 20.03
CA ASN F 67 -0.10 -1.02 20.50
C ASN F 67 0.20 -1.06 22.00
N SER F 68 -0.84 -1.17 22.82
CA SER F 68 -0.63 -1.18 24.27
C SER F 68 0.28 -2.32 24.68
N ALA F 69 0.16 -3.48 24.05
CA ALA F 69 1.08 -4.56 24.38
C ALA F 69 2.51 -4.15 24.06
N ALA F 70 2.70 -3.44 22.96
CA ALA F 70 4.06 -3.10 22.54
C ALA F 70 4.67 -2.06 23.46
N VAL F 71 3.90 -1.08 23.93
CA VAL F 71 4.47 -0.14 24.88
C VAL F 71 4.83 -0.84 26.18
N ASN F 72 3.94 -1.71 26.67
CA ASN F 72 4.20 -2.46 27.90
C ASN F 72 5.47 -3.29 27.78
N VAL F 73 5.60 -4.04 26.69
CA VAL F 73 6.72 -4.93 26.51
C VAL F 73 8.02 -4.14 26.39
N GLU F 74 7.98 -2.97 25.75
CA GLU F 74 9.20 -2.19 25.59
C GLU F 74 9.63 -1.58 26.92
N GLU F 75 8.70 -0.93 27.63
CA GLU F 75 8.99 -0.40 28.97
C GLU F 75 9.61 -1.46 29.86
N GLY F 76 9.04 -2.67 29.84
CA GLY F 76 9.61 -3.75 30.63
C GLY F 76 11.02 -4.10 30.22
N THR F 77 11.28 -4.10 28.92
CA THR F 77 12.62 -4.43 28.44
C THR F 77 13.62 -3.33 28.82
N LYS F 78 13.26 -2.07 28.57
CA LYS F 78 14.09 -1.00 29.09
C LYS F 78 14.32 -1.21 30.58
N ASN F 79 13.23 -1.46 31.32
CA ASN F 79 13.32 -1.64 32.76
C ASN F 79 14.31 -2.74 33.15
N LEU F 80 14.39 -3.81 32.35
CA LEU F 80 15.35 -4.87 32.65
C LEU F 80 16.76 -4.43 32.32
N GLY F 81 16.92 -3.67 31.22
CA GLY F 81 18.22 -3.08 30.94
C GLY F 81 18.68 -2.12 32.02
N LYS F 82 17.76 -1.29 32.52
CA LYS F 82 18.08 -0.46 33.68
C LYS F 82 18.58 -1.34 34.82
N ALA F 83 17.99 -2.53 34.99
CA ALA F 83 18.47 -3.43 36.03
C ALA F 83 19.85 -3.95 35.72
N ALA F 84 20.14 -4.18 34.44
CA ALA F 84 21.38 -4.89 34.09
C ALA F 84 22.61 -4.01 34.28
N LYS F 85 22.47 -2.69 34.14
CA LYS F 85 23.63 -1.81 34.27
C LYS F 85 24.05 -1.65 35.73
N TYR F 86 23.11 -1.40 36.64
CA TYR F 86 23.45 -1.38 38.07
C TYR F 86 24.16 -2.67 38.44
N LYS F 87 23.47 -3.80 38.24
CA LYS F 87 23.90 -5.12 38.69
C LYS F 87 23.98 -5.15 40.23
N ARG G 2 -55.61 1.35 -38.01
CA ARG G 2 -54.45 0.49 -37.72
C ARG G 2 -53.17 1.31 -37.73
N GLN G 3 -53.12 2.26 -38.66
CA GLN G 3 -51.92 3.07 -38.81
C GLN G 3 -51.56 3.72 -37.48
N GLN G 4 -52.55 4.25 -36.76
CA GLN G 4 -52.24 5.00 -35.55
C GLN G 4 -51.86 4.08 -34.40
N TYR G 5 -52.52 2.92 -34.30
CA TYR G 5 -52.22 2.01 -33.20
C TYR G 5 -50.77 1.56 -33.27
N LEU G 6 -50.33 1.10 -34.44
CA LEU G 6 -48.95 0.68 -34.59
C LEU G 6 -47.97 1.84 -34.44
N ARG G 7 -48.45 3.09 -34.43
CA ARG G 7 -47.60 4.24 -34.18
C ARG G 7 -47.61 4.63 -32.70
N GLN G 8 -48.79 4.85 -32.13
CA GLN G 8 -48.89 5.14 -30.70
C GLN G 8 -48.15 4.08 -29.88
N GLU G 9 -48.11 2.84 -30.35
CA GLU G 9 -47.56 1.76 -29.55
C GLU G 9 -46.04 1.72 -29.59
N VAL G 10 -45.46 1.72 -30.80
CA VAL G 10 -43.99 1.69 -30.92
C VAL G 10 -43.39 2.87 -30.19
N LEU G 11 -44.06 4.03 -30.27
CA LEU G 11 -43.58 5.22 -29.57
C LEU G 11 -43.60 5.00 -28.07
N ARG G 12 -44.76 4.65 -27.51
CA ARG G 12 -44.84 4.46 -26.06
C ARG G 12 -43.86 3.39 -25.60
N ARG G 13 -43.73 2.31 -26.37
CA ARG G 13 -42.83 1.24 -25.97
C ARG G 13 -41.41 1.74 -25.96
N ALA G 14 -40.97 2.38 -27.06
CA ALA G 14 -39.61 2.91 -27.13
C ALA G 14 -39.36 3.94 -26.03
N GLU G 15 -40.34 4.82 -25.78
CA GLU G 15 -40.21 5.79 -24.69
C GLU G 15 -39.94 5.09 -23.35
N ALA G 16 -40.61 3.95 -23.13
CA ALA G 16 -40.49 3.21 -21.89
C ALA G 16 -39.10 2.61 -21.73
N THR G 17 -38.56 1.99 -22.78
CA THR G 17 -37.26 1.35 -22.62
C THR G 17 -36.15 2.38 -22.51
N ALA G 18 -36.26 3.50 -23.23
CA ALA G 18 -35.35 4.60 -23.04
C ALA G 18 -35.27 4.98 -21.59
N ALA G 19 -36.43 5.20 -20.97
CA ALA G 19 -36.47 5.65 -19.58
C ALA G 19 -35.88 4.61 -18.64
N SER G 20 -36.26 3.35 -18.81
CA SER G 20 -35.70 2.29 -17.96
C SER G 20 -34.18 2.22 -18.08
N THR G 21 -33.67 2.05 -19.31
CA THR G 21 -32.22 1.89 -19.48
C THR G 21 -31.44 3.06 -18.87
N SER G 22 -32.02 4.27 -18.93
CA SER G 22 -31.42 5.40 -18.22
C SER G 22 -31.36 5.14 -16.72
N ARG G 23 -32.52 4.89 -16.10
CA ARG G 23 -32.57 4.40 -14.72
C ARG G 23 -31.53 3.32 -14.46
N SER G 24 -31.40 2.35 -15.38
CA SER G 24 -30.49 1.22 -15.19
C SER G 24 -29.04 1.68 -15.27
N LEU G 25 -28.72 2.46 -16.32
CA LEU G 25 -27.38 3.02 -16.45
C LEU G 25 -26.97 3.66 -15.15
N ALA G 26 -27.85 4.48 -14.59
CA ALA G 26 -27.53 5.20 -13.36
C ALA G 26 -27.21 4.23 -12.25
N LEU G 27 -28.03 3.20 -12.09
CA LEU G 27 -27.84 2.17 -11.08
C LEU G 27 -26.44 1.59 -11.15
N MET G 28 -25.96 1.32 -12.37
CA MET G 28 -24.64 0.72 -12.52
C MET G 28 -23.55 1.67 -12.02
N TYR G 29 -23.69 2.98 -12.25
CA TYR G 29 -22.68 3.94 -11.85
C TYR G 29 -22.57 4.04 -10.34
N GLU G 30 -23.71 4.04 -9.67
CA GLU G 30 -23.76 3.95 -8.22
C GLU G 30 -22.92 2.78 -7.72
N SER G 31 -23.25 1.58 -8.20
CA SER G 31 -22.50 0.39 -7.80
C SER G 31 -21.00 0.61 -7.93
N GLU G 32 -20.57 1.14 -9.08
CA GLU G 32 -19.19 1.53 -9.31
C GLU G 32 -18.65 2.44 -8.22
N LYS G 33 -19.26 3.62 -8.03
CA LYS G 33 -18.77 4.57 -7.04
C LYS G 33 -18.63 3.90 -5.67
N VAL G 34 -19.66 3.14 -5.27
CA VAL G 34 -19.71 2.53 -3.95
C VAL G 34 -18.77 1.34 -3.85
N GLY G 35 -18.60 0.61 -4.97
CA GLY G 35 -17.62 -0.46 -5.01
C GLY G 35 -16.19 0.02 -4.91
N VAL G 36 -15.81 1.06 -5.69
CA VAL G 36 -14.40 1.50 -5.58
C VAL G 36 -14.15 2.04 -4.18
N ALA G 37 -15.12 2.68 -3.56
CA ALA G 37 -14.90 3.20 -2.22
C ALA G 37 -14.60 2.07 -1.26
N SER G 38 -15.29 0.94 -1.38
CA SER G 38 -15.13 -0.10 -0.37
C SER G 38 -13.85 -0.88 -0.59
N SER G 39 -13.48 -1.12 -1.85
CA SER G 39 -12.17 -1.69 -2.12
C SER G 39 -11.07 -0.84 -1.50
N GLU G 40 -11.16 0.48 -1.68
CA GLU G 40 -10.17 1.36 -1.07
C GLU G 40 -10.17 1.25 0.46
N GLU G 41 -11.34 1.18 1.09
CA GLU G 41 -11.36 1.02 2.53
C GLU G 41 -10.78 -0.34 2.90
N LEU G 42 -11.08 -1.36 2.10
CA LEU G 42 -10.47 -2.66 2.30
C LEU G 42 -8.94 -2.56 2.31
N ALA G 43 -8.36 -1.87 1.33
CA ALA G 43 -6.91 -1.84 1.23
C ALA G 43 -6.28 -1.09 2.42
N ARG G 44 -6.83 0.08 2.81
CA ARG G 44 -6.31 0.76 4.01
C ARG G 44 -6.28 -0.20 5.19
N GLN G 45 -7.29 -1.07 5.30
CA GLN G 45 -7.34 -2.07 6.39
C GLN G 45 -6.19 -3.06 6.32
N ARG G 46 -5.85 -3.54 5.12
CA ARG G 46 -4.67 -4.38 4.97
C ARG G 46 -3.46 -3.65 5.51
N GLY G 47 -3.45 -2.33 5.38
CA GLY G 47 -2.31 -1.56 5.82
C GLY G 47 -2.25 -1.50 7.31
N VAL G 48 -3.39 -1.25 7.96
CA VAL G 48 -3.47 -1.34 9.41
C VAL G 48 -3.00 -2.70 9.91
N LEU G 49 -3.42 -3.76 9.22
CA LEU G 49 -3.02 -5.11 9.62
C LEU G 49 -1.50 -5.30 9.48
N GLU G 50 -0.94 -4.90 8.33
CA GLU G 50 0.50 -4.95 8.20
C GLU G 50 1.18 -4.18 9.35
N ARG G 51 0.75 -2.94 9.63
CA ARG G 51 1.36 -2.15 10.70
C ARG G 51 1.26 -2.85 12.05
N THR G 52 0.19 -3.62 12.28
CA THR G 52 0.10 -4.34 13.55
C THR G 52 1.13 -5.47 13.60
N GLU G 53 1.31 -6.19 12.49
CA GLU G 53 2.28 -7.27 12.49
C GLU G 53 3.68 -6.73 12.75
N LYS G 54 3.99 -5.53 12.23
CA LYS G 54 5.28 -4.93 12.53
C LYS G 54 5.46 -4.72 14.04
N MET G 55 4.38 -4.46 14.77
CA MET G 55 4.49 -4.29 16.21
C MET G 55 4.64 -5.63 16.94
N VAL G 56 3.94 -6.66 16.47
CA VAL G 56 4.24 -8.01 16.95
C VAL G 56 5.72 -8.33 16.76
N ASP G 57 6.25 -8.07 15.56
CA ASP G 57 7.67 -8.28 15.28
C ASP G 57 8.57 -7.47 16.22
N LYS G 58 8.23 -6.19 16.44
CA LYS G 58 9.00 -5.36 17.36
C LYS G 58 9.04 -5.98 18.76
N MET G 59 7.89 -6.50 19.24
CA MET G 59 7.83 -7.12 20.56
C MET G 59 8.69 -8.37 20.64
N ASP G 60 8.85 -9.08 19.53
CA ASP G 60 9.65 -10.30 19.58
C ASP G 60 11.12 -9.98 19.72
N GLN G 61 11.58 -8.95 19.02
CA GLN G 61 12.94 -8.46 19.22
C GLN G 61 13.15 -8.02 20.65
N ASP G 62 12.18 -7.29 21.21
CA ASP G 62 12.29 -6.84 22.60
C ASP G 62 12.50 -8.01 23.55
N LEU G 63 11.77 -9.11 23.33
CA LEU G 63 11.94 -10.25 24.24
C LEU G 63 13.26 -10.97 24.03
N LYS G 64 13.87 -10.82 22.86
CA LYS G 64 15.25 -11.27 22.70
C LYS G 64 16.22 -10.36 23.44
N ILE G 65 16.02 -9.03 23.34
CA ILE G 65 16.87 -8.13 24.13
C ILE G 65 16.59 -8.31 25.62
N SER G 66 15.34 -8.59 26.00
CA SER G 66 15.04 -8.87 27.40
C SER G 66 15.84 -10.06 27.91
N GLN G 67 16.11 -11.04 27.04
CA GLN G 67 16.88 -12.20 27.48
C GLN G 67 18.35 -11.85 27.63
N LYS G 68 18.90 -11.09 26.67
CA LYS G 68 20.28 -10.59 26.81
C LYS G 68 20.47 -9.85 28.12
N HIS G 69 19.43 -9.15 28.59
CA HIS G 69 19.54 -8.45 29.85
C HIS G 69 19.45 -9.43 31.02
N ILE G 70 18.50 -10.37 30.95
CA ILE G 70 18.33 -11.33 32.03
C ILE G 70 19.63 -12.08 32.27
N ASN G 71 20.20 -12.65 31.22
CA ASN G 71 21.48 -13.35 31.37
C ASN G 71 22.49 -12.47 32.07
N SER G 72 22.55 -11.18 31.68
CA SER G 72 23.49 -10.25 32.30
C SER G 72 23.27 -10.11 33.80
N ILE G 73 22.06 -10.39 34.27
CA ILE G 73 21.71 -10.27 35.69
C ILE G 73 22.01 -11.55 36.48
N LYS G 74 22.03 -12.72 35.82
CA LYS G 74 22.28 -13.98 36.54
C LYS G 74 23.77 -14.23 36.72
N SER G 75 24.55 -14.23 35.63
CA SER G 75 26.02 -14.32 35.69
C SER G 75 26.56 -15.52 36.52
N LYS H 1 -42.83 11.69 -34.20
CA LYS H 1 -43.22 10.78 -35.27
C LYS H 1 -41.97 10.06 -35.76
N ASN H 2 -41.58 10.30 -37.02
CA ASN H 2 -40.28 9.91 -37.56
C ASN H 2 -39.20 10.26 -36.54
N PRO H 3 -39.02 11.56 -36.17
CA PRO H 3 -37.81 11.92 -35.42
C PRO H 3 -37.83 11.53 -33.95
N HIS H 4 -38.90 11.87 -33.22
CA HIS H 4 -38.96 11.60 -31.79
C HIS H 4 -38.67 10.14 -31.47
N LEU H 5 -38.97 9.23 -32.40
CA LEU H 5 -38.69 7.82 -32.21
C LEU H 5 -37.26 7.47 -32.55
N ARG H 6 -36.73 7.96 -33.68
CA ARG H 6 -35.30 7.80 -33.89
C ARG H 6 -34.48 8.46 -32.80
N ALA H 7 -35.11 9.18 -31.88
CA ALA H 7 -34.40 9.84 -30.79
C ALA H 7 -34.30 8.97 -29.56
N TYR H 8 -35.43 8.43 -29.10
CA TYR H 8 -35.42 7.40 -28.07
C TYR H 8 -34.45 6.27 -28.43
N HIS H 9 -34.41 5.90 -29.71
CA HIS H 9 -33.54 4.82 -30.15
C HIS H 9 -32.07 5.18 -29.97
N GLN H 10 -31.71 6.43 -30.26
CA GLN H 10 -30.35 6.88 -29.98
C GLN H 10 -30.10 7.04 -28.49
N LYS H 11 -31.14 7.16 -27.67
CA LYS H 11 -30.93 7.11 -26.23
C LYS H 11 -30.74 5.69 -25.75
N ILE H 12 -31.61 4.77 -26.21
CA ILE H 12 -31.51 3.37 -25.80
C ILE H 12 -30.14 2.83 -26.18
N ASP H 13 -29.83 2.88 -27.47
CA ASP H 13 -28.57 2.33 -27.97
C ASP H 13 -27.35 2.97 -27.32
N SER H 14 -27.47 4.16 -26.75
CA SER H 14 -26.36 4.77 -26.04
C SER H 14 -26.33 4.44 -24.55
N ASN H 15 -27.49 4.31 -23.91
CA ASN H 15 -27.51 3.79 -22.56
C ASN H 15 -26.93 2.38 -22.50
N LEU H 16 -27.28 1.54 -23.48
CA LEU H 16 -26.81 0.16 -23.48
C LEU H 16 -25.32 0.09 -23.75
N ASP H 17 -24.78 1.08 -24.45
CA ASP H 17 -23.35 1.12 -24.71
C ASP H 17 -22.59 1.50 -23.46
N GLU H 18 -23.04 2.57 -22.79
CA GLU H 18 -22.40 2.97 -21.54
C GLU H 18 -22.56 1.89 -20.48
N LEU H 19 -23.72 1.22 -20.48
CA LEU H 19 -23.97 0.16 -19.52
C LEU H 19 -23.07 -1.03 -19.80
N SER H 20 -22.85 -1.33 -21.06
CA SER H 20 -22.02 -2.47 -21.43
C SER H 20 -20.59 -2.29 -20.94
N MET H 21 -20.11 -1.05 -20.92
CA MET H 21 -18.77 -0.81 -20.39
C MET H 21 -18.78 -0.82 -18.86
N GLY H 22 -19.84 -0.32 -18.24
CA GLY H 22 -19.87 -0.30 -16.78
C GLY H 22 -19.83 -1.70 -16.17
N LEU H 23 -20.54 -2.65 -16.79
CA LEU H 23 -20.51 -4.01 -16.26
C LEU H 23 -19.13 -4.62 -16.37
N GLY H 24 -18.38 -4.30 -17.43
CA GLY H 24 -16.98 -4.66 -17.54
C GLY H 24 -16.23 -4.23 -16.30
N ARG H 25 -16.29 -2.93 -15.98
CA ARG H 25 -15.52 -2.38 -14.86
C ARG H 25 -15.99 -2.97 -13.53
N LEU H 26 -17.31 -3.12 -13.36
CA LEU H 26 -17.84 -3.72 -12.14
C LEU H 26 -17.35 -5.16 -11.98
N LYS H 27 -17.16 -5.88 -13.08
CA LYS H 27 -16.58 -7.21 -12.96
C LYS H 27 -15.17 -7.12 -12.39
N ASP H 28 -14.38 -6.19 -12.94
CA ASP H 28 -12.99 -6.02 -12.50
C ASP H 28 -12.94 -5.70 -11.01
N ILE H 29 -13.80 -4.77 -10.56
CA ILE H 29 -13.83 -4.35 -9.17
C ILE H 29 -14.08 -5.54 -8.27
N ALA H 30 -15.06 -6.38 -8.66
CA ALA H 30 -15.50 -7.47 -7.80
C ALA H 30 -14.41 -8.52 -7.61
N LEU H 31 -13.68 -8.84 -8.69
CA LEU H 31 -12.59 -9.80 -8.61
C LEU H 31 -11.34 -9.23 -7.93
N GLY H 32 -11.18 -7.91 -7.88
CA GLY H 32 -10.12 -7.36 -7.05
C GLY H 32 -10.46 -7.48 -5.58
N MET H 33 -11.67 -7.03 -5.20
CA MET H 33 -12.22 -7.37 -3.91
C MET H 33 -11.95 -8.82 -3.55
N GLN H 34 -12.18 -9.74 -4.50
CA GLN H 34 -11.93 -11.15 -4.26
C GLN H 34 -10.49 -11.39 -3.86
N THR H 35 -9.53 -10.90 -4.66
CA THR H 35 -8.14 -11.14 -4.34
C THR H 35 -7.76 -10.43 -3.05
N GLU H 36 -8.23 -9.18 -2.86
CA GLU H 36 -7.85 -8.42 -1.68
C GLU H 36 -8.22 -9.18 -0.43
N ILE H 37 -9.39 -9.81 -0.42
CA ILE H 37 -9.80 -10.57 0.76
C ILE H 37 -8.92 -11.80 0.93
N GLU H 38 -8.71 -12.56 -0.15
CA GLU H 38 -7.83 -13.73 -0.10
C GLU H 38 -6.44 -13.36 0.43
N GLU H 39 -5.95 -12.19 0.08
CA GLU H 39 -4.68 -11.73 0.62
C GLU H 39 -4.81 -11.51 2.12
N GLN H 40 -5.86 -10.81 2.54
CA GLN H 40 -6.01 -10.51 3.97
C GLN H 40 -6.27 -11.77 4.78
N ASP H 41 -6.88 -12.79 4.17
CA ASP H 41 -7.02 -14.08 4.83
C ASP H 41 -5.66 -14.63 5.25
N ASP H 42 -4.69 -14.69 4.32
CA ASP H 42 -3.37 -15.20 4.64
C ASP H 42 -2.69 -14.34 5.70
N ILE H 43 -2.80 -13.00 5.58
CA ILE H 43 -2.22 -12.09 6.59
C ILE H 43 -2.75 -12.42 7.97
N LEU H 44 -4.05 -12.73 8.08
CA LEU H 44 -4.65 -12.91 9.39
C LEU H 44 -4.23 -14.23 10.02
N ASP H 45 -4.18 -15.32 9.25
CA ASP H 45 -3.74 -16.58 9.85
C ASP H 45 -2.31 -16.44 10.35
N ARG H 46 -1.46 -15.77 9.54
CA ARG H 46 -0.08 -15.46 9.93
C ARG H 46 -0.05 -14.64 11.21
N LEU H 47 -0.77 -13.51 11.23
CA LEU H 47 -0.87 -12.68 12.44
C LEU H 47 -1.24 -13.52 13.66
N THR H 48 -2.40 -14.19 13.61
CA THR H 48 -2.89 -14.94 14.76
C THR H 48 -1.83 -15.90 15.28
N THR H 49 -1.17 -16.62 14.38
CA THR H 49 -0.09 -17.50 14.79
C THR H 49 1.01 -16.73 15.49
N LYS H 50 1.39 -15.55 14.97
CA LYS H 50 2.45 -14.77 15.60
C LYS H 50 2.03 -14.24 16.97
N VAL H 51 0.77 -13.80 17.10
CA VAL H 51 0.29 -13.25 18.36
C VAL H 51 0.22 -14.32 19.44
N ASP H 52 -0.15 -15.55 19.07
CA ASP H 52 -0.20 -16.60 20.09
C ASP H 52 1.20 -16.95 20.58
N LYS H 53 2.14 -17.10 19.66
CA LYS H 53 3.51 -17.37 20.06
C LYS H 53 4.06 -16.24 20.92
N LEU H 54 3.69 -14.99 20.61
CA LEU H 54 4.18 -13.86 21.40
C LEU H 54 3.67 -13.95 22.82
N ASP H 55 2.39 -14.31 22.96
CA ASP H 55 1.76 -14.40 24.29
C ASP H 55 2.48 -15.44 25.16
N VAL H 56 2.85 -16.57 24.58
CA VAL H 56 3.61 -17.58 25.33
C VAL H 56 4.96 -17.01 25.73
N ASN H 57 5.69 -16.45 24.77
CA ASN H 57 7.06 -16.02 25.01
C ASN H 57 7.13 -14.91 26.05
N ILE H 58 6.08 -14.10 26.22
CA ILE H 58 6.09 -13.18 27.34
C ILE H 58 5.99 -13.94 28.65
N LYS H 59 5.05 -14.88 28.73
CA LYS H 59 4.89 -15.65 29.96
C LYS H 59 6.19 -16.35 30.35
N SER H 60 6.81 -17.07 29.41
CA SER H 60 8.12 -17.67 29.65
C SER H 60 9.09 -16.65 30.20
N THR H 61 9.14 -15.48 29.57
CA THR H 61 9.99 -14.39 30.04
C THR H 61 9.52 -13.87 31.38
N GLU H 62 8.24 -13.97 31.67
CA GLU H 62 7.76 -13.52 32.98
C GLU H 62 8.21 -14.45 34.09
N ARG H 63 8.09 -15.77 33.89
CA ARG H 63 8.52 -16.70 34.92
C ARG H 63 10.00 -16.50 35.24
N LYS H 64 10.85 -16.29 34.23
CA LYS H 64 12.26 -16.05 34.50
C LYS H 64 12.48 -14.72 35.23
N VAL H 65 11.74 -13.66 34.86
CA VAL H 65 11.96 -12.34 35.45
C VAL H 65 11.61 -12.34 36.94
N ARG H 66 10.53 -13.04 37.31
CA ARG H 66 10.15 -13.11 38.72
C ARG H 66 11.28 -13.70 39.57
N GLN H 67 12.03 -14.66 39.00
CA GLN H 67 13.10 -15.39 39.67
C GLN H 67 14.35 -14.55 39.97
N LEU H 68 14.27 -13.23 39.83
CA LEU H 68 15.49 -12.43 39.92
C LEU H 68 15.68 -11.69 41.25
N GLY I 2 -50.38 -20.72 -8.28
CA GLY I 2 -50.43 -19.73 -9.34
C GLY I 2 -50.38 -18.29 -8.84
N ASN I 3 -51.41 -17.50 -9.19
CA ASN I 3 -51.61 -16.20 -8.55
C ASN I 3 -51.62 -16.32 -7.03
N ASP I 4 -51.88 -17.51 -6.49
CA ASP I 4 -52.23 -17.66 -5.07
C ASP I 4 -51.05 -17.98 -4.17
N ARG I 5 -50.10 -18.83 -4.57
CA ARG I 5 -48.96 -19.03 -3.70
C ARG I 5 -48.21 -17.73 -3.50
N VAL I 6 -48.06 -16.95 -4.59
CA VAL I 6 -47.46 -15.64 -4.50
C VAL I 6 -48.26 -14.76 -3.54
N ARG I 7 -49.56 -14.60 -3.84
CA ARG I 7 -50.43 -13.77 -3.02
C ARG I 7 -50.26 -14.09 -1.53
N ASN I 8 -49.85 -15.32 -1.20
CA ASN I 8 -49.58 -15.69 0.18
C ASN I 8 -48.15 -15.37 0.58
N LEU I 9 -47.18 -15.82 -0.21
CA LEU I 9 -45.79 -15.49 0.08
C LEU I 9 -45.63 -14.00 0.22
N GLN I 10 -46.33 -13.25 -0.63
CA GLN I 10 -46.36 -11.80 -0.49
C GLN I 10 -46.82 -11.40 0.90
N SER I 11 -47.97 -11.93 1.34
CA SER I 11 -48.41 -11.58 2.68
C SER I 11 -47.46 -12.11 3.76
N GLU I 12 -46.62 -13.08 3.45
CA GLU I 12 -45.62 -13.50 4.42
C GLU I 12 -44.47 -12.53 4.48
N VAL I 13 -44.02 -12.07 3.32
CA VAL I 13 -43.00 -11.03 3.28
C VAL I 13 -43.44 -9.86 4.13
N GLU I 14 -44.67 -9.39 3.91
CA GLU I 14 -45.11 -8.16 4.56
C GLU I 14 -45.07 -8.29 6.06
N GLY I 15 -45.35 -9.48 6.57
CA GLY I 15 -45.29 -9.68 8.00
C GLY I 15 -43.91 -9.44 8.55
N VAL I 16 -42.88 -9.92 7.84
CA VAL I 16 -41.50 -9.71 8.26
C VAL I 16 -41.11 -8.25 8.11
N LYS I 17 -41.60 -7.60 7.06
CA LYS I 17 -41.34 -6.17 6.92
C LYS I 17 -41.86 -5.41 8.13
N ASN I 18 -43.03 -5.82 8.64
CA ASN I 18 -43.62 -5.16 9.81
C ASN I 18 -42.73 -5.30 11.05
N ILE I 19 -42.12 -6.46 11.26
CA ILE I 19 -41.18 -6.55 12.38
C ILE I 19 -39.96 -5.70 12.09
N MET I 20 -39.39 -5.87 10.89
CA MET I 20 -38.17 -5.13 10.55
C MET I 20 -38.38 -3.62 10.65
N THR I 21 -39.56 -3.15 10.23
CA THR I 21 -39.84 -1.72 10.25
C THR I 21 -39.85 -1.18 11.67
N GLN I 22 -40.61 -1.83 12.55
CA GLN I 22 -40.52 -1.54 13.97
C GLN I 22 -39.08 -1.62 14.46
N ASN I 23 -38.35 -2.64 14.00
CA ASN I 23 -36.95 -2.78 14.42
C ASN I 23 -36.15 -1.56 14.03
N VAL I 24 -36.46 -0.98 12.87
CA VAL I 24 -35.78 0.24 12.48
C VAL I 24 -36.15 1.37 13.45
N GLU I 25 -37.45 1.61 13.61
CA GLU I 25 -37.91 2.57 14.61
C GLU I 25 -37.27 2.37 15.98
N ARG I 26 -37.34 1.16 16.53
CA ARG I 26 -36.76 0.94 17.84
C ARG I 26 -35.27 1.26 17.85
N ILE I 27 -34.53 0.87 16.82
CA ILE I 27 -33.09 1.10 16.83
C ILE I 27 -32.79 2.59 16.81
N LEU I 28 -33.64 3.38 16.15
CA LEU I 28 -33.43 4.83 16.16
C LEU I 28 -33.66 5.39 17.55
N ALA I 29 -34.69 4.91 18.23
CA ALA I 29 -34.90 5.32 19.61
C ALA I 29 -33.68 4.99 20.44
N ARG I 30 -33.19 3.76 20.35
CA ARG I 30 -31.93 3.43 21.00
C ARG I 30 -30.84 4.41 20.60
N GLY I 31 -30.84 4.82 19.34
CA GLY I 31 -29.90 5.83 18.91
C GLY I 31 -30.03 7.11 19.72
N GLU I 32 -31.26 7.61 19.86
CA GLU I 32 -31.48 8.76 20.72
C GLU I 32 -30.97 8.49 22.13
N ASN I 33 -31.37 7.36 22.72
CA ASN I 33 -30.96 7.04 24.09
C ASN I 33 -29.45 7.05 24.22
N LEU I 34 -28.78 6.43 23.25
CA LEU I 34 -27.33 6.31 23.29
C LEU I 34 -26.67 7.67 23.27
N GLU I 35 -27.23 8.61 22.49
CA GLU I 35 -26.63 9.94 22.45
C GLU I 35 -26.72 10.63 23.80
N HIS I 36 -27.88 10.58 24.46
CA HIS I 36 -28.01 11.23 25.76
C HIS I 36 -26.98 10.71 26.75
N LEU I 37 -26.83 9.39 26.80
CA LEU I 37 -25.82 8.79 27.65
C LEU I 37 -24.42 9.32 27.29
N ARG I 38 -24.05 9.28 26.01
CA ARG I 38 -22.73 9.80 25.63
C ARG I 38 -22.49 11.19 26.21
N ASN I 39 -23.49 12.07 26.14
CA ASN I 39 -23.37 13.41 26.70
C ASN I 39 -23.21 13.40 28.22
N LYS I 40 -23.97 12.53 28.91
CA LYS I 40 -23.87 12.49 30.38
C LYS I 40 -22.52 11.94 30.84
N THR I 41 -22.00 10.91 30.18
CA THR I 41 -20.67 10.40 30.53
C THR I 41 -19.56 11.37 30.14
N GLU I 42 -19.76 12.21 29.13
CA GLU I 42 -18.77 13.26 28.85
C GLU I 42 -18.64 14.19 30.04
N ASP I 43 -19.78 14.74 30.50
CA ASP I 43 -19.81 15.50 31.75
C ASP I 43 -19.16 14.73 32.87
N LEU I 44 -19.37 13.41 32.92
CA LEU I 44 -18.79 12.61 34.00
C LEU I 44 -17.28 12.69 33.96
N GLU I 45 -16.69 12.50 32.78
CA GLU I 45 -15.24 12.54 32.67
C GLU I 45 -14.71 13.90 33.08
N ALA I 46 -15.54 14.94 32.99
CA ALA I 46 -15.21 16.24 33.57
C ALA I 46 -15.20 16.20 35.10
N THR I 47 -16.38 16.05 35.70
CA THR I 47 -16.48 16.01 37.16
C THR I 47 -15.43 15.11 37.77
N SER I 48 -15.17 13.96 37.15
CA SER I 48 -14.16 13.05 37.70
C SER I 48 -12.79 13.68 37.64
N GLU I 49 -12.45 14.33 36.52
CA GLU I 49 -11.10 14.87 36.40
C GLU I 49 -10.87 15.94 37.46
N HIS I 50 -11.90 16.75 37.71
CA HIS I 50 -11.75 17.83 38.66
C HIS I 50 -11.58 17.30 40.08
N PHE I 51 -12.26 16.21 40.39
CA PHE I 51 -12.04 15.53 41.66
C PHE I 51 -10.60 15.06 41.80
N LYS I 52 -9.93 14.77 40.69
CA LYS I 52 -8.53 14.35 40.74
C LYS I 52 -7.59 15.54 40.92
N THR I 53 -7.84 16.63 40.19
CA THR I 53 -7.05 17.85 40.35
C THR I 53 -7.05 18.36 41.78
N THR I 54 -8.22 18.42 42.41
CA THR I 54 -8.26 18.88 43.79
C THR I 54 -7.88 17.81 44.78
N SER I 55 -7.70 16.57 44.34
CA SER I 55 -7.05 15.59 45.21
C SER I 55 -5.54 15.68 45.09
N GLN I 56 -5.03 15.85 43.87
CA GLN I 56 -3.62 16.14 43.68
C GLN I 56 -3.23 17.51 44.21
N LYS I 57 -4.17 18.28 44.77
CA LYS I 57 -3.87 19.56 45.39
C LYS I 57 -4.00 19.52 46.91
N VAL I 58 -4.62 18.49 47.48
CA VAL I 58 -4.65 18.33 48.93
C VAL I 58 -3.56 17.34 49.30
N ALA I 59 -3.25 16.42 48.39
CA ALA I 59 -2.07 15.57 48.55
C ALA I 59 -0.78 16.31 48.22
N ARG I 60 -0.85 17.40 47.45
CA ARG I 60 0.29 18.30 47.23
C ARG I 60 0.27 19.50 48.17
N LYS I 61 -0.74 19.61 49.05
CA LYS I 61 -0.71 20.61 50.10
C LYS I 61 -0.32 20.02 51.44
N PHE I 62 -0.57 18.73 51.69
CA PHE I 62 -0.04 18.07 52.89
C PHE I 62 1.41 17.65 52.74
N TRP I 63 2.03 17.87 51.57
CA TRP I 63 3.47 17.72 51.39
C TRP I 63 4.21 19.00 51.79
N TRP I 64 3.54 20.15 51.69
CA TRP I 64 4.08 21.41 52.22
C TRP I 64 3.99 21.47 53.74
N LYS I 65 3.16 20.63 54.34
CA LYS I 65 3.14 20.43 55.79
C LYS I 65 3.80 19.08 56.13
N ASN I 66 5.08 18.97 55.76
CA ASN I 66 5.88 17.77 56.01
C ASN I 66 7.36 18.10 56.24
N VAL I 67 7.90 19.04 55.47
CA VAL I 67 9.26 19.52 55.71
C VAL I 67 9.28 21.04 55.57
N ALA J 27 -52.12 -10.65 -13.69
CA ALA J 27 -51.82 -12.08 -13.73
C ALA J 27 -50.30 -12.33 -13.68
N ALA J 28 -49.61 -12.11 -14.79
CA ALA J 28 -48.16 -12.30 -14.88
C ALA J 28 -47.35 -11.17 -14.23
N GLU J 29 -48.03 -10.23 -13.56
CA GLU J 29 -47.38 -9.13 -12.85
C GLU J 29 -47.19 -9.41 -11.37
N SER J 30 -47.41 -10.64 -10.91
CA SER J 30 -47.23 -10.92 -9.50
C SER J 30 -45.89 -11.57 -9.19
N TRP J 31 -45.19 -12.10 -10.18
CA TRP J 31 -43.82 -12.54 -9.92
C TRP J 31 -42.91 -11.35 -9.70
N GLU J 32 -43.24 -10.18 -10.26
CA GLU J 32 -42.42 -8.99 -10.07
C GLU J 32 -42.74 -8.26 -8.76
N THR J 33 -44.02 -8.18 -8.38
CA THR J 33 -44.33 -7.58 -7.09
C THR J 33 -43.77 -8.41 -5.94
N LEU J 34 -43.70 -9.72 -6.11
CA LEU J 34 -43.04 -10.53 -5.10
C LEU J 34 -41.55 -10.22 -5.06
N GLU J 35 -40.98 -9.91 -6.23
CA GLU J 35 -39.58 -9.54 -6.29
C GLU J 35 -39.36 -8.15 -5.73
N ALA J 36 -40.19 -7.18 -6.12
CA ALA J 36 -40.13 -5.86 -5.49
C ALA J 36 -40.29 -5.95 -3.96
N ASP J 37 -41.21 -6.79 -3.47
CA ASP J 37 -41.42 -6.88 -2.03
C ASP J 37 -40.17 -7.36 -1.31
N LEU J 38 -39.58 -8.43 -1.81
CA LEU J 38 -38.35 -8.96 -1.22
C LEU J 38 -37.21 -7.95 -1.34
N ILE J 39 -37.15 -7.20 -2.46
CA ILE J 39 -36.17 -6.11 -2.55
C ILE J 39 -36.39 -5.08 -1.43
N GLU J 40 -37.65 -4.70 -1.19
CA GLU J 40 -37.93 -3.73 -0.15
C GLU J 40 -37.59 -4.25 1.24
N LEU J 41 -37.91 -5.51 1.51
CA LEU J 41 -37.55 -6.09 2.80
C LEU J 41 -36.04 -6.14 2.97
N SER J 42 -35.32 -6.65 1.96
CA SER J 42 -33.86 -6.69 2.03
C SER J 42 -33.29 -5.31 2.29
N GLN J 43 -33.98 -4.28 1.81
CA GLN J 43 -33.58 -2.92 2.09
C GLN J 43 -33.74 -2.58 3.56
N LEU J 44 -34.85 -2.99 4.16
CA LEU J 44 -35.07 -2.80 5.59
C LEU J 44 -33.97 -3.40 6.41
N VAL J 45 -33.54 -4.62 6.08
CA VAL J 45 -32.50 -5.24 6.89
C VAL J 45 -31.19 -4.49 6.73
N THR J 46 -30.87 -4.05 5.52
CA THR J 46 -29.63 -3.29 5.34
C THR J 46 -29.65 -2.00 6.14
N ASP J 47 -30.79 -1.31 6.16
CA ASP J 47 -30.89 -0.08 6.93
C ASP J 47 -30.78 -0.34 8.43
N PHE J 48 -31.40 -1.41 8.92
CA PHE J 48 -31.20 -1.75 10.31
C PHE J 48 -29.72 -2.01 10.58
N SER J 49 -29.07 -2.76 9.69
CA SER J 49 -27.67 -3.07 9.90
C SER J 49 -26.79 -1.81 9.90
N LEU J 50 -27.10 -0.84 9.05
CA LEU J 50 -26.36 0.41 8.99
C LEU J 50 -26.55 1.26 10.26
N LEU J 51 -27.75 1.26 10.83
CA LEU J 51 -27.96 2.04 12.06
C LEU J 51 -27.26 1.42 13.26
N VAL J 52 -27.23 0.09 13.35
CA VAL J 52 -26.40 -0.53 14.37
C VAL J 52 -24.95 -0.16 14.15
N ASN J 53 -24.56 0.15 12.91
CA ASN J 53 -23.18 0.55 12.63
C ASN J 53 -22.88 1.92 13.17
N SER J 54 -23.75 2.91 12.88
CA SER J 54 -23.51 4.27 13.36
C SER J 54 -23.36 4.33 14.86
N GLN J 55 -24.12 3.50 15.56
CA GLN J 55 -24.17 3.52 16.99
C GLN J 55 -22.98 2.84 17.66
N GLN J 56 -22.10 2.14 16.94
CA GLN J 56 -20.80 1.78 17.51
C GLN J 56 -20.05 3.03 17.96
N GLU J 57 -20.20 4.14 17.23
CA GLU J 57 -19.58 5.40 17.63
C GLU J 57 -19.97 5.77 19.05
N LYS J 58 -21.28 5.93 19.28
CA LYS J 58 -21.78 6.36 20.58
C LYS J 58 -21.44 5.34 21.66
N ILE J 59 -21.48 4.05 21.32
CA ILE J 59 -21.18 3.01 22.30
C ILE J 59 -19.73 3.11 22.76
N ASP J 60 -18.81 3.27 21.82
CA ASP J 60 -17.41 3.38 22.17
C ASP J 60 -17.08 4.70 22.88
N SER J 61 -17.77 5.80 22.54
CA SER J 61 -17.60 7.01 23.34
C SER J 61 -17.94 6.75 24.78
N ILE J 62 -19.10 6.12 25.00
CA ILE J 62 -19.62 5.95 26.35
C ILE J 62 -18.63 5.14 27.17
N ALA J 63 -18.14 4.03 26.60
CA ALA J 63 -17.12 3.27 27.29
C ALA J 63 -15.90 4.13 27.56
N ASP J 64 -15.27 4.63 26.48
CA ASP J 64 -14.10 5.49 26.61
C ASP J 64 -14.30 6.58 27.65
N HIS J 65 -15.45 7.24 27.62
CA HIS J 65 -15.70 8.27 28.63
C HIS J 65 -15.64 7.67 30.03
N VAL J 66 -16.36 6.55 30.25
CA VAL J 66 -16.47 6.04 31.60
C VAL J 66 -15.16 5.41 32.07
N ASN J 67 -14.32 4.93 31.14
CA ASN J 67 -13.01 4.40 31.53
C ASN J 67 -12.12 5.51 32.05
N SER J 68 -12.07 6.63 31.32
CA SER J 68 -11.27 7.77 31.78
C SER J 68 -11.71 8.22 33.16
N ALA J 69 -13.01 8.34 33.38
CA ALA J 69 -13.52 8.73 34.69
C ALA J 69 -13.15 7.72 35.77
N ALA J 70 -13.22 6.43 35.45
CA ALA J 70 -12.91 5.43 36.46
C ALA J 70 -11.47 5.52 36.92
N VAL J 71 -10.54 5.88 36.03
CA VAL J 71 -9.15 5.99 36.48
C VAL J 71 -8.91 7.31 37.21
N ASN J 72 -9.62 8.39 36.86
CA ASN J 72 -9.52 9.62 37.63
C ASN J 72 -10.10 9.45 39.02
N VAL J 73 -11.35 8.94 39.10
CA VAL J 73 -11.95 8.64 40.39
C VAL J 73 -11.04 7.69 41.17
N GLU J 74 -10.54 6.65 40.50
CA GLU J 74 -9.58 5.76 41.14
C GLU J 74 -8.38 6.53 41.68
N GLU J 75 -7.69 7.28 40.81
CA GLU J 75 -6.47 7.95 41.24
C GLU J 75 -6.74 9.06 42.23
N GLY J 76 -7.86 9.77 42.08
CA GLY J 76 -8.21 10.78 43.06
C GLY J 76 -8.29 10.20 44.46
N THR J 77 -8.85 9.00 44.60
CA THR J 77 -8.89 8.31 45.89
C THR J 77 -7.48 8.04 46.39
N LYS J 78 -6.60 7.54 45.52
CA LYS J 78 -5.19 7.36 45.86
C LYS J 78 -4.61 8.60 46.53
N ASN J 79 -4.81 9.77 45.94
CA ASN J 79 -4.26 10.99 46.51
C ASN J 79 -4.89 11.32 47.84
N LEU J 80 -6.20 11.11 47.96
CA LEU J 80 -6.87 11.33 49.24
C LEU J 80 -6.39 10.32 50.28
N GLY J 81 -6.10 9.09 49.87
CA GLY J 81 -5.45 8.16 50.78
C GLY J 81 -4.07 8.66 51.20
N LYS J 82 -3.31 9.20 50.25
CA LYS J 82 -2.00 9.77 50.57
C LYS J 82 -2.09 10.83 51.65
N ALA J 83 -3.15 11.64 51.63
CA ALA J 83 -3.33 12.71 52.61
C ALA J 83 -3.87 12.18 53.94
N ALA J 84 -3.57 10.92 54.27
CA ALA J 84 -4.00 10.36 55.54
C ALA J 84 -2.91 9.53 56.19
N LYS J 85 -1.66 9.72 55.78
CA LYS J 85 -0.54 8.98 56.36
C LYS J 85 0.67 9.90 56.45
N GLN K 3 -52.29 -20.95 -32.23
CA GLN K 3 -52.10 -22.04 -31.27
C GLN K 3 -50.63 -22.22 -30.91
N GLN K 4 -49.75 -21.64 -31.75
CA GLN K 4 -48.33 -21.53 -31.41
C GLN K 4 -48.05 -20.30 -30.56
N TYR K 5 -48.88 -19.27 -30.66
CA TYR K 5 -48.78 -18.09 -29.79
C TYR K 5 -49.05 -18.47 -28.34
N LEU K 6 -50.26 -18.98 -28.07
CA LEU K 6 -50.67 -19.24 -26.70
C LEU K 6 -49.89 -20.38 -26.05
N ARG K 7 -49.32 -21.29 -26.84
CA ARG K 7 -48.48 -22.35 -26.28
C ARG K 7 -47.19 -21.78 -25.70
N GLN K 8 -46.68 -20.69 -26.28
CA GLN K 8 -45.45 -20.03 -25.84
C GLN K 8 -45.69 -18.91 -24.83
N GLU K 9 -46.77 -18.13 -24.99
CA GLU K 9 -47.04 -17.06 -24.02
C GLU K 9 -47.36 -17.57 -22.63
N VAL K 10 -47.44 -18.88 -22.42
CA VAL K 10 -47.40 -19.48 -21.10
C VAL K 10 -46.16 -20.34 -20.89
N LEU K 11 -45.28 -20.43 -21.89
CA LEU K 11 -43.97 -21.01 -21.67
C LEU K 11 -42.96 -19.96 -21.21
N ARG K 12 -42.98 -18.76 -21.80
CA ARG K 12 -42.12 -17.70 -21.27
C ARG K 12 -42.72 -17.08 -20.02
N ARG K 13 -44.06 -16.95 -19.99
CA ARG K 13 -44.75 -16.52 -18.77
C ARG K 13 -44.25 -17.27 -17.55
N ALA K 14 -43.83 -18.52 -17.74
CA ALA K 14 -43.23 -19.32 -16.68
C ALA K 14 -41.72 -19.40 -16.75
N GLU K 15 -41.12 -19.16 -17.91
CA GLU K 15 -39.68 -18.91 -17.95
C GLU K 15 -39.32 -17.73 -17.06
N ALA K 16 -40.06 -16.63 -17.24
CA ALA K 16 -39.87 -15.45 -16.41
C ALA K 16 -40.06 -15.77 -14.94
N THR K 17 -41.08 -16.58 -14.60
CA THR K 17 -41.37 -16.83 -13.19
C THR K 17 -40.29 -17.68 -12.56
N ALA K 18 -39.71 -18.62 -13.28
CA ALA K 18 -38.63 -19.37 -12.66
C ALA K 18 -37.44 -18.48 -12.41
N ALA K 19 -37.14 -17.57 -13.35
CA ALA K 19 -36.03 -16.65 -13.15
C ALA K 19 -36.26 -15.77 -11.94
N SER K 20 -37.37 -15.04 -11.95
CA SER K 20 -37.61 -14.04 -10.92
C SER K 20 -37.72 -14.65 -9.55
N THR K 21 -38.13 -15.90 -9.46
CA THR K 21 -38.15 -16.49 -8.13
C THR K 21 -36.76 -16.92 -7.71
N SER K 22 -35.85 -17.11 -8.66
CA SER K 22 -34.49 -17.44 -8.29
C SER K 22 -33.72 -16.20 -7.86
N ARG K 23 -33.91 -15.08 -8.55
CA ARG K 23 -33.46 -13.81 -8.01
C ARG K 23 -34.05 -13.55 -6.63
N SER K 24 -35.35 -13.74 -6.49
CA SER K 24 -36.01 -13.53 -5.21
C SER K 24 -35.32 -14.33 -4.10
N LEU K 25 -35.08 -15.62 -4.34
CA LEU K 25 -34.44 -16.45 -3.33
C LEU K 25 -33.07 -15.92 -2.93
N ALA K 26 -32.30 -15.40 -3.89
CA ALA K 26 -30.92 -15.02 -3.60
C ALA K 26 -30.88 -13.81 -2.67
N LEU K 27 -31.65 -12.77 -3.00
CA LEU K 27 -31.99 -11.71 -2.06
C LEU K 27 -32.30 -12.23 -0.67
N MET K 28 -33.19 -13.20 -0.60
CA MET K 28 -33.57 -13.79 0.68
C MET K 28 -32.35 -14.22 1.47
N TYR K 29 -31.39 -14.90 0.83
CA TYR K 29 -30.26 -15.39 1.61
C TYR K 29 -29.30 -14.28 1.98
N GLU K 30 -29.05 -13.35 1.05
CA GLU K 30 -28.26 -12.16 1.36
C GLU K 30 -28.75 -11.53 2.65
N SER K 31 -30.06 -11.35 2.75
CA SER K 31 -30.64 -10.65 3.89
C SER K 31 -30.48 -11.45 5.17
N GLU K 32 -30.72 -12.76 5.14
CA GLU K 32 -30.42 -13.59 6.30
C GLU K 32 -29.00 -13.31 6.78
N LYS K 33 -28.01 -13.38 5.88
CA LYS K 33 -26.62 -13.21 6.29
C LYS K 33 -26.34 -11.79 6.77
N VAL K 34 -26.92 -10.78 6.12
CA VAL K 34 -26.68 -9.41 6.59
C VAL K 34 -27.34 -9.19 7.95
N GLY K 35 -28.56 -9.68 8.12
CA GLY K 35 -29.20 -9.53 9.40
C GLY K 35 -28.57 -10.37 10.50
N VAL K 36 -28.10 -11.57 10.18
CA VAL K 36 -27.48 -12.34 11.26
C VAL K 36 -26.23 -11.63 11.73
N ALA K 37 -25.59 -10.87 10.85
CA ALA K 37 -24.37 -10.17 11.23
C ALA K 37 -24.68 -9.03 12.19
N SER K 38 -25.77 -8.31 11.95
CA SER K 38 -26.01 -7.12 12.75
C SER K 38 -26.57 -7.48 14.12
N SER K 39 -27.32 -8.58 14.20
CA SER K 39 -27.76 -8.99 15.51
C SER K 39 -26.57 -9.41 16.35
N GLU K 40 -25.59 -10.09 15.72
CA GLU K 40 -24.37 -10.47 16.44
C GLU K 40 -23.59 -9.25 16.88
N GLU K 41 -23.69 -8.14 16.15
CA GLU K 41 -23.02 -6.91 16.57
C GLU K 41 -23.80 -6.20 17.64
N LEU K 42 -25.12 -6.10 17.48
CA LEU K 42 -25.96 -5.64 18.56
C LEU K 42 -25.65 -6.39 19.87
N ALA K 43 -25.43 -7.71 19.79
CA ALA K 43 -25.02 -8.45 20.97
C ALA K 43 -23.65 -8.01 21.47
N ARG K 44 -22.69 -7.79 20.55
CA ARG K 44 -21.35 -7.30 20.91
C ARG K 44 -21.45 -6.02 21.72
N GLN K 45 -22.25 -5.06 21.23
CA GLN K 45 -22.49 -3.80 21.92
C GLN K 45 -23.09 -4.00 23.29
N ARG K 46 -23.93 -5.02 23.45
CA ARG K 46 -24.54 -5.24 24.76
C ARG K 46 -23.47 -5.52 25.79
N GLY K 47 -22.44 -6.27 25.42
CA GLY K 47 -21.34 -6.53 26.33
C GLY K 47 -20.65 -5.27 26.78
N VAL K 48 -20.43 -4.35 25.84
CA VAL K 48 -19.79 -3.08 26.17
C VAL K 48 -20.60 -2.32 27.20
N LEU K 49 -21.93 -2.35 27.06
CA LEU K 49 -22.75 -1.65 28.04
C LEU K 49 -22.64 -2.29 29.41
N GLU K 50 -22.53 -3.62 29.45
CA GLU K 50 -22.37 -4.32 30.72
C GLU K 50 -21.03 -3.97 31.36
N ARG K 51 -19.94 -4.12 30.61
CA ARG K 51 -18.62 -3.74 31.11
C ARG K 51 -18.57 -2.28 31.53
N THR K 52 -19.38 -1.41 30.91
CA THR K 52 -19.40 0.00 31.30
C THR K 52 -20.21 0.19 32.58
N GLU K 53 -21.29 -0.56 32.73
CA GLU K 53 -22.06 -0.47 33.96
C GLU K 53 -21.21 -0.90 35.15
N LYS K 54 -20.35 -1.91 34.95
CA LYS K 54 -19.51 -2.38 36.03
C LYS K 54 -18.46 -1.34 36.40
N MET K 55 -17.96 -0.59 35.42
CA MET K 55 -17.04 0.49 35.77
C MET K 55 -17.74 1.49 36.69
N VAL K 56 -19.01 1.79 36.41
CA VAL K 56 -19.72 2.79 37.19
C VAL K 56 -19.93 2.30 38.61
N ASP K 57 -20.11 0.99 38.79
CA ASP K 57 -20.20 0.46 40.15
C ASP K 57 -18.86 0.59 40.88
N LYS K 58 -17.75 0.23 40.22
CA LYS K 58 -16.43 0.35 40.83
C LYS K 58 -16.18 1.79 41.28
N MET K 59 -16.44 2.76 40.40
CA MET K 59 -16.31 4.16 40.79
C MET K 59 -17.15 4.48 42.00
N ASP K 60 -18.38 3.94 42.04
CA ASP K 60 -19.27 4.23 43.16
C ASP K 60 -18.66 3.76 44.47
N GLN K 61 -17.85 2.70 44.43
CA GLN K 61 -17.16 2.27 45.63
C GLN K 61 -15.92 3.11 45.93
N ASP K 62 -15.16 3.53 44.91
CA ASP K 62 -13.99 4.37 45.16
C ASP K 62 -14.37 5.65 45.88
N LEU K 63 -15.55 6.18 45.55
CA LEU K 63 -16.08 7.32 46.29
C LEU K 63 -16.34 6.94 47.74
N LYS K 64 -16.89 5.75 47.98
CA LYS K 64 -17.05 5.29 49.35
C LYS K 64 -15.71 5.28 50.07
N ILE K 65 -14.64 4.83 49.39
CA ILE K 65 -13.33 4.78 50.03
C ILE K 65 -12.83 6.20 50.30
N SER K 66 -12.87 7.07 49.28
CA SER K 66 -12.45 8.45 49.49
C SER K 66 -13.20 9.10 50.64
N GLN K 67 -14.47 8.75 50.83
CA GLN K 67 -15.25 9.35 51.92
C GLN K 67 -14.67 8.98 53.28
N LYS K 68 -14.20 7.73 53.43
CA LYS K 68 -13.50 7.33 54.65
C LYS K 68 -12.19 8.07 54.80
N HIS K 69 -11.42 8.23 53.71
CA HIS K 69 -10.22 9.06 53.78
C HIS K 69 -10.55 10.50 54.13
N ILE K 70 -11.73 10.98 53.74
CA ILE K 70 -12.13 12.35 54.04
C ILE K 70 -12.38 12.53 55.52
N ASN K 71 -12.60 11.43 56.26
CA ASN K 71 -12.65 11.52 57.71
C ASN K 71 -11.26 11.61 58.32
N SER K 72 -10.30 10.85 57.78
CA SER K 72 -8.95 10.82 58.32
C SER K 72 -8.27 12.19 58.25
N ILE K 73 -8.68 13.02 57.30
CA ILE K 73 -8.08 14.34 57.16
C ILE K 73 -8.80 15.37 58.01
N LYS K 74 -10.14 15.31 58.06
CA LYS K 74 -10.94 16.21 58.88
C LYS K 74 -10.95 15.81 60.36
N SER K 75 -10.33 14.70 60.72
CA SER K 75 -10.22 14.27 62.11
C SER K 75 -8.81 14.48 62.66
N ASN L 2 -45.34 -31.09 -21.14
CA ASN L 2 -44.33 -30.57 -22.04
C ASN L 2 -42.98 -30.41 -21.32
N PRO L 3 -41.92 -31.00 -21.89
CA PRO L 3 -40.69 -31.22 -21.11
C PRO L 3 -40.02 -29.93 -20.65
N HIS L 4 -40.04 -28.89 -21.47
CA HIS L 4 -39.47 -27.62 -21.05
C HIS L 4 -40.34 -26.95 -19.99
N LEU L 5 -41.64 -26.78 -20.30
CA LEU L 5 -42.57 -26.12 -19.38
C LEU L 5 -42.61 -26.80 -18.03
N ARG L 6 -43.16 -28.02 -17.96
CA ARG L 6 -43.39 -28.64 -16.65
C ARG L 6 -42.14 -28.60 -15.78
N ALA L 7 -40.96 -28.61 -16.41
CA ALA L 7 -39.71 -28.51 -15.66
C ALA L 7 -39.59 -27.17 -14.95
N TYR L 8 -40.06 -26.09 -15.59
CA TYR L 8 -40.03 -24.79 -14.94
C TYR L 8 -40.94 -24.78 -13.72
N HIS L 9 -42.11 -25.43 -13.82
CA HIS L 9 -42.98 -25.53 -12.67
C HIS L 9 -42.28 -26.22 -11.50
N GLN L 10 -41.68 -27.39 -11.75
CA GLN L 10 -40.92 -28.07 -10.69
C GLN L 10 -39.84 -27.16 -10.10
N LYS L 11 -39.38 -26.14 -10.85
CA LYS L 11 -38.40 -25.19 -10.31
C LYS L 11 -39.09 -24.09 -9.52
N ILE L 12 -40.17 -23.53 -10.09
CA ILE L 12 -40.87 -22.46 -9.40
C ILE L 12 -41.41 -22.94 -8.06
N ASP L 13 -41.99 -24.14 -8.03
CA ASP L 13 -42.48 -24.70 -6.78
C ASP L 13 -41.36 -24.77 -5.75
N SER L 14 -40.20 -25.31 -6.13
CA SER L 14 -39.13 -25.45 -5.16
C SER L 14 -38.68 -24.10 -4.64
N ASN L 15 -38.63 -23.09 -5.52
CA ASN L 15 -38.24 -21.75 -5.11
C ASN L 15 -39.16 -21.22 -4.02
N LEU L 16 -40.47 -21.27 -4.27
CA LEU L 16 -41.42 -20.75 -3.28
C LEU L 16 -41.35 -21.51 -1.97
N ASP L 17 -41.24 -22.84 -2.04
CA ASP L 17 -40.94 -23.63 -0.85
C ASP L 17 -39.74 -23.03 -0.12
N GLU L 18 -38.61 -22.94 -0.83
CA GLU L 18 -37.39 -22.43 -0.22
C GLU L 18 -37.60 -21.02 0.29
N LEU L 19 -38.46 -20.28 -0.41
CA LEU L 19 -38.71 -18.88 -0.07
C LEU L 19 -39.46 -18.77 1.24
N SER L 20 -40.44 -19.64 1.44
CA SER L 20 -41.11 -19.68 2.73
C SER L 20 -40.13 -20.01 3.84
N MET L 21 -39.14 -20.86 3.53
CA MET L 21 -38.19 -21.26 4.55
C MET L 21 -37.36 -20.08 5.01
N GLY L 22 -36.89 -19.26 4.05
CA GLY L 22 -36.04 -18.14 4.41
C GLY L 22 -36.80 -17.03 5.09
N LEU L 23 -38.02 -16.75 4.62
CA LEU L 23 -38.90 -15.86 5.35
C LEU L 23 -39.13 -16.36 6.78
N GLY L 24 -39.07 -17.66 7.00
CA GLY L 24 -39.08 -18.19 8.35
C GLY L 24 -37.87 -17.76 9.14
N ARG L 25 -36.66 -18.09 8.64
CA ARG L 25 -35.43 -17.73 9.34
C ARG L 25 -35.31 -16.22 9.52
N LEU L 26 -35.81 -15.43 8.55
CA LEU L 26 -35.76 -13.97 8.67
C LEU L 26 -36.71 -13.45 9.75
N LYS L 27 -37.93 -14.00 9.84
CA LYS L 27 -38.78 -13.61 10.96
C LYS L 27 -38.12 -13.95 12.29
N ASP L 28 -37.35 -15.04 12.36
CA ASP L 28 -36.71 -15.42 13.60
C ASP L 28 -35.52 -14.52 13.89
N ILE L 29 -34.79 -14.13 12.84
CA ILE L 29 -33.74 -13.14 12.99
C ILE L 29 -34.34 -11.83 13.47
N ALA L 30 -35.39 -11.37 12.78
CA ALA L 30 -36.02 -10.10 13.08
C ALA L 30 -36.61 -10.04 14.48
N LEU L 31 -37.07 -11.16 15.01
CA LEU L 31 -37.53 -11.19 16.39
C LEU L 31 -36.37 -11.27 17.37
N GLY L 32 -35.22 -11.75 16.91
CA GLY L 32 -34.07 -11.73 17.77
C GLY L 32 -33.57 -10.32 17.98
N MET L 33 -33.49 -9.56 16.91
CA MET L 33 -33.18 -8.14 17.01
C MET L 33 -34.14 -7.46 17.96
N GLN L 34 -35.45 -7.62 17.74
CA GLN L 34 -36.44 -6.95 18.59
C GLN L 34 -36.22 -7.26 20.07
N THR L 35 -36.02 -8.53 20.39
CA THR L 35 -35.77 -8.92 21.77
C THR L 35 -34.53 -8.21 22.32
N GLU L 36 -33.48 -8.09 21.51
CA GLU L 36 -32.21 -7.57 22.01
C GLU L 36 -32.29 -6.09 22.29
N ILE L 37 -32.89 -5.34 21.35
CA ILE L 37 -33.05 -3.91 21.55
C ILE L 37 -33.86 -3.63 22.80
N GLU L 38 -34.90 -4.45 23.05
CA GLU L 38 -35.71 -4.24 24.25
C GLU L 38 -34.93 -4.58 25.52
N GLU L 39 -34.01 -5.57 25.45
CA GLU L 39 -33.19 -5.89 26.63
C GLU L 39 -32.17 -4.81 26.89
N GLN L 40 -31.53 -4.32 25.82
CA GLN L 40 -30.58 -3.24 25.96
C GLN L 40 -31.26 -1.94 26.33
N ASP L 41 -32.53 -1.79 25.94
CA ASP L 41 -33.22 -0.56 26.28
C ASP L 41 -33.37 -0.40 27.78
N ASP L 42 -33.24 -1.50 28.53
CA ASP L 42 -33.30 -1.49 29.98
C ASP L 42 -31.93 -1.38 30.63
N ILE L 43 -30.89 -1.97 30.04
CA ILE L 43 -29.53 -1.67 30.47
C ILE L 43 -29.27 -0.17 30.36
N LEU L 44 -29.70 0.44 29.25
CA LEU L 44 -29.44 1.87 29.06
C LEU L 44 -30.09 2.70 30.14
N ASP L 45 -31.31 2.35 30.55
CA ASP L 45 -31.96 3.12 31.60
C ASP L 45 -31.19 3.02 32.91
N ARG L 46 -30.93 1.79 33.39
CA ARG L 46 -29.99 1.57 34.48
C ARG L 46 -28.73 2.41 34.32
N LEU L 47 -27.99 2.19 33.22
CA LEU L 47 -26.74 2.91 33.02
C LEU L 47 -26.91 4.43 33.10
N THR L 48 -27.96 4.98 32.49
CA THR L 48 -28.17 6.43 32.60
C THR L 48 -28.29 6.87 34.06
N THR L 49 -29.19 6.25 34.82
CA THR L 49 -29.41 6.65 36.20
C THR L 49 -28.14 6.49 37.04
N LYS L 50 -27.46 5.35 36.92
CA LYS L 50 -26.22 5.16 37.67
C LYS L 50 -25.21 6.25 37.36
N VAL L 51 -25.06 6.60 36.08
CA VAL L 51 -24.15 7.67 35.66
C VAL L 51 -24.54 9.00 36.31
N ASP L 52 -25.80 9.40 36.15
CA ASP L 52 -26.31 10.62 36.77
C ASP L 52 -26.00 10.67 38.27
N LYS L 53 -26.25 9.56 38.97
CA LYS L 53 -26.06 9.55 40.43
C LYS L 53 -24.57 9.64 40.79
N LEU L 54 -23.72 8.92 40.06
CA LEU L 54 -22.27 9.00 40.28
C LEU L 54 -21.81 10.43 40.15
N ASP L 55 -22.19 11.09 39.04
CA ASP L 55 -21.79 12.47 38.76
C ASP L 55 -22.08 13.39 39.93
N VAL L 56 -23.25 13.23 40.55
CA VAL L 56 -23.54 14.02 41.73
C VAL L 56 -22.59 13.66 42.86
N ASN L 57 -22.42 12.36 43.13
CA ASN L 57 -21.64 11.94 44.30
C ASN L 57 -20.17 12.34 44.19
N ILE L 58 -19.63 12.45 42.97
CA ILE L 58 -18.30 13.03 42.83
C ILE L 58 -18.34 14.51 43.17
N LYS L 59 -19.33 15.23 42.62
CA LYS L 59 -19.47 16.65 42.96
C LYS L 59 -19.68 16.84 44.45
N SER L 60 -20.57 16.05 45.04
CA SER L 60 -20.84 16.20 46.46
C SER L 60 -19.58 15.94 47.28
N THR L 61 -18.81 14.91 46.92
CA THR L 61 -17.59 14.70 47.66
C THR L 61 -16.46 15.59 47.18
N GLU L 62 -16.52 16.07 45.93
CA GLU L 62 -15.56 17.09 45.49
C GLU L 62 -15.71 18.36 46.35
N ARG L 63 -16.95 18.81 46.53
CA ARG L 63 -17.23 19.92 47.44
C ARG L 63 -16.57 19.69 48.80
N LYS L 64 -16.52 18.44 49.25
CA LYS L 64 -15.86 18.15 50.51
C LYS L 64 -14.33 18.19 50.38
N VAL L 65 -13.79 17.87 49.20
CA VAL L 65 -12.34 17.91 49.02
C VAL L 65 -11.84 19.35 48.90
N ARG L 66 -12.69 20.27 48.43
CA ARG L 66 -12.28 21.64 48.13
C ARG L 66 -12.26 22.58 49.35
N GLN L 67 -12.64 22.10 50.53
CA GLN L 67 -12.48 22.84 51.78
C GLN L 67 -11.73 21.99 52.80
N LEU L 68 -10.65 21.35 52.35
CA LEU L 68 -9.82 20.49 53.19
C LEU L 68 -8.45 21.11 53.42
N GLY M 2 -55.17 7.65 -10.81
CA GLY M 2 -55.25 8.04 -12.21
C GLY M 2 -53.93 7.95 -12.97
N ASN M 3 -54.05 7.84 -14.31
CA ASN M 3 -52.91 7.65 -15.19
C ASN M 3 -51.92 8.80 -15.16
N ASP M 4 -52.36 9.99 -14.75
CA ASP M 4 -51.56 11.20 -14.79
C ASP M 4 -50.88 11.51 -13.47
N ARG M 5 -51.65 11.49 -12.38
CA ARG M 5 -51.09 11.76 -11.06
C ARG M 5 -49.92 10.84 -10.74
N VAL M 6 -49.89 9.64 -11.33
CA VAL M 6 -48.72 8.79 -11.15
C VAL M 6 -47.52 9.38 -11.86
N ARG M 7 -47.72 9.93 -13.05
CA ARG M 7 -46.60 10.51 -13.80
C ARG M 7 -45.96 11.67 -13.05
N ASN M 8 -46.76 12.46 -12.32
CA ASN M 8 -46.25 13.58 -11.56
C ASN M 8 -45.36 13.13 -10.42
N LEU M 9 -45.89 12.33 -9.49
CA LEU M 9 -45.08 11.82 -8.40
C LEU M 9 -43.79 11.21 -8.92
N GLN M 10 -43.88 10.41 -9.99
CA GLN M 10 -42.67 9.79 -10.53
C GLN M 10 -41.66 10.87 -10.94
N SER M 11 -42.13 11.96 -11.55
CA SER M 11 -41.23 13.07 -11.82
C SER M 11 -40.63 13.64 -10.54
N GLU M 12 -41.46 13.85 -9.51
CA GLU M 12 -40.95 14.36 -8.24
C GLU M 12 -39.86 13.46 -7.68
N VAL M 13 -40.02 12.13 -7.80
CA VAL M 13 -39.02 11.20 -7.28
C VAL M 13 -37.72 11.30 -8.07
N GLU M 14 -37.80 11.43 -9.40
CA GLU M 14 -36.55 11.61 -10.18
C GLU M 14 -35.79 12.86 -9.73
N GLY M 15 -36.49 13.90 -9.28
CA GLY M 15 -35.82 15.11 -8.83
C GLY M 15 -35.01 14.90 -7.55
N VAL M 16 -35.54 14.13 -6.61
CA VAL M 16 -34.76 13.87 -5.40
C VAL M 16 -33.64 12.91 -5.72
N LYS M 17 -33.80 12.09 -6.78
CA LYS M 17 -32.72 11.23 -7.22
C LYS M 17 -31.56 12.03 -7.81
N ASN M 18 -31.85 13.10 -8.58
CA ASN M 18 -30.79 14.02 -9.03
C ASN M 18 -29.97 14.51 -7.84
N ILE M 19 -30.65 14.96 -6.79
CA ILE M 19 -29.92 15.58 -5.70
C ILE M 19 -29.14 14.54 -4.91
N MET M 20 -29.72 13.36 -4.69
CA MET M 20 -28.99 12.37 -3.91
C MET M 20 -27.76 11.88 -4.66
N THR M 21 -27.81 11.80 -5.99
CA THR M 21 -26.60 11.47 -6.74
C THR M 21 -25.52 12.52 -6.57
N GLN M 22 -25.86 13.80 -6.79
CA GLN M 22 -24.95 14.88 -6.46
C GLN M 22 -24.45 14.80 -5.03
N ASN M 23 -25.32 14.47 -4.07
CA ASN M 23 -24.86 14.30 -2.69
C ASN M 23 -23.87 13.15 -2.57
N VAL M 24 -24.04 12.09 -3.36
CA VAL M 24 -23.11 10.99 -3.28
C VAL M 24 -21.80 11.38 -3.92
N GLU M 25 -21.85 12.04 -5.08
CA GLU M 25 -20.61 12.47 -5.72
C GLU M 25 -19.83 13.44 -4.84
N ARG M 26 -20.54 14.35 -4.17
CA ARG M 26 -19.88 15.36 -3.37
C ARG M 26 -19.39 14.82 -2.05
N ILE M 27 -20.08 13.83 -1.45
CA ILE M 27 -19.62 13.24 -0.21
C ILE M 27 -18.40 12.40 -0.47
N LEU M 28 -18.26 11.89 -1.69
CA LEU M 28 -17.04 11.18 -2.07
C LEU M 28 -15.87 12.16 -2.11
N ALA M 29 -16.06 13.31 -2.76
CA ALA M 29 -15.10 14.42 -2.66
C ALA M 29 -14.69 14.71 -1.22
N ARG M 30 -15.63 14.67 -0.29
CA ARG M 30 -15.29 14.98 1.10
C ARG M 30 -14.27 14.00 1.62
N GLY M 31 -14.43 12.72 1.28
CA GLY M 31 -13.55 11.71 1.81
C GLY M 31 -12.19 11.73 1.18
N GLU M 32 -12.12 12.13 -0.08
CA GLU M 32 -10.81 12.42 -0.67
C GLU M 32 -10.17 13.60 0.05
N ASN M 33 -10.98 14.60 0.40
CA ASN M 33 -10.46 15.75 1.12
C ASN M 33 -10.09 15.37 2.54
N LEU M 34 -11.01 14.69 3.24
CA LEU M 34 -10.73 14.22 4.60
C LEU M 34 -9.46 13.37 4.64
N GLU M 35 -9.19 12.58 3.60
CA GLU M 35 -8.00 11.73 3.65
C GLU M 35 -6.72 12.54 3.44
N HIS M 36 -6.75 13.56 2.58
CA HIS M 36 -5.62 14.47 2.51
C HIS M 36 -5.34 15.09 3.87
N LEU M 37 -6.38 15.53 4.58
CA LEU M 37 -6.16 16.13 5.89
C LEU M 37 -5.70 15.10 6.92
N ARG M 38 -6.24 13.87 6.87
CA ARG M 38 -5.78 12.81 7.77
C ARG M 38 -4.28 12.59 7.69
N ASN M 39 -3.69 12.76 6.51
CA ASN M 39 -2.23 12.74 6.44
C ASN M 39 -1.63 13.96 7.11
N LYS M 40 -1.94 15.16 6.58
CA LYS M 40 -1.30 16.37 7.08
C LYS M 40 -1.32 16.43 8.60
N THR M 41 -2.38 15.93 9.26
CA THR M 41 -2.34 15.89 10.73
C THR M 41 -1.40 14.81 11.23
N GLU M 42 -1.34 13.66 10.55
CA GLU M 42 -0.38 12.64 10.96
C GLU M 42 1.03 13.19 10.93
N ASP M 43 1.36 13.97 9.89
CA ASP M 43 2.65 14.64 9.83
C ASP M 43 2.76 15.64 10.96
N LEU M 44 1.68 16.39 11.23
CA LEU M 44 1.70 17.34 12.33
C LEU M 44 2.17 16.68 13.61
N GLU M 45 1.55 15.56 13.96
CA GLU M 45 1.95 14.81 15.14
C GLU M 45 3.45 14.59 15.17
N ALA M 46 3.96 13.93 14.14
CA ALA M 46 5.37 13.61 14.02
C ALA M 46 6.25 14.83 14.22
N THR M 47 5.82 15.98 13.70
CA THR M 47 6.57 17.20 13.94
C THR M 47 6.48 17.60 15.40
N SER M 48 5.29 17.92 15.87
CA SER M 48 5.07 18.27 17.27
C SER M 48 5.83 17.36 18.23
N GLU M 49 5.87 16.06 17.95
CA GLU M 49 6.55 15.13 18.86
C GLU M 49 8.06 15.40 18.93
N HIS M 50 8.67 15.89 17.85
CA HIS M 50 10.09 16.26 17.90
C HIS M 50 10.31 17.55 18.69
N PHE M 51 9.40 18.50 18.55
CA PHE M 51 9.44 19.68 19.40
C PHE M 51 9.17 19.36 20.87
N LYS M 52 8.70 18.16 21.19
CA LYS M 52 8.62 17.76 22.59
C LYS M 52 9.98 17.33 23.10
N THR M 53 10.60 16.38 22.39
CA THR M 53 11.93 15.92 22.75
C THR M 53 12.92 17.08 22.82
N THR M 54 13.04 17.82 21.71
CA THR M 54 13.99 18.92 21.63
C THR M 54 13.69 20.04 22.61
N SER M 55 12.46 20.13 23.12
CA SER M 55 12.21 21.11 24.18
C SER M 55 12.59 20.57 25.55
N GLN M 56 12.47 19.26 25.77
CA GLN M 56 12.90 18.72 27.05
C GLN M 56 14.42 18.66 27.12
N LYS M 57 15.06 18.23 26.03
CA LYS M 57 16.51 18.19 25.97
C LYS M 57 17.15 19.55 26.24
N VAL M 58 16.38 20.63 26.21
CA VAL M 58 16.92 21.95 26.55
C VAL M 58 16.76 22.26 28.04
N ALA M 59 15.71 21.76 28.68
CA ALA M 59 15.53 22.09 30.09
C ALA M 59 16.33 21.15 31.00
N ARG M 60 16.57 19.92 30.56
CA ARG M 60 17.41 18.97 31.29
C ARG M 60 18.91 19.27 31.14
N LYS M 61 19.24 20.40 30.50
CA LYS M 61 20.58 20.97 30.56
C LYS M 61 20.61 22.33 31.24
N PHE M 62 19.59 23.17 31.02
CA PHE M 62 19.48 24.43 31.75
C PHE M 62 19.15 24.23 33.23
N TRP M 63 18.93 23.00 33.66
CA TRP M 63 18.97 22.64 35.08
C TRP M 63 20.32 22.03 35.47
N TRP M 64 20.88 21.18 34.61
CA TRP M 64 22.11 20.42 34.90
C TRP M 64 23.33 21.32 34.98
N LYS M 65 23.15 22.62 34.73
CA LYS M 65 24.24 23.58 34.65
C LYS M 65 24.01 24.75 35.61
N ASN M 66 22.75 25.14 35.81
CA ASN M 66 22.41 26.28 36.65
C ASN M 66 21.92 25.88 38.03
N VAL M 67 22.10 24.63 38.43
CA VAL M 67 21.76 24.16 39.77
C VAL M 67 22.82 23.18 40.26
N ALA N 27 -51.52 -0.25 -18.58
CA ALA N 27 -52.25 0.65 -17.70
C ALA N 27 -51.64 0.70 -16.29
N ALA N 28 -51.91 -0.32 -15.48
CA ALA N 28 -51.50 -0.33 -14.08
C ALA N 28 -50.00 -0.63 -13.91
N GLU N 29 -49.18 -0.10 -14.82
CA GLU N 29 -47.76 -0.43 -14.86
C GLU N 29 -46.81 0.73 -14.58
N SER N 30 -47.24 1.99 -14.69
CA SER N 30 -46.36 3.05 -14.21
C SER N 30 -46.34 3.13 -12.69
N TRP N 31 -47.35 2.59 -12.00
CA TRP N 31 -47.21 2.33 -10.57
C TRP N 31 -45.99 1.48 -10.28
N GLU N 32 -45.73 0.50 -11.16
CA GLU N 32 -44.53 -0.29 -10.99
C GLU N 32 -43.30 0.60 -11.02
N THR N 33 -43.20 1.47 -12.03
CA THR N 33 -41.99 2.27 -12.16
C THR N 33 -41.88 3.30 -11.06
N LEU N 34 -43.00 3.77 -10.52
CA LEU N 34 -42.94 4.63 -9.35
C LEU N 34 -42.36 3.87 -8.16
N GLU N 35 -42.86 2.67 -7.92
CA GLU N 35 -42.22 1.81 -6.94
C GLU N 35 -40.76 1.60 -7.28
N ALA N 36 -40.48 1.38 -8.57
CA ALA N 36 -39.10 1.16 -8.98
C ALA N 36 -38.25 2.35 -8.58
N ASP N 37 -38.61 3.54 -9.07
CA ASP N 37 -37.89 4.76 -8.74
C ASP N 37 -37.72 4.91 -7.23
N LEU N 38 -38.79 4.68 -6.46
CA LEU N 38 -38.69 4.84 -5.02
C LEU N 38 -37.70 3.86 -4.39
N ILE N 39 -37.63 2.63 -4.90
CA ILE N 39 -36.63 1.68 -4.41
C ILE N 39 -35.24 2.22 -4.65
N GLU N 40 -35.03 2.82 -5.82
CA GLU N 40 -33.72 3.36 -6.17
C GLU N 40 -33.38 4.63 -5.38
N LEU N 41 -34.34 5.54 -5.19
CA LEU N 41 -34.11 6.64 -4.27
C LEU N 41 -33.72 6.12 -2.88
N SER N 42 -34.45 5.12 -2.37
CA SER N 42 -34.10 4.56 -1.06
C SER N 42 -32.71 3.97 -1.07
N GLN N 43 -32.33 3.28 -2.15
CA GLN N 43 -30.95 2.77 -2.25
C GLN N 43 -29.96 3.92 -2.18
N LEU N 44 -30.27 5.06 -2.83
CA LEU N 44 -29.36 6.21 -2.87
C LEU N 44 -29.15 6.79 -1.49
N VAL N 45 -30.26 7.00 -0.74
CA VAL N 45 -30.13 7.49 0.62
C VAL N 45 -29.24 6.55 1.41
N THR N 46 -29.56 5.25 1.37
CA THR N 46 -28.82 4.27 2.16
C THR N 46 -27.32 4.38 1.89
N ASP N 47 -26.95 4.57 0.62
CA ASP N 47 -25.56 4.65 0.24
C ASP N 47 -24.95 5.97 0.67
N PHE N 48 -25.69 7.08 0.54
CA PHE N 48 -25.20 8.33 1.09
C PHE N 48 -24.92 8.20 2.57
N SER N 49 -25.91 7.74 3.33
CA SER N 49 -25.75 7.52 4.77
C SER N 49 -24.58 6.60 5.07
N LEU N 50 -24.29 5.66 4.18
CA LEU N 50 -23.23 4.69 4.41
C LEU N 50 -21.86 5.31 4.22
N LEU N 51 -21.66 6.10 3.15
CA LEU N 51 -20.39 6.80 2.98
C LEU N 51 -20.12 7.77 4.12
N VAL N 52 -21.12 8.56 4.47
CA VAL N 52 -21.02 9.39 5.66
C VAL N 52 -20.51 8.58 6.84
N ASN N 53 -21.05 7.37 7.01
CA ASN N 53 -20.63 6.52 8.12
C ASN N 53 -19.16 6.16 8.00
N SER N 54 -18.71 5.78 6.80
CA SER N 54 -17.33 5.36 6.59
C SER N 54 -16.39 6.48 6.96
N GLN N 55 -16.76 7.71 6.68
CA GLN N 55 -15.86 8.81 6.87
C GLN N 55 -15.66 9.20 8.33
N GLN N 56 -16.48 8.67 9.26
CA GLN N 56 -16.19 8.86 10.69
C GLN N 56 -14.80 8.35 11.03
N GLU N 57 -14.30 7.36 10.29
CA GLU N 57 -12.92 6.93 10.44
C GLU N 57 -11.96 8.09 10.26
N LYS N 58 -12.03 8.76 9.11
CA LYS N 58 -11.07 9.81 8.84
C LYS N 58 -11.33 11.03 9.73
N ILE N 59 -12.59 11.31 10.05
CA ILE N 59 -12.89 12.40 10.96
C ILE N 59 -12.29 12.14 12.34
N ASP N 60 -12.48 10.94 12.88
CA ASP N 60 -12.02 10.71 14.24
C ASP N 60 -10.52 10.58 14.30
N SER N 61 -9.89 10.17 13.20
CA SER N 61 -8.43 10.09 13.18
C SER N 61 -7.82 11.48 13.06
N ILE N 62 -8.40 12.33 12.22
CA ILE N 62 -7.96 13.72 12.12
C ILE N 62 -8.00 14.40 13.46
N ALA N 63 -9.07 14.20 14.23
CA ALA N 63 -9.14 14.86 15.52
C ALA N 63 -8.07 14.32 16.47
N ASP N 64 -7.95 12.99 16.57
CA ASP N 64 -6.98 12.42 17.51
C ASP N 64 -5.55 12.87 17.20
N HIS N 65 -5.13 12.72 15.94
CA HIS N 65 -3.85 13.24 15.45
C HIS N 65 -3.60 14.66 15.93
N VAL N 66 -4.59 15.54 15.72
CA VAL N 66 -4.49 16.93 16.19
C VAL N 66 -4.39 16.99 17.71
N ASN N 67 -5.22 16.22 18.43
CA ASN N 67 -5.13 16.23 19.88
C ASN N 67 -3.78 15.75 20.37
N SER N 68 -3.17 14.78 19.67
CA SER N 68 -1.85 14.35 20.08
C SER N 68 -0.85 15.48 19.94
N ALA N 69 -0.95 16.22 18.82
CA ALA N 69 -0.06 17.35 18.64
C ALA N 69 -0.25 18.40 19.72
N ALA N 70 -1.50 18.65 20.12
CA ALA N 70 -1.77 19.66 21.13
C ALA N 70 -0.99 19.38 22.42
N VAL N 71 -1.11 18.17 22.96
CA VAL N 71 -0.43 17.88 24.23
C VAL N 71 1.07 17.97 24.10
N ASN N 72 1.64 17.56 22.95
CA ASN N 72 3.07 17.77 22.71
C ASN N 72 3.42 19.25 22.74
N VAL N 73 2.83 20.04 21.84
CA VAL N 73 3.08 21.48 21.82
C VAL N 73 2.92 22.06 23.21
N GLU N 74 1.81 21.74 23.86
CA GLU N 74 1.54 22.28 25.19
C GLU N 74 2.52 21.77 26.22
N GLU N 75 3.04 20.55 26.07
CA GLU N 75 4.15 20.11 26.92
C GLU N 75 5.42 20.87 26.56
N GLY N 76 5.90 20.72 25.32
CA GLY N 76 7.15 21.34 24.89
C GLY N 76 7.23 22.80 25.25
N THR N 77 6.11 23.51 25.17
CA THR N 77 6.07 24.90 25.60
C THR N 77 6.31 25.03 27.10
N LYS N 78 5.62 24.22 27.91
CA LYS N 78 5.80 24.31 29.37
C LYS N 78 7.25 24.10 29.78
N ASN N 79 8.03 23.42 28.95
CA ASN N 79 9.45 23.21 29.24
C ASN N 79 10.26 24.46 28.95
N LEU N 80 10.06 25.06 27.77
CA LEU N 80 10.67 26.36 27.49
C LEU N 80 10.17 27.42 28.47
N GLY N 81 9.04 27.19 29.12
CA GLY N 81 8.63 28.03 30.24
C GLY N 81 9.39 27.74 31.51
N LYS N 82 9.96 26.54 31.63
CA LYS N 82 10.83 26.21 32.75
C LYS N 82 12.30 26.47 32.43
N ALA N 83 12.74 26.30 31.18
CA ALA N 83 14.08 26.77 30.87
C ALA N 83 14.18 28.29 30.93
N ALA N 84 13.04 29.00 30.93
CA ALA N 84 13.00 30.45 31.14
C ALA N 84 13.13 30.85 32.60
N LYS N 85 13.35 29.90 33.50
CA LYS N 85 13.75 30.19 34.87
C LYS N 85 15.03 29.48 35.24
N TYR N 86 15.13 28.18 34.92
CA TYR N 86 16.34 27.38 35.14
C TYR N 86 17.45 27.80 34.17
N GLN O 3 -67.89 -9.32 -20.58
CA GLN O 3 -69.07 -8.90 -19.84
C GLN O 3 -68.93 -9.25 -18.36
N GLN O 4 -69.07 -10.55 -18.04
CA GLN O 4 -69.08 -10.99 -16.65
C GLN O 4 -67.72 -10.79 -15.98
N TYR O 5 -66.63 -11.03 -16.72
CA TYR O 5 -65.30 -11.07 -16.12
C TYR O 5 -64.58 -9.73 -16.10
N LEU O 6 -65.17 -8.68 -16.68
CA LEU O 6 -64.54 -7.36 -16.69
C LEU O 6 -64.87 -6.53 -15.46
N ARG O 7 -65.85 -6.95 -14.66
CA ARG O 7 -66.22 -6.22 -13.45
C ARG O 7 -65.44 -6.66 -12.22
N GLN O 8 -64.91 -7.88 -12.20
CA GLN O 8 -63.98 -8.28 -11.15
C GLN O 8 -62.53 -7.96 -11.50
N GLU O 9 -62.24 -7.68 -12.77
CA GLU O 9 -60.88 -7.32 -13.18
C GLU O 9 -60.50 -5.92 -12.69
N VAL O 10 -61.48 -5.01 -12.63
CA VAL O 10 -61.20 -3.71 -12.06
C VAL O 10 -60.99 -3.81 -10.55
N LEU O 11 -61.68 -4.75 -9.88
CA LEU O 11 -61.42 -4.95 -8.46
C LEU O 11 -60.04 -5.54 -8.22
N ARG O 12 -59.65 -6.55 -9.01
CA ARG O 12 -58.35 -7.18 -8.85
C ARG O 12 -57.20 -6.35 -9.44
N ARG O 13 -57.49 -5.21 -10.07
CA ARG O 13 -56.44 -4.29 -10.51
C ARG O 13 -56.48 -2.94 -9.84
N ALA O 14 -57.58 -2.55 -9.20
CA ALA O 14 -57.54 -1.43 -8.28
C ALA O 14 -56.90 -1.84 -6.95
N GLU O 15 -57.31 -3.00 -6.44
CA GLU O 15 -56.62 -3.66 -5.32
C GLU O 15 -55.11 -3.66 -5.52
N ALA O 16 -54.69 -3.97 -6.74
CA ALA O 16 -53.26 -4.04 -7.06
C ALA O 16 -52.58 -2.71 -6.80
N THR O 17 -53.03 -1.65 -7.49
CA THR O 17 -52.35 -0.38 -7.36
C THR O 17 -52.43 0.18 -5.94
N ALA O 18 -53.57 -0.04 -5.25
CA ALA O 18 -53.65 0.35 -3.85
C ALA O 18 -52.56 -0.33 -3.03
N ALA O 19 -52.29 -1.60 -3.33
CA ALA O 19 -51.25 -2.31 -2.62
C ALA O 19 -49.87 -1.81 -3.03
N SER O 20 -49.67 -1.58 -4.33
CA SER O 20 -48.37 -1.07 -4.78
C SER O 20 -48.06 0.25 -4.12
N THR O 21 -49.04 1.16 -4.08
CA THR O 21 -48.80 2.48 -3.50
C THR O 21 -48.55 2.40 -1.99
N SER O 22 -49.27 1.54 -1.27
CA SER O 22 -48.99 1.38 0.16
C SER O 22 -47.54 1.01 0.39
N ARG O 23 -46.94 0.23 -0.52
CA ARG O 23 -45.52 -0.13 -0.44
C ARG O 23 -44.63 1.06 -0.75
N SER O 24 -45.05 1.89 -1.70
CA SER O 24 -44.31 3.10 -2.01
C SER O 24 -44.33 4.11 -0.88
N LEU O 25 -45.47 4.30 -0.20
CA LEU O 25 -45.43 5.11 1.02
C LEU O 25 -44.34 4.63 1.95
N ALA O 26 -44.36 3.34 2.29
CA ALA O 26 -43.42 2.82 3.25
C ALA O 26 -41.98 3.09 2.83
N LEU O 27 -41.70 2.97 1.54
CA LEU O 27 -40.36 3.24 1.03
C LEU O 27 -39.95 4.67 1.31
N MET O 28 -40.80 5.63 0.97
CA MET O 28 -40.48 7.03 1.21
C MET O 28 -40.29 7.31 2.69
N TYR O 29 -41.12 6.72 3.54
CA TYR O 29 -40.97 6.93 4.97
C TYR O 29 -39.64 6.38 5.45
N GLU O 30 -39.22 5.23 4.90
CA GLU O 30 -37.89 4.70 5.17
C GLU O 30 -36.81 5.68 4.72
N SER O 31 -36.81 6.04 3.44
CA SER O 31 -35.84 7.00 2.95
C SER O 31 -35.80 8.24 3.82
N GLU O 32 -36.94 8.64 4.36
CA GLU O 32 -36.98 9.79 5.25
C GLU O 32 -36.19 9.53 6.52
N LYS O 33 -36.39 8.36 7.14
CA LYS O 33 -35.80 8.08 8.44
C LYS O 33 -34.29 7.95 8.35
N VAL O 34 -33.82 7.10 7.43
CA VAL O 34 -32.39 6.95 7.20
C VAL O 34 -31.80 8.28 6.75
N GLY O 35 -32.59 9.04 5.98
CA GLY O 35 -32.14 10.35 5.55
C GLY O 35 -31.81 11.26 6.70
N VAL O 36 -32.72 11.39 7.67
CA VAL O 36 -32.46 12.40 8.71
C VAL O 36 -31.36 11.92 9.63
N ALA O 37 -31.26 10.62 9.84
CA ALA O 37 -30.22 10.12 10.73
C ALA O 37 -28.85 10.55 10.23
N SER O 38 -28.61 10.35 8.93
CA SER O 38 -27.31 10.70 8.36
C SER O 38 -27.12 12.20 8.35
N SER O 39 -28.18 12.94 7.98
CA SER O 39 -28.16 14.38 8.17
C SER O 39 -27.70 14.74 9.58
N GLU O 40 -28.23 14.03 10.60
CA GLU O 40 -27.73 14.24 11.95
C GLU O 40 -26.25 13.91 12.06
N GLU O 41 -25.81 12.79 11.47
CA GLU O 41 -24.39 12.42 11.61
C GLU O 41 -23.48 13.47 10.97
N LEU O 42 -23.82 13.93 9.75
CA LEU O 42 -23.05 15.02 9.14
C LEU O 42 -22.91 16.19 10.08
N ALA O 43 -24.04 16.67 10.63
CA ALA O 43 -23.97 17.70 11.64
C ALA O 43 -22.98 17.34 12.76
N ARG O 44 -23.17 16.16 13.37
CA ARG O 44 -22.28 15.75 14.47
C ARG O 44 -20.82 15.88 14.05
N GLN O 45 -20.50 15.39 12.84
CA GLN O 45 -19.14 15.44 12.30
C GLN O 45 -18.61 16.85 12.10
N ARG O 46 -19.44 17.77 11.58
CA ARG O 46 -18.97 19.14 11.42
C ARG O 46 -18.40 19.68 12.72
N GLY O 47 -19.07 19.38 13.83
CA GLY O 47 -18.62 19.88 15.11
C GLY O 47 -17.34 19.24 15.61
N VAL O 48 -16.94 18.13 15.00
CA VAL O 48 -15.65 17.55 15.32
C VAL O 48 -14.54 18.28 14.56
N LEU O 49 -14.82 18.65 13.30
CA LEU O 49 -13.89 19.50 12.59
C LEU O 49 -13.76 20.86 13.26
N GLU O 50 -14.86 21.37 13.81
CA GLU O 50 -14.81 22.62 14.55
C GLU O 50 -13.91 22.52 15.77
N ARG O 51 -14.20 21.58 16.68
CA ARG O 51 -13.32 21.39 17.83
C ARG O 51 -11.88 21.20 17.39
N THR O 52 -11.66 20.55 16.24
CA THR O 52 -10.30 20.31 15.76
C THR O 52 -9.63 21.60 15.34
N GLU O 53 -10.33 22.44 14.56
CA GLU O 53 -9.81 23.78 14.23
C GLU O 53 -9.53 24.58 15.50
N LYS O 54 -10.45 24.53 16.48
CA LYS O 54 -10.20 25.12 17.80
C LYS O 54 -8.87 24.68 18.41
N MET O 55 -8.43 23.46 18.12
CA MET O 55 -7.19 22.96 18.70
C MET O 55 -5.97 23.52 17.99
N VAL O 56 -6.05 23.69 16.67
CA VAL O 56 -4.99 24.35 15.92
C VAL O 56 -4.89 25.83 16.30
N ASP O 57 -5.99 26.43 16.77
CA ASP O 57 -5.92 27.75 17.42
C ASP O 57 -4.99 27.69 18.63
N LYS O 58 -5.37 26.91 19.64
CA LYS O 58 -4.57 26.89 20.88
C LYS O 58 -3.14 26.44 20.64
N MET O 59 -2.88 25.66 19.59
CA MET O 59 -1.50 25.35 19.25
C MET O 59 -0.77 26.57 18.70
N ASP O 60 -1.48 27.47 18.01
CA ASP O 60 -0.83 28.69 17.55
C ASP O 60 -0.65 29.71 18.66
N GLN O 61 -1.57 29.77 19.62
CA GLN O 61 -1.32 30.53 20.84
C GLN O 61 -0.09 30.01 21.57
N ASP O 62 0.07 28.69 21.64
CA ASP O 62 1.17 28.10 22.41
C ASP O 62 2.50 28.24 21.68
N LEU O 63 2.50 28.27 20.35
CA LEU O 63 3.77 28.45 19.65
C LEU O 63 4.30 29.87 19.80
N LYS O 64 3.39 30.84 19.92
CA LYS O 64 3.77 32.23 20.23
C LYS O 64 4.28 32.36 21.65
N ILE O 65 3.71 31.60 22.60
CA ILE O 65 4.22 31.67 23.96
C ILE O 65 5.61 31.03 24.03
N SER O 66 5.87 30.01 23.22
CA SER O 66 7.24 29.58 23.03
C SER O 66 8.14 30.75 22.60
N GLN O 67 7.62 31.66 21.76
CA GLN O 67 8.39 32.83 21.34
C GLN O 67 8.78 33.70 22.55
N LYS O 68 7.76 34.19 23.30
CA LYS O 68 7.96 34.97 24.54
C LYS O 68 8.66 34.17 25.67
N HIS O 69 9.12 32.96 25.37
CA HIS O 69 10.05 32.23 26.22
C HIS O 69 11.41 32.03 25.58
N ILE O 70 11.50 31.99 24.26
CA ILE O 70 12.80 32.13 23.63
C ILE O 70 13.17 33.61 23.47
N ASN O 71 12.17 34.51 23.51
CA ASN O 71 12.43 35.94 23.77
C ASN O 71 12.99 36.14 25.18
N SER O 72 12.29 35.60 26.19
CA SER O 72 12.70 35.77 27.57
C SER O 72 14.08 35.18 27.84
N ILE O 73 14.44 34.11 27.13
CA ILE O 73 15.62 33.34 27.52
C ILE O 73 16.90 34.01 27.03
N LYS O 74 16.89 34.58 25.82
CA LYS O 74 18.09 35.20 25.24
C LYS O 74 18.26 36.67 25.65
N SER O 75 18.08 36.98 26.94
CA SER O 75 18.17 38.35 27.45
C SER O 75 19.54 38.64 28.08
N HIS P 4 -66.23 -2.52 -2.38
CA HIS P 4 -64.83 -2.44 -1.95
C HIS P 4 -64.02 -1.55 -2.88
N LEU P 5 -64.60 -1.20 -4.02
CA LEU P 5 -63.92 -0.31 -4.96
C LEU P 5 -63.76 1.11 -4.42
N ARG P 6 -64.71 1.58 -3.60
CA ARG P 6 -64.50 2.84 -2.90
C ARG P 6 -63.37 2.71 -1.88
N ALA P 7 -63.25 1.54 -1.25
CA ALA P 7 -62.26 1.36 -0.20
C ALA P 7 -60.84 1.41 -0.75
N TYR P 8 -60.61 0.76 -1.89
CA TYR P 8 -59.29 0.79 -2.49
C TYR P 8 -58.93 2.19 -2.93
N HIS P 9 -59.87 2.88 -3.59
CA HIS P 9 -59.65 4.28 -3.93
C HIS P 9 -59.51 5.16 -2.68
N GLN P 10 -60.05 4.72 -1.54
CA GLN P 10 -59.77 5.43 -0.29
C GLN P 10 -58.36 5.17 0.19
N LYS P 11 -57.80 4.00 -0.12
CA LYS P 11 -56.38 3.81 0.13
C LYS P 11 -55.57 4.63 -0.85
N ILE P 12 -55.91 4.53 -2.14
CA ILE P 12 -55.06 5.05 -3.20
C ILE P 12 -54.92 6.57 -3.08
N ASP P 13 -56.04 7.28 -3.03
CA ASP P 13 -56.01 8.72 -2.82
C ASP P 13 -55.20 9.06 -1.57
N SER P 14 -55.58 8.51 -0.42
CA SER P 14 -54.85 8.79 0.82
C SER P 14 -53.38 8.44 0.69
N ASN P 15 -53.07 7.30 0.05
CA ASN P 15 -51.67 6.91 -0.14
C ASN P 15 -50.93 7.95 -0.96
N LEU P 16 -51.51 8.37 -2.08
CA LEU P 16 -50.87 9.37 -2.93
C LEU P 16 -50.82 10.73 -2.27
N ASP P 17 -51.69 11.01 -1.29
CA ASP P 17 -51.61 12.27 -0.57
C ASP P 17 -50.37 12.32 0.31
N GLU P 18 -50.17 11.27 1.13
CA GLU P 18 -48.99 11.20 2.00
C GLU P 18 -47.72 11.05 1.17
N LEU P 19 -47.82 10.49 -0.03
CA LEU P 19 -46.63 10.33 -0.87
C LEU P 19 -46.16 11.69 -1.41
N SER P 20 -47.07 12.49 -1.97
CA SER P 20 -46.69 13.80 -2.48
C SER P 20 -46.04 14.66 -1.41
N MET P 21 -46.68 14.78 -0.23
CA MET P 21 -46.06 15.53 0.88
C MET P 21 -44.79 14.86 1.34
N GLY P 22 -44.77 13.53 1.35
CA GLY P 22 -43.57 12.83 1.71
C GLY P 22 -42.37 13.29 0.92
N LEU P 23 -42.48 13.27 -0.42
CA LEU P 23 -41.32 13.56 -1.26
C LEU P 23 -40.88 15.00 -1.13
N GLY P 24 -41.82 15.92 -0.93
CA GLY P 24 -41.41 17.27 -0.62
C GLY P 24 -40.48 17.29 0.57
N ARG P 25 -40.86 16.61 1.65
CA ARG P 25 -40.02 16.58 2.83
C ARG P 25 -38.68 15.93 2.54
N LEU P 26 -38.70 14.79 1.83
CA LEU P 26 -37.47 14.14 1.40
C LEU P 26 -36.60 15.08 0.60
N LYS P 27 -37.20 15.87 -0.31
CA LYS P 27 -36.44 16.81 -1.12
C LYS P 27 -35.71 17.82 -0.25
N ASP P 28 -36.40 18.35 0.77
CA ASP P 28 -35.76 19.23 1.74
C ASP P 28 -34.54 18.56 2.38
N ILE P 29 -34.72 17.35 2.93
CA ILE P 29 -33.60 16.62 3.50
C ILE P 29 -32.43 16.59 2.54
N ALA P 30 -32.68 16.39 1.25
CA ALA P 30 -31.60 16.24 0.28
C ALA P 30 -30.89 17.58 0.05
N LEU P 31 -31.64 18.66 -0.16
CA LEU P 31 -31.02 19.97 -0.28
C LEU P 31 -30.27 20.37 0.98
N GLY P 32 -30.69 19.87 2.14
CA GLY P 32 -30.01 20.22 3.38
C GLY P 32 -28.70 19.50 3.56
N MET P 33 -28.61 18.27 3.05
CA MET P 33 -27.33 17.60 2.92
C MET P 33 -26.41 18.40 2.00
N GLN P 34 -26.89 18.69 0.79
CA GLN P 34 -26.14 19.47 -0.18
C GLN P 34 -25.58 20.76 0.44
N THR P 35 -26.44 21.49 1.16
CA THR P 35 -26.01 22.69 1.89
C THR P 35 -24.93 22.36 2.90
N GLU P 36 -25.16 21.34 3.74
CA GLU P 36 -24.18 21.01 4.76
C GLU P 36 -22.87 20.50 4.16
N ILE P 37 -22.91 19.77 3.06
CA ILE P 37 -21.67 19.29 2.45
C ILE P 37 -20.83 20.48 1.96
N GLU P 38 -21.43 21.33 1.11
CA GLU P 38 -20.82 22.59 0.69
C GLU P 38 -20.24 23.37 1.87
N GLU P 39 -20.98 23.45 2.98
CA GLU P 39 -20.47 24.16 4.14
C GLU P 39 -19.25 23.46 4.73
N GLN P 40 -19.23 22.13 4.70
CA GLN P 40 -18.07 21.44 5.26
C GLN P 40 -16.87 21.47 4.34
N ASP P 41 -17.09 21.63 3.03
CA ASP P 41 -15.93 21.81 2.16
C ASP P 41 -15.18 23.07 2.54
N ASP P 42 -15.92 24.14 2.85
CA ASP P 42 -15.33 25.40 3.30
C ASP P 42 -14.48 25.21 4.56
N ILE P 43 -14.95 24.38 5.48
CA ILE P 43 -14.26 24.21 6.76
C ILE P 43 -12.97 23.42 6.60
N LEU P 44 -13.01 22.36 5.78
CA LEU P 44 -11.82 21.58 5.48
C LEU P 44 -10.75 22.42 4.80
N ASP P 45 -11.16 23.28 3.85
CA ASP P 45 -10.20 24.22 3.26
C ASP P 45 -9.55 25.08 4.33
N ARG P 46 -10.33 25.60 5.29
CA ARG P 46 -9.73 26.37 6.37
C ARG P 46 -8.77 25.51 7.18
N LEU P 47 -9.23 24.33 7.63
CA LEU P 47 -8.41 23.49 8.49
C LEU P 47 -7.15 23.06 7.79
N THR P 48 -7.25 22.63 6.54
CA THR P 48 -6.04 22.27 5.83
C THR P 48 -5.09 23.46 5.80
N THR P 49 -5.60 24.64 5.45
CA THR P 49 -4.80 25.85 5.46
C THR P 49 -4.12 26.08 6.82
N LYS P 50 -4.90 26.05 7.90
CA LYS P 50 -4.33 26.27 9.23
C LYS P 50 -3.41 25.13 9.67
N VAL P 51 -3.64 23.90 9.21
CA VAL P 51 -2.80 22.78 9.65
C VAL P 51 -1.47 22.78 8.91
N ASP P 52 -1.49 22.91 7.58
CA ASP P 52 -0.26 22.93 6.78
C ASP P 52 0.70 23.98 7.31
N LYS P 53 0.15 25.11 7.75
CA LYS P 53 0.96 26.23 8.23
C LYS P 53 1.40 26.04 9.68
N LEU P 54 0.46 25.75 10.58
CA LEU P 54 0.83 25.43 11.96
C LEU P 54 1.97 24.43 12.01
N ASP P 55 2.05 23.50 11.06
CA ASP P 55 3.17 22.57 11.02
C ASP P 55 4.47 23.27 10.66
N VAL P 56 4.42 24.25 9.75
CA VAL P 56 5.64 24.96 9.36
C VAL P 56 6.21 25.73 10.55
N ASN P 57 5.33 26.30 11.38
CA ASN P 57 5.78 26.99 12.60
C ASN P 57 6.40 26.02 13.60
N ILE P 58 5.90 24.79 13.65
CA ILE P 58 6.50 23.83 14.56
C ILE P 58 7.92 23.50 14.09
N LYS P 59 8.14 23.46 12.77
CA LYS P 59 9.48 23.20 12.25
C LYS P 59 10.38 24.42 12.35
N SER P 60 9.78 25.62 12.31
CA SER P 60 10.54 26.84 12.59
C SER P 60 10.98 26.89 14.04
N THR P 61 10.02 26.80 14.97
CA THR P 61 10.37 26.79 16.39
C THR P 61 11.31 25.62 16.72
N GLU P 62 11.10 24.47 16.06
CA GLU P 62 11.97 23.29 16.30
C GLU P 62 13.40 23.57 15.85
N ARG P 63 13.58 24.20 14.69
CA ARG P 63 14.91 24.57 14.24
C ARG P 63 15.49 25.70 15.09
N LYS P 64 14.65 26.63 15.57
CA LYS P 64 15.06 27.69 16.48
C LYS P 64 15.28 27.20 17.90
N VAL P 65 14.94 25.95 18.19
CA VAL P 65 15.20 25.38 19.50
C VAL P 65 16.48 24.57 19.50
N ARG P 66 16.74 23.80 18.42
CA ARG P 66 17.89 22.90 18.38
C ARG P 66 19.21 23.67 18.54
N GLN P 67 19.46 24.65 17.64
CA GLN P 67 20.67 25.46 17.71
C GLN P 67 20.84 26.10 19.09
N LEU P 68 19.71 26.48 19.70
CA LEU P 68 19.67 27.11 21.01
C LEU P 68 20.28 26.17 22.05
N GLY Q 2 53.68 14.37 4.59
CA GLY Q 2 53.66 15.09 5.85
C GLY Q 2 52.34 15.06 6.58
N ASN Q 3 52.23 15.82 7.69
CA ASN Q 3 51.01 15.88 8.50
C ASN Q 3 50.31 17.23 8.48
N ASP Q 4 50.92 18.27 7.90
CA ASP Q 4 50.13 19.35 7.34
C ASP Q 4 49.19 18.79 6.27
N ARG Q 5 49.68 17.81 5.50
CA ARG Q 5 48.96 17.29 4.34
C ARG Q 5 47.69 16.56 4.74
N VAL Q 6 47.74 15.78 5.83
CA VAL Q 6 46.62 14.92 6.18
C VAL Q 6 45.35 15.75 6.39
N ARG Q 7 45.45 16.86 7.12
CA ARG Q 7 44.27 17.69 7.30
C ARG Q 7 43.85 18.35 6.00
N ASN Q 8 44.82 18.65 5.13
CA ASN Q 8 44.49 19.12 3.78
C ASN Q 8 43.65 18.08 3.06
N LEU Q 9 44.20 16.88 2.89
CA LEU Q 9 43.47 15.80 2.25
C LEU Q 9 42.10 15.60 2.90
N GLN Q 10 42.06 15.47 4.23
CA GLN Q 10 40.79 15.23 4.90
C GLN Q 10 39.75 16.31 4.58
N SER Q 11 40.15 17.59 4.61
CA SER Q 11 39.16 18.61 4.31
C SER Q 11 38.68 18.52 2.87
N GLU Q 12 39.57 18.18 1.93
CA GLU Q 12 39.12 17.97 0.55
C GLU Q 12 38.14 16.82 0.46
N VAL Q 13 38.37 15.76 1.25
CA VAL Q 13 37.46 14.61 1.25
C VAL Q 13 36.10 15.05 1.75
N GLU Q 14 36.08 15.72 2.90
CA GLU Q 14 34.84 16.28 3.40
C GLU Q 14 34.16 17.12 2.33
N GLY Q 15 34.94 17.89 1.58
CA GLY Q 15 34.36 18.74 0.58
C GLY Q 15 33.60 17.93 -0.44
N VAL Q 16 34.19 16.83 -0.89
CA VAL Q 16 33.54 15.96 -1.87
C VAL Q 16 32.36 15.26 -1.23
N LYS Q 17 32.52 14.82 0.02
CA LYS Q 17 31.41 14.26 0.77
C LYS Q 17 30.23 15.22 0.79
N ASN Q 18 30.49 16.52 0.96
CA ASN Q 18 29.40 17.50 0.92
C ASN Q 18 28.61 17.34 -0.38
N ILE Q 19 29.30 17.52 -1.50
CA ILE Q 19 28.64 17.53 -2.80
C ILE Q 19 27.88 16.23 -3.01
N MET Q 20 28.49 15.09 -2.65
CA MET Q 20 27.82 13.81 -2.82
C MET Q 20 26.64 13.65 -1.87
N THR Q 21 26.71 14.26 -0.68
CA THR Q 21 25.58 14.17 0.23
C THR Q 21 24.34 14.80 -0.39
N GLN Q 22 24.48 16.00 -0.96
CA GLN Q 22 23.36 16.67 -1.60
C GLN Q 22 23.14 16.22 -3.04
N ASN Q 23 24.13 15.57 -3.66
CA ASN Q 23 23.82 14.84 -4.88
C ASN Q 23 22.84 13.71 -4.60
N VAL Q 24 23.02 13.01 -3.47
CA VAL Q 24 22.09 11.93 -3.13
C VAL Q 24 20.69 12.50 -2.90
N GLU Q 25 20.60 13.60 -2.15
CA GLU Q 25 19.30 14.27 -1.98
C GLU Q 25 18.72 14.70 -3.32
N ARG Q 26 19.55 15.29 -4.18
CA ARG Q 26 18.99 15.78 -5.43
C ARG Q 26 18.43 14.64 -6.28
N ILE Q 27 19.00 13.44 -6.16
CA ILE Q 27 18.52 12.33 -6.99
C ILE Q 27 17.40 11.54 -6.32
N LEU Q 28 17.28 11.60 -5.00
CA LEU Q 28 16.08 11.08 -4.38
C LEU Q 28 14.87 11.93 -4.76
N ALA Q 29 15.07 13.26 -4.81
CA ALA Q 29 14.09 14.18 -5.34
C ALA Q 29 13.70 13.83 -6.77
N ARG Q 30 14.66 13.36 -7.57
CA ARG Q 30 14.34 12.96 -8.94
C ARG Q 30 13.40 11.78 -8.94
N GLY Q 31 13.63 10.81 -8.05
CA GLY Q 31 12.80 9.62 -7.99
C GLY Q 31 11.34 9.98 -7.79
N GLU Q 32 11.07 10.95 -6.91
CA GLU Q 32 9.69 11.36 -6.76
C GLU Q 32 9.22 12.10 -8.00
N ASN Q 33 10.11 12.85 -8.63
CA ASN Q 33 9.77 13.54 -9.87
C ASN Q 33 9.38 12.52 -10.94
N LEU Q 34 10.11 11.41 -11.00
CA LEU Q 34 9.86 10.39 -12.01
C LEU Q 34 8.66 9.53 -11.65
N GLU Q 35 8.44 9.26 -10.35
CA GLU Q 35 7.25 8.51 -9.94
C GLU Q 35 5.98 9.24 -10.35
N HIS Q 36 5.86 10.53 -10.00
CA HIS Q 36 4.77 11.34 -10.52
C HIS Q 36 4.72 11.30 -12.03
N LEU Q 37 5.87 11.32 -12.70
CA LEU Q 37 5.81 11.25 -14.15
C LEU Q 37 5.42 9.86 -14.62
N ARG Q 38 5.82 8.81 -13.89
CA ARG Q 38 5.39 7.45 -14.23
C ARG Q 38 3.87 7.33 -14.24
N ASN Q 39 3.21 7.94 -13.25
CA ASN Q 39 1.75 7.85 -13.17
C ASN Q 39 1.08 8.60 -14.32
N LYS Q 40 1.44 9.89 -14.49
CA LYS Q 40 0.77 10.71 -15.50
C LYS Q 40 0.87 10.10 -16.90
N THR Q 41 1.90 9.31 -17.17
CA THR Q 41 1.99 8.61 -18.44
C THR Q 41 1.20 7.31 -18.45
N GLU Q 42 1.00 6.67 -17.28
CA GLU Q 42 0.08 5.55 -17.19
C GLU Q 42 -1.35 6.01 -17.43
N ASP Q 43 -1.73 7.13 -16.82
CA ASP Q 43 -3.00 7.77 -17.13
C ASP Q 43 -3.09 8.11 -18.61
N LEU Q 44 -1.98 8.54 -19.20
CA LEU Q 44 -1.99 8.90 -20.61
C LEU Q 44 -2.26 7.69 -21.49
N GLU Q 45 -1.91 6.48 -21.02
CA GLU Q 45 -2.18 5.29 -21.82
C GLU Q 45 -3.67 4.96 -21.85
N ALA Q 46 -4.29 4.80 -20.68
CA ALA Q 46 -5.73 4.49 -20.64
C ALA Q 46 -6.55 5.58 -21.33
N THR Q 47 -6.14 6.84 -21.23
CA THR Q 47 -6.79 7.91 -21.99
C THR Q 47 -6.53 7.76 -23.49
N SER Q 48 -5.48 7.04 -23.88
CA SER Q 48 -5.21 6.81 -25.29
C SER Q 48 -5.93 5.59 -25.84
N GLU Q 49 -6.27 4.60 -25.01
CA GLU Q 49 -7.11 3.50 -25.45
C GLU Q 49 -8.61 3.75 -25.21
N HIS Q 50 -8.95 4.73 -24.36
CA HIS Q 50 -10.27 5.36 -24.43
C HIS Q 50 -10.45 6.13 -25.75
N PHE Q 51 -9.34 6.45 -26.42
CA PHE Q 51 -9.32 7.13 -27.70
C PHE Q 51 -9.16 6.18 -28.87
N LYS Q 52 -8.41 5.08 -28.70
CA LYS Q 52 -8.30 4.08 -29.74
C LYS Q 52 -9.65 3.44 -30.04
N THR Q 53 -10.47 3.23 -29.01
CA THR Q 53 -11.73 2.53 -29.12
C THR Q 53 -12.91 3.45 -29.43
N THR Q 54 -12.74 4.76 -29.35
CA THR Q 54 -13.70 5.73 -29.87
C THR Q 54 -13.25 6.30 -31.22
N SER Q 55 -12.09 5.86 -31.70
CA SER Q 55 -11.78 5.91 -33.12
C SER Q 55 -12.15 4.62 -33.83
N GLN Q 56 -12.38 3.55 -33.07
CA GLN Q 56 -12.97 2.32 -33.58
C GLN Q 56 -14.49 2.28 -33.37
N LYS Q 57 -15.06 3.36 -32.84
CA LYS Q 57 -16.50 3.48 -32.57
C LYS Q 57 -17.23 4.33 -33.59
N VAL Q 58 -16.59 5.42 -34.08
CA VAL Q 58 -17.17 6.22 -35.15
C VAL Q 58 -16.77 5.72 -36.53
N ALA Q 59 -15.66 4.96 -36.64
CA ALA Q 59 -15.27 4.29 -37.88
C ALA Q 59 -15.90 2.90 -38.00
N ARG Q 60 -16.98 2.63 -37.27
CA ARG Q 60 -17.71 1.36 -37.28
C ARG Q 60 -19.20 1.51 -37.55
N LYS Q 61 -19.85 2.53 -36.98
CA LYS Q 61 -21.27 2.76 -37.18
C LYS Q 61 -21.59 4.06 -37.90
N PHE Q 62 -20.59 4.91 -38.16
CA PHE Q 62 -20.75 6.06 -39.06
C PHE Q 62 -19.46 6.37 -39.81
N ALA R 27 50.23 12.47 15.13
CA ALA R 27 51.01 12.25 13.93
C ALA R 27 50.33 11.25 12.98
N ALA R 28 50.31 9.97 13.38
CA ALA R 28 49.80 8.89 12.55
C ALA R 28 48.37 8.48 12.89
N GLU R 29 47.61 9.36 13.54
CA GLU R 29 46.21 9.09 13.87
C GLU R 29 45.27 9.67 12.81
N SER R 30 45.46 10.93 12.44
CA SER R 30 44.59 11.52 11.42
C SER R 30 44.74 10.80 10.07
N TRP R 31 45.66 9.83 9.93
CA TRP R 31 45.69 8.96 8.76
C TRP R 31 44.51 8.01 8.77
N GLU R 32 44.24 7.42 9.92
CA GLU R 32 43.11 6.51 10.03
C GLU R 32 41.79 7.25 9.87
N THR R 33 41.72 8.51 10.29
CA THR R 33 40.48 9.26 10.10
C THR R 33 40.30 9.63 8.64
N LEU R 34 41.40 9.89 7.93
CA LEU R 34 41.32 10.11 6.49
C LEU R 34 40.81 8.86 5.78
N GLU R 35 41.26 7.68 6.24
CA GLU R 35 40.81 6.43 5.66
C GLU R 35 39.32 6.23 5.92
N ALA R 36 38.89 6.46 7.17
CA ALA R 36 37.47 6.40 7.48
C ALA R 36 36.68 7.37 6.59
N ASP R 37 37.08 8.65 6.57
CA ASP R 37 36.44 9.61 5.67
C ASP R 37 36.43 9.14 4.24
N LEU R 38 37.49 8.47 3.77
CA LEU R 38 37.45 8.06 2.37
C LEU R 38 36.54 6.85 2.17
N ILE R 39 36.50 5.94 3.14
CA ILE R 39 35.48 4.89 3.12
C ILE R 39 34.10 5.50 3.02
N GLU R 40 33.77 6.38 3.96
CA GLU R 40 32.49 7.08 3.96
C GLU R 40 32.19 7.75 2.62
N LEU R 41 33.20 8.31 1.96
CA LEU R 41 32.97 8.93 0.65
C LEU R 41 32.79 7.88 -0.44
N SER R 42 33.51 6.76 -0.32
CA SER R 42 33.20 5.60 -1.16
C SER R 42 31.75 5.16 -0.93
N GLN R 43 31.31 5.17 0.33
CA GLN R 43 29.94 4.77 0.65
C GLN R 43 28.92 5.65 -0.09
N LEU R 44 29.06 6.97 -0.02
CA LEU R 44 28.10 7.87 -0.67
C LEU R 44 28.13 7.72 -2.18
N VAL R 45 29.30 7.63 -2.78
CA VAL R 45 29.39 7.39 -4.22
C VAL R 45 28.68 6.10 -4.59
N THR R 46 28.99 5.00 -3.89
CA THR R 46 28.31 3.73 -4.14
C THR R 46 26.79 3.87 -4.02
N ASP R 47 26.32 4.53 -2.95
CA ASP R 47 24.89 4.69 -2.71
C ASP R 47 24.24 5.53 -3.80
N PHE R 48 24.94 6.57 -4.26
CA PHE R 48 24.37 7.41 -5.30
C PHE R 48 24.16 6.61 -6.57
N SER R 49 25.20 5.90 -7.01
CA SER R 49 25.06 5.05 -8.18
C SER R 49 23.90 4.08 -8.02
N LEU R 50 23.69 3.56 -6.81
CA LEU R 50 22.60 2.62 -6.55
C LEU R 50 21.24 3.23 -6.90
N LEU R 51 20.98 4.46 -6.43
CA LEU R 51 19.72 5.13 -6.72
C LEU R 51 19.55 5.46 -8.22
N VAL R 52 20.58 6.02 -8.87
CA VAL R 52 20.57 6.16 -10.33
C VAL R 52 20.13 4.86 -10.97
N ASN R 53 20.69 3.74 -10.49
CA ASN R 53 20.47 2.41 -11.07
C ASN R 53 19.01 1.98 -10.94
N SER R 54 18.41 2.18 -9.76
CA SER R 54 17.03 1.74 -9.58
C SER R 54 16.02 2.69 -10.17
N GLN R 55 16.42 3.92 -10.46
CA GLN R 55 15.49 4.78 -11.17
C GLN R 55 15.37 4.40 -12.64
N GLN R 56 16.19 3.45 -13.13
CA GLN R 56 15.99 2.98 -14.50
C GLN R 56 14.58 2.44 -14.67
N GLU R 57 14.09 1.68 -13.70
CA GLU R 57 12.76 1.06 -13.82
C GLU R 57 11.72 2.13 -14.12
N LYS R 58 11.76 3.25 -13.38
CA LYS R 58 10.78 4.30 -13.59
C LYS R 58 10.99 5.00 -14.93
N ILE R 59 12.25 5.28 -15.29
CA ILE R 59 12.56 5.91 -16.58
C ILE R 59 12.00 5.07 -17.72
N ASP R 60 12.37 3.81 -17.77
CA ASP R 60 11.89 3.00 -18.89
C ASP R 60 10.38 2.80 -18.83
N SER R 61 9.83 2.60 -17.62
CA SER R 61 8.38 2.46 -17.51
C SER R 61 7.66 3.70 -18.04
N ILE R 62 8.30 4.88 -17.93
CA ILE R 62 7.75 6.10 -18.50
C ILE R 62 7.74 6.02 -20.02
N ALA R 63 8.91 5.75 -20.61
CA ALA R 63 8.98 5.62 -22.06
C ALA R 63 8.09 4.50 -22.57
N ASP R 64 7.88 3.47 -21.76
CA ASP R 64 7.00 2.38 -22.16
C ASP R 64 5.56 2.87 -22.27
N HIS R 65 5.01 3.43 -21.19
CA HIS R 65 3.64 3.91 -21.21
C HIS R 65 3.43 4.90 -22.34
N VAL R 66 4.33 5.87 -22.47
CA VAL R 66 4.19 6.92 -23.47
C VAL R 66 4.17 6.33 -24.88
N ASN R 67 5.02 5.33 -25.15
CA ASN R 67 5.02 4.72 -26.48
C ASN R 67 3.73 3.95 -26.74
N SER R 68 3.17 3.34 -25.70
CA SER R 68 1.92 2.61 -25.86
C SER R 68 0.76 3.56 -26.12
N ALA R 69 0.77 4.73 -25.49
CA ALA R 69 -0.19 5.77 -25.84
C ALA R 69 0.10 6.35 -27.23
N ALA R 70 1.37 6.33 -27.65
CA ALA R 70 1.76 6.97 -28.90
C ALA R 70 1.23 6.25 -30.13
N VAL R 71 0.94 4.96 -30.02
CA VAL R 71 0.35 4.22 -31.13
C VAL R 71 -1.14 4.10 -30.90
N ASN R 72 -1.56 4.08 -29.63
CA ASN R 72 -2.98 4.21 -29.32
C ASN R 72 -3.54 5.56 -29.76
N VAL R 73 -2.68 6.52 -30.07
CA VAL R 73 -3.09 7.75 -30.74
C VAL R 73 -2.78 7.70 -32.23
N GLU R 74 -1.83 6.86 -32.64
CA GLU R 74 -1.69 6.55 -34.07
C GLU R 74 -2.90 5.78 -34.57
N GLU R 75 -3.29 4.72 -33.86
CA GLU R 75 -4.45 3.91 -34.20
C GLU R 75 -5.76 4.67 -34.06
N GLY R 76 -5.73 5.92 -33.63
CA GLY R 76 -6.95 6.69 -33.56
C GLY R 76 -6.99 7.69 -34.70
N THR R 77 -5.89 8.44 -34.86
CA THR R 77 -5.76 9.43 -35.92
C THR R 77 -5.71 8.79 -37.30
N LYS R 78 -5.33 7.51 -37.39
CA LYS R 78 -5.47 6.82 -38.66
C LYS R 78 -6.83 6.15 -38.80
N ASN R 79 -7.47 5.75 -37.68
CA ASN R 79 -8.79 5.14 -37.68
C ASN R 79 -9.86 6.13 -38.12
N LEU R 80 -9.46 7.31 -38.58
CA LEU R 80 -10.35 8.23 -39.29
C LEU R 80 -9.94 8.42 -40.74
N GLY R 81 -8.66 8.73 -40.99
CA GLY R 81 -8.12 8.80 -42.35
C GLY R 81 -8.71 9.85 -43.25
N ARG S 2 68.82 2.97 24.74
CA ARG S 2 67.41 3.29 24.51
C ARG S 2 67.22 3.85 23.10
N GLN S 3 68.33 4.05 22.41
CA GLN S 3 68.36 4.48 21.01
C GLN S 3 67.99 3.37 20.04
N GLN S 4 67.76 2.15 20.52
CA GLN S 4 67.39 1.02 19.67
C GLN S 4 65.87 0.82 19.60
N TYR S 5 65.16 1.14 20.69
CA TYR S 5 63.71 1.01 20.70
C TYR S 5 63.04 2.15 19.92
N LEU S 6 63.55 3.37 20.08
CA LEU S 6 63.00 4.50 19.34
C LEU S 6 63.18 4.33 17.84
N ARG S 7 64.27 3.67 17.42
CA ARG S 7 64.43 3.34 16.00
C ARG S 7 63.38 2.31 15.57
N GLN S 8 63.06 1.36 16.45
CA GLN S 8 62.06 0.36 16.11
C GLN S 8 60.70 1.02 15.86
N GLU S 9 60.27 1.90 16.77
CA GLU S 9 58.91 2.42 16.72
C GLU S 9 58.72 3.51 15.68
N VAL S 10 59.79 4.22 15.28
CA VAL S 10 59.66 5.19 14.20
C VAL S 10 59.51 4.47 12.87
N LEU S 11 60.18 3.33 12.71
CA LEU S 11 60.02 2.52 11.51
C LEU S 11 58.61 1.94 11.42
N ARG S 12 58.06 1.49 12.54
CA ARG S 12 56.71 0.93 12.50
C ARG S 12 55.67 2.02 12.22
N ARG S 13 55.75 3.15 12.92
CA ARG S 13 54.90 4.30 12.60
C ARG S 13 54.79 4.52 11.10
N ALA S 14 55.92 4.38 10.39
CA ALA S 14 55.92 4.62 8.95
C ALA S 14 55.39 3.42 8.17
N GLU S 15 55.62 2.19 8.66
CA GLU S 15 54.99 1.04 8.03
C GLU S 15 53.48 1.20 8.02
N ALA S 16 52.94 1.77 9.10
CA ALA S 16 51.51 1.96 9.23
C ALA S 16 50.99 2.96 8.21
N THR S 17 51.61 4.14 8.18
CA THR S 17 51.07 5.21 7.35
C THR S 17 51.30 4.95 5.86
N ALA S 18 52.31 4.17 5.49
CA ALA S 18 52.38 3.63 4.15
C ALA S 18 51.18 2.71 3.89
N ALA S 19 50.88 1.84 4.83
CA ALA S 19 49.75 0.94 4.68
C ALA S 19 48.43 1.71 4.66
N SER S 20 48.27 2.67 5.56
CA SER S 20 47.01 3.40 5.59
C SER S 20 46.83 4.20 4.31
N THR S 21 47.83 4.97 3.94
CA THR S 21 47.67 5.78 2.75
C THR S 21 47.49 4.90 1.52
N SER S 22 48.10 3.71 1.51
CA SER S 22 47.86 2.79 0.39
C SER S 22 46.39 2.45 0.29
N ARG S 23 45.77 2.10 1.42
CA ARG S 23 44.36 1.74 1.38
C ARG S 23 43.52 2.95 1.03
N SER S 24 43.92 4.12 1.52
CA SER S 24 43.20 5.36 1.22
C SER S 24 43.23 5.64 -0.27
N LEU S 25 44.42 5.57 -0.87
CA LEU S 25 44.55 5.87 -2.30
C LEU S 25 43.63 4.96 -3.09
N ALA S 26 43.46 3.72 -2.66
CA ALA S 26 42.70 2.80 -3.47
C ALA S 26 41.20 3.05 -3.33
N LEU S 27 40.75 3.50 -2.15
CA LEU S 27 39.35 3.88 -2.00
C LEU S 27 39.01 5.00 -2.97
N MET S 28 39.93 5.95 -3.14
CA MET S 28 39.66 7.03 -4.08
C MET S 28 39.57 6.52 -5.51
N TYR S 29 40.42 5.55 -5.87
CA TYR S 29 40.33 5.04 -7.23
C TYR S 29 39.04 4.24 -7.43
N GLU S 30 38.57 3.52 -6.41
CA GLU S 30 37.24 2.94 -6.46
C GLU S 30 36.18 4.00 -6.73
N SER S 31 36.13 5.01 -5.86
CA SER S 31 35.10 6.04 -5.96
C SER S 31 35.08 6.70 -7.34
N GLU S 32 36.26 7.05 -7.86
CA GLU S 32 36.31 7.64 -9.18
C GLU S 32 35.70 6.72 -10.23
N LYS S 33 35.86 5.42 -10.09
CA LYS S 33 35.38 4.53 -11.14
C LYS S 33 33.86 4.38 -11.09
N VAL S 34 33.32 4.09 -9.90
CA VAL S 34 31.88 4.00 -9.77
C VAL S 34 31.23 5.33 -10.06
N GLY S 35 31.84 6.41 -9.57
CA GLY S 35 31.44 7.75 -9.90
C GLY S 35 31.29 8.00 -11.38
N VAL S 36 32.37 7.82 -12.17
CA VAL S 36 32.26 8.06 -13.61
C VAL S 36 31.19 7.16 -14.17
N ALA S 37 31.06 5.96 -13.63
CA ALA S 37 30.14 5.02 -14.24
C ALA S 37 28.70 5.52 -14.09
N SER S 38 28.34 6.01 -12.91
CA SER S 38 26.96 6.45 -12.75
C SER S 38 26.71 7.71 -13.54
N SER S 39 27.70 8.60 -13.62
CA SER S 39 27.56 9.78 -14.47
C SER S 39 27.23 9.36 -15.89
N GLU S 40 27.96 8.37 -16.41
CA GLU S 40 27.62 7.83 -17.72
C GLU S 40 26.20 7.30 -17.75
N GLU S 41 25.76 6.65 -16.67
CA GLU S 41 24.42 6.08 -16.72
C GLU S 41 23.37 7.17 -16.58
N LEU S 42 23.57 8.11 -15.64
CA LEU S 42 22.72 9.29 -15.59
C LEU S 42 22.57 9.93 -16.96
N ALA S 43 23.64 9.91 -17.74
CA ALA S 43 23.57 10.56 -19.05
C ALA S 43 22.76 9.73 -20.04
N ARG S 44 22.99 8.40 -20.10
CA ARG S 44 22.17 7.53 -20.96
C ARG S 44 20.69 7.80 -20.69
N GLN S 45 20.35 7.95 -19.41
CA GLN S 45 18.97 8.16 -19.00
C GLN S 45 18.41 9.48 -19.52
N ARG S 46 19.20 10.55 -19.50
CA ARG S 46 18.70 11.79 -20.08
C ARG S 46 18.21 11.59 -21.50
N GLY S 47 18.95 10.81 -22.30
CA GLY S 47 18.57 10.58 -23.69
C GLY S 47 17.26 9.84 -23.86
N VAL S 48 16.94 8.95 -22.90
CA VAL S 48 15.66 8.26 -22.90
C VAL S 48 14.52 9.25 -22.67
N LEU S 49 14.75 10.24 -21.80
CA LEU S 49 13.72 11.26 -21.57
C LEU S 49 13.59 12.16 -22.79
N GLU S 50 14.69 12.49 -23.44
CA GLU S 50 14.64 13.24 -24.69
C GLU S 50 13.76 12.53 -25.72
N ARG S 51 13.95 11.22 -25.88
CA ARG S 51 13.14 10.44 -26.80
C ARG S 51 11.69 10.30 -26.34
N THR S 52 11.41 10.48 -25.06
CA THR S 52 10.01 10.52 -24.63
C THR S 52 9.38 11.86 -24.96
N GLU S 53 10.19 12.93 -24.98
CA GLU S 53 9.73 14.19 -25.53
C GLU S 53 9.40 14.06 -27.02
N LYS S 54 10.33 13.48 -27.81
CA LYS S 54 10.07 13.30 -29.25
C LYS S 54 8.72 12.61 -29.47
N MET S 55 8.40 11.62 -28.64
CA MET S 55 7.16 10.89 -28.86
C MET S 55 5.93 11.71 -28.47
N VAL S 56 6.07 12.61 -27.49
CA VAL S 56 4.95 13.46 -27.09
C VAL S 56 4.71 14.54 -28.13
N ASP S 57 5.79 15.10 -28.68
CA ASP S 57 5.67 16.07 -29.77
C ASP S 57 4.99 15.44 -30.99
N LYS S 58 5.38 14.21 -31.35
CA LYS S 58 4.71 13.50 -32.43
C LYS S 58 3.25 13.23 -32.09
N MET S 59 2.92 13.17 -30.80
CA MET S 59 1.57 12.82 -30.39
C MET S 59 0.64 14.03 -30.41
N ASP S 60 1.08 15.17 -29.87
CA ASP S 60 0.29 16.38 -30.05
C ASP S 60 0.21 16.78 -31.51
N GLN S 61 1.22 16.40 -32.31
CA GLN S 61 1.13 16.48 -33.77
C GLN S 61 -0.04 15.67 -34.30
N ASP S 62 -0.39 14.57 -33.64
CA ASP S 62 -1.50 13.72 -34.08
C ASP S 62 -2.85 14.33 -33.76
N LEU S 63 -3.01 14.89 -32.55
CA LEU S 63 -4.29 15.50 -32.19
C LEU S 63 -4.60 16.73 -33.03
N LYS S 64 -3.58 17.37 -33.63
CA LYS S 64 -3.81 18.44 -34.59
C LYS S 64 -4.37 17.88 -35.89
N ILE S 65 -3.74 16.83 -36.42
CA ILE S 65 -4.21 16.19 -37.64
C ILE S 65 -5.28 15.16 -37.27
N SER S 66 -5.85 15.32 -36.06
CA SER S 66 -7.12 14.72 -35.68
C SER S 66 -8.22 15.75 -35.42
N GLN S 67 -7.86 16.99 -35.05
CA GLN S 67 -8.80 18.11 -35.09
C GLN S 67 -8.95 18.69 -36.49
N LYS S 68 -8.05 18.33 -37.41
CA LYS S 68 -8.20 18.60 -38.83
C LYS S 68 -9.07 17.54 -39.51
N HIS S 69 -9.10 16.32 -38.94
CA HIS S 69 -10.02 15.28 -39.37
C HIS S 69 -11.42 15.50 -38.77
N ILE S 70 -11.50 15.58 -37.43
CA ILE S 70 -12.78 15.65 -36.73
C ILE S 70 -13.55 16.95 -36.97
N ASN S 71 -12.91 18.01 -37.45
CA ASN S 71 -13.59 19.24 -37.86
C ASN S 71 -13.92 19.29 -39.35
N SER S 72 -13.13 18.63 -40.20
CA SER S 72 -13.54 18.45 -41.60
C SER S 72 -14.46 17.25 -41.78
N ILE S 73 -14.63 16.42 -40.75
CA ILE S 73 -15.69 15.42 -40.73
C ILE S 73 -17.03 16.07 -40.38
N LYS S 74 -17.02 17.09 -39.51
CA LYS S 74 -18.24 17.80 -39.10
C LYS S 74 -18.80 18.71 -40.19
N SER S 75 -18.04 18.98 -41.25
CA SER S 75 -18.53 19.80 -42.36
C SER S 75 -19.15 18.95 -43.48
N LYS T 1 66.09 -0.84 7.36
CA LYS T 1 66.10 -0.06 8.59
C LYS T 1 66.34 1.42 8.27
N ASN T 2 67.44 1.70 7.57
CA ASN T 2 67.80 2.98 6.98
C ASN T 2 67.34 3.04 5.52
N PRO T 3 67.53 1.96 4.71
CA PRO T 3 66.92 1.97 3.38
C PRO T 3 65.43 1.68 3.48
N HIS T 4 65.05 0.93 4.51
CA HIS T 4 63.65 0.55 4.65
C HIS T 4 62.81 1.72 5.11
N LEU T 5 63.36 2.62 5.92
CA LEU T 5 62.61 3.83 6.24
C LEU T 5 62.38 4.69 5.00
N ARG T 6 63.43 4.97 4.25
CA ARG T 6 63.27 5.78 3.06
C ARG T 6 62.20 5.17 2.15
N ALA T 7 62.15 3.84 2.10
CA ALA T 7 61.13 3.16 1.28
C ALA T 7 59.71 3.53 1.72
N TYR T 8 59.48 3.54 3.04
CA TYR T 8 58.18 3.95 3.56
C TYR T 8 57.87 5.39 3.20
N HIS T 9 58.83 6.30 3.43
CA HIS T 9 58.59 7.70 3.12
C HIS T 9 58.26 7.90 1.65
N GLN T 10 58.86 7.10 0.77
CA GLN T 10 58.62 7.26 -0.66
C GLN T 10 57.19 6.85 -1.03
N LYS T 11 56.71 5.72 -0.51
CA LYS T 11 55.33 5.31 -0.77
C LYS T 11 54.32 6.29 -0.22
N ILE T 12 54.65 6.94 0.90
CA ILE T 12 53.77 7.94 1.47
C ILE T 12 53.72 9.18 0.58
N ASP T 13 54.89 9.75 0.26
CA ASP T 13 54.96 10.94 -0.57
C ASP T 13 54.27 10.73 -1.92
N SER T 14 54.27 9.50 -2.42
CA SER T 14 53.61 9.20 -3.69
C SER T 14 52.12 8.93 -3.53
N ASN T 15 51.73 8.17 -2.49
CA ASN T 15 50.31 8.01 -2.17
C ASN T 15 49.65 9.36 -2.02
N LEU T 16 50.18 10.20 -1.12
CA LEU T 16 49.52 11.45 -0.78
C LEU T 16 49.40 12.37 -1.98
N ASP T 17 50.39 12.36 -2.87
CA ASP T 17 50.32 13.19 -4.06
C ASP T 17 49.29 12.66 -5.06
N GLU T 18 49.34 11.36 -5.37
CA GLU T 18 48.32 10.79 -6.25
C GLU T 18 46.93 10.89 -5.63
N LEU T 19 46.86 10.78 -4.29
CA LEU T 19 45.60 10.97 -3.59
C LEU T 19 45.08 12.40 -3.72
N SER T 20 45.92 13.38 -3.38
CA SER T 20 45.57 14.79 -3.55
C SER T 20 45.08 15.08 -4.95
N MET T 21 45.83 14.64 -5.96
CA MET T 21 45.39 14.81 -7.34
C MET T 21 44.08 14.10 -7.58
N GLY T 22 43.90 12.91 -6.99
CA GLY T 22 42.71 12.14 -7.27
C GLY T 22 41.46 12.80 -6.72
N LEU T 23 41.57 13.45 -5.55
CA LEU T 23 40.41 14.07 -4.93
C LEU T 23 39.92 15.30 -5.69
N GLY T 24 40.82 16.00 -6.38
CA GLY T 24 40.38 17.03 -7.29
C GLY T 24 39.51 16.46 -8.39
N ARG T 25 39.95 15.35 -8.99
CA ARG T 25 39.16 14.63 -9.98
C ARG T 25 37.77 14.24 -9.45
N LEU T 26 37.72 13.73 -8.22
CA LEU T 26 36.45 13.34 -7.63
C LEU T 26 35.53 14.52 -7.42
N LYS T 27 36.06 15.67 -6.99
CA LYS T 27 35.22 16.86 -6.88
C LYS T 27 34.63 17.22 -8.23
N ASP T 28 35.40 17.06 -9.30
CA ASP T 28 34.88 17.30 -10.65
C ASP T 28 33.70 16.38 -10.95
N ILE T 29 33.86 15.09 -10.67
CA ILE T 29 32.80 14.13 -10.95
C ILE T 29 31.53 14.49 -10.18
N ALA T 30 31.68 14.74 -8.87
CA ALA T 30 30.55 15.14 -8.04
C ALA T 30 29.84 16.39 -8.57
N LEU T 31 30.57 17.31 -9.20
CA LEU T 31 29.91 18.53 -9.64
C LEU T 31 29.18 18.36 -10.98
N GLY T 32 29.65 17.45 -11.84
CA GLY T 32 28.95 17.22 -13.09
C GLY T 32 27.71 16.38 -12.90
N MET T 33 27.69 15.54 -11.87
CA MET T 33 26.44 14.95 -11.42
C MET T 33 25.47 16.04 -11.03
N GLN T 34 25.91 16.95 -10.17
CA GLN T 34 25.04 18.03 -9.71
C GLN T 34 24.44 18.78 -10.88
N THR T 35 25.24 18.96 -11.94
CA THR T 35 24.83 19.71 -13.12
C THR T 35 23.83 18.91 -13.95
N GLU T 36 24.09 17.62 -14.14
CA GLU T 36 23.17 16.81 -14.92
C GLU T 36 21.82 16.74 -14.24
N ILE T 37 21.82 16.55 -12.91
CA ILE T 37 20.57 16.47 -12.19
C ILE T 37 19.79 17.77 -12.37
N GLU T 38 20.46 18.91 -12.23
CA GLU T 38 19.86 20.21 -12.58
C GLU T 38 19.22 20.18 -13.95
N GLU T 39 19.93 19.63 -14.94
CA GLU T 39 19.45 19.72 -16.31
C GLU T 39 18.25 18.81 -16.54
N GLN T 40 18.22 17.64 -15.88
CA GLN T 40 17.08 16.75 -16.04
C GLN T 40 15.82 17.27 -15.37
N ASP T 41 15.96 17.99 -14.24
CA ASP T 41 14.78 18.61 -13.63
C ASP T 41 14.04 19.47 -14.64
N ASP T 42 14.78 20.24 -15.44
CA ASP T 42 14.15 21.05 -16.47
C ASP T 42 13.48 20.16 -17.51
N ILE T 43 14.20 19.18 -18.04
CA ILE T 43 13.63 18.24 -19.02
C ILE T 43 12.34 17.64 -18.49
N LEU T 44 12.33 17.28 -17.21
CA LEU T 44 11.16 16.62 -16.62
C LEU T 44 9.98 17.56 -16.50
N ASP T 45 10.20 18.81 -16.12
CA ASP T 45 9.10 19.77 -16.13
C ASP T 45 8.50 19.91 -17.52
N ARG T 46 9.34 20.14 -18.53
CA ARG T 46 8.87 20.15 -19.92
C ARG T 46 8.03 18.90 -20.19
N LEU T 47 8.52 17.73 -19.76
CA LEU T 47 7.82 16.48 -20.03
C LEU T 47 6.54 16.39 -19.22
N THR T 48 6.65 16.60 -17.92
CA THR T 48 5.47 16.52 -17.05
C THR T 48 4.38 17.46 -17.54
N THR T 49 4.75 18.66 -17.99
CA THR T 49 3.76 19.60 -18.52
C THR T 49 3.29 19.17 -19.91
N LYS T 50 4.21 18.80 -20.80
CA LYS T 50 3.79 18.39 -22.13
C LYS T 50 2.81 17.21 -22.06
N VAL T 51 3.05 16.28 -21.13
CA VAL T 51 2.15 15.15 -20.95
C VAL T 51 0.77 15.61 -20.48
N ASP T 52 0.73 16.52 -19.51
CA ASP T 52 -0.55 17.03 -19.01
C ASP T 52 -1.35 17.71 -20.11
N LYS T 53 -0.67 18.20 -21.14
CA LYS T 53 -1.32 18.92 -22.23
C LYS T 53 -1.76 17.99 -23.34
N LEU T 54 -1.02 16.90 -23.57
CA LEU T 54 -1.56 15.79 -24.34
C LEU T 54 -2.84 15.26 -23.70
N ASP T 55 -2.82 15.08 -22.37
CA ASP T 55 -3.92 14.44 -21.65
C ASP T 55 -5.20 15.26 -21.69
N VAL T 56 -5.09 16.58 -21.55
CA VAL T 56 -6.26 17.43 -21.72
C VAL T 56 -6.63 17.51 -23.19
N ASN T 57 -5.63 17.52 -24.07
CA ASN T 57 -5.92 17.56 -25.51
C ASN T 57 -6.39 16.21 -26.05
N ILE T 58 -6.10 15.10 -25.38
CA ILE T 58 -6.69 13.82 -25.80
C ILE T 58 -8.14 13.71 -25.32
N LYS T 59 -8.52 14.42 -24.28
CA LYS T 59 -9.90 14.38 -23.82
C LYS T 59 -10.77 15.47 -24.46
N SER T 60 -10.22 16.66 -24.73
CA SER T 60 -10.94 17.63 -25.56
C SER T 60 -11.32 17.03 -26.91
N THR T 61 -10.38 16.33 -27.55
CA THR T 61 -10.61 15.73 -28.86
C THR T 61 -11.31 14.38 -28.78
N GLU T 62 -11.57 13.86 -27.58
CA GLU T 62 -12.49 12.73 -27.41
C GLU T 62 -13.94 13.20 -27.33
N ARG T 63 -14.14 14.46 -26.98
CA ARG T 63 -15.44 15.11 -27.14
C ARG T 63 -15.69 15.50 -28.58
N LYS T 64 -14.67 16.06 -29.24
CA LYS T 64 -14.76 16.51 -30.63
C LYS T 64 -14.86 15.34 -31.61
N VAL T 65 -14.97 14.10 -31.09
CA VAL T 65 -15.12 12.90 -31.91
C VAL T 65 -16.36 12.10 -31.53
N ARG T 66 -17.09 12.49 -30.49
CA ARG T 66 -18.38 11.89 -30.17
C ARG T 66 -19.55 12.83 -30.48
N GLN T 67 -19.37 13.78 -31.41
CA GLN T 67 -20.38 14.78 -31.75
C GLN T 67 -21.42 14.24 -32.73
N GLY U 2 31.07 11.73 26.14
CA GLY U 2 30.76 10.76 27.17
C GLY U 2 31.00 9.30 26.79
N ASN U 3 31.77 8.58 27.61
CA ASN U 3 32.20 7.23 27.25
C ASN U 3 31.04 6.23 27.25
N ASP U 4 30.15 6.31 28.26
CA ASP U 4 29.02 5.38 28.38
C ASP U 4 27.78 5.79 27.59
N ARG U 5 27.60 7.08 27.31
CA ARG U 5 26.70 7.49 26.25
C ARG U 5 27.00 6.69 24.99
N VAL U 6 28.28 6.58 24.64
CA VAL U 6 28.71 5.99 23.38
C VAL U 6 28.65 4.47 23.42
N ARG U 7 29.02 3.83 24.54
CA ARG U 7 28.92 2.39 24.66
C ARG U 7 27.47 1.93 24.57
N ASN U 8 26.54 2.79 25.02
CA ASN U 8 25.11 2.49 24.86
C ASN U 8 24.65 2.76 23.44
N LEU U 9 25.15 3.84 22.82
CA LEU U 9 24.83 4.09 21.42
C LEU U 9 25.41 3.00 20.54
N GLN U 10 26.64 2.56 20.83
CA GLN U 10 27.25 1.50 20.05
C GLN U 10 26.41 0.23 20.13
N SER U 11 26.00 -0.17 21.34
CA SER U 11 25.20 -1.38 21.49
C SER U 11 23.84 -1.27 20.81
N GLU U 12 23.40 -0.06 20.46
CA GLU U 12 22.14 0.09 19.74
C GLU U 12 22.34 -0.20 18.26
N VAL U 13 23.41 0.37 17.67
CA VAL U 13 23.77 0.01 16.30
C VAL U 13 24.00 -1.48 16.18
N GLU U 14 24.69 -2.07 17.16
CA GLU U 14 24.87 -3.51 17.16
C GLU U 14 23.53 -4.23 17.04
N GLY U 15 22.46 -3.66 17.59
CA GLY U 15 21.14 -4.25 17.43
C GLY U 15 20.59 -4.08 16.04
N VAL U 16 20.63 -2.85 15.52
CA VAL U 16 20.14 -2.60 14.17
C VAL U 16 20.93 -3.40 13.15
N LYS U 17 22.23 -3.55 13.37
CA LYS U 17 22.99 -4.46 12.51
C LYS U 17 22.43 -5.86 12.58
N ASN U 18 22.09 -6.33 13.79
CA ASN U 18 21.56 -7.69 13.93
C ASN U 18 20.35 -7.91 13.04
N ILE U 19 19.47 -6.91 12.94
CA ILE U 19 18.26 -7.06 12.15
C ILE U 19 18.56 -6.95 10.65
N MET U 20 19.27 -5.89 10.23
CA MET U 20 19.60 -5.79 8.80
C MET U 20 20.29 -7.05 8.31
N THR U 21 21.16 -7.64 9.14
CA THR U 21 21.87 -8.86 8.74
C THR U 21 20.91 -10.01 8.46
N GLN U 22 19.89 -10.18 9.30
CA GLN U 22 18.85 -11.16 8.99
C GLN U 22 18.04 -10.68 7.80
N ASN U 23 17.80 -9.37 7.70
CA ASN U 23 17.04 -8.84 6.58
C ASN U 23 17.71 -9.22 5.27
N VAL U 24 19.04 -9.27 5.27
CA VAL U 24 19.75 -9.65 4.06
C VAL U 24 19.53 -11.12 3.77
N GLU U 25 19.65 -11.99 4.79
CA GLU U 25 19.33 -13.41 4.61
C GLU U 25 17.91 -13.60 4.13
N ARG U 26 16.96 -12.85 4.69
CA ARG U 26 15.57 -12.98 4.29
C ARG U 26 15.38 -12.65 2.81
N ILE U 27 16.00 -11.56 2.35
CA ILE U 27 15.78 -11.11 0.98
C ILE U 27 16.49 -12.06 0.00
N LEU U 28 17.60 -12.68 0.41
CA LEU U 28 18.27 -13.60 -0.50
C LEU U 28 17.38 -14.78 -0.81
N ALA U 29 16.66 -15.29 0.21
CA ALA U 29 15.71 -16.38 0.02
C ALA U 29 14.53 -15.95 -0.87
N ARG U 30 14.04 -14.72 -0.71
CA ARG U 30 13.04 -14.22 -1.64
C ARG U 30 13.55 -14.29 -3.06
N GLY U 31 14.83 -13.94 -3.27
CA GLY U 31 15.43 -14.11 -4.57
C GLY U 31 15.33 -15.51 -5.09
N GLU U 32 15.33 -16.50 -4.20
CA GLU U 32 15.20 -17.89 -4.65
C GLU U 32 13.75 -18.26 -4.89
N ASN U 33 12.84 -17.80 -4.02
CA ASN U 33 11.41 -17.87 -4.30
C ASN U 33 11.09 -17.29 -5.68
N LEU U 34 11.52 -16.06 -5.92
CA LEU U 34 11.21 -15.39 -7.18
C LEU U 34 11.70 -16.19 -8.36
N GLU U 35 12.85 -16.86 -8.23
CA GLU U 35 13.40 -17.64 -9.33
C GLU U 35 12.47 -18.77 -9.73
N HIS U 36 12.00 -19.57 -8.75
CA HIS U 36 11.04 -20.63 -9.00
C HIS U 36 9.78 -20.09 -9.66
N LEU U 37 9.20 -19.05 -9.05
CA LEU U 37 7.98 -18.47 -9.61
C LEU U 37 8.17 -18.04 -11.07
N ARG U 38 9.31 -17.41 -11.41
CA ARG U 38 9.55 -17.02 -12.81
C ARG U 38 9.52 -18.24 -13.73
N ASN U 39 10.26 -19.29 -13.36
CA ASN U 39 10.24 -20.50 -14.18
C ASN U 39 8.82 -21.05 -14.31
N LYS U 40 8.06 -21.09 -13.22
CA LYS U 40 6.71 -21.63 -13.31
C LYS U 40 5.83 -20.75 -14.21
N THR U 41 5.81 -19.43 -13.99
CA THR U 41 5.09 -18.54 -14.90
C THR U 41 5.59 -18.65 -16.35
N GLU U 42 6.89 -18.84 -16.55
CA GLU U 42 7.41 -19.05 -17.90
C GLU U 42 6.77 -20.27 -18.56
N ASP U 43 6.51 -21.33 -17.78
CA ASP U 43 5.82 -22.52 -18.29
C ASP U 43 4.35 -22.22 -18.56
N LEU U 44 3.73 -21.39 -17.72
CA LEU U 44 2.30 -21.07 -17.88
C LEU U 44 2.05 -20.38 -19.19
N GLU U 45 2.92 -19.45 -19.58
CA GLU U 45 2.80 -18.77 -20.86
C GLU U 45 2.88 -19.76 -22.01
N ALA U 46 3.90 -20.63 -21.97
CA ALA U 46 4.02 -21.69 -22.95
C ALA U 46 2.72 -22.47 -23.07
N THR U 47 2.14 -22.83 -21.94
CA THR U 47 0.97 -23.70 -21.95
C THR U 47 -0.27 -22.94 -22.40
N SER U 48 -0.41 -21.69 -21.97
CA SER U 48 -1.47 -20.85 -22.49
C SER U 48 -1.40 -20.77 -24.02
N GLU U 49 -0.18 -20.63 -24.57
CA GLU U 49 0.01 -20.57 -26.01
C GLU U 49 -0.87 -21.59 -26.72
N HIS U 50 -0.73 -22.86 -26.34
CA HIS U 50 -1.44 -23.91 -27.06
C HIS U 50 -2.95 -23.76 -26.89
N PHE U 51 -3.41 -23.48 -25.67
CA PHE U 51 -4.84 -23.34 -25.47
C PHE U 51 -5.42 -22.23 -26.35
N LYS U 52 -4.66 -21.17 -26.62
CA LYS U 52 -5.16 -20.10 -27.47
C LYS U 52 -5.29 -20.58 -28.91
N THR U 53 -4.30 -21.31 -29.43
CA THR U 53 -4.34 -21.71 -30.83
C THR U 53 -5.38 -22.80 -31.07
N THR U 54 -5.49 -23.77 -30.16
CA THR U 54 -6.48 -24.83 -30.32
C THR U 54 -7.91 -24.28 -30.22
N SER U 55 -8.09 -23.10 -29.64
CA SER U 55 -9.43 -22.51 -29.63
C SER U 55 -9.76 -21.78 -30.92
N GLN U 56 -8.76 -21.18 -31.58
CA GLN U 56 -8.96 -20.60 -32.91
C GLN U 56 -9.46 -21.64 -33.90
N LYS U 57 -9.00 -22.89 -33.77
CA LYS U 57 -9.39 -23.93 -34.71
C LYS U 57 -10.84 -24.38 -34.50
N VAL U 58 -11.35 -24.29 -33.28
CA VAL U 58 -12.68 -24.80 -32.99
C VAL U 58 -13.67 -23.66 -33.07
N ALA U 59 -13.21 -22.50 -33.54
CA ALA U 59 -14.13 -21.50 -34.06
C ALA U 59 -14.21 -21.52 -35.58
N ARG U 60 -13.12 -21.92 -36.25
CA ARG U 60 -13.16 -22.16 -37.69
C ARG U 60 -13.99 -23.41 -38.01
N LYS U 61 -13.68 -24.52 -37.34
CA LYS U 61 -14.43 -25.74 -37.56
C LYS U 61 -15.92 -25.58 -37.25
N PHE U 62 -16.31 -24.57 -36.48
CA PHE U 62 -17.69 -24.39 -36.11
C PHE U 62 -18.34 -23.16 -36.73
N TRP U 63 -17.58 -22.23 -37.29
CA TRP U 63 -18.20 -21.19 -38.10
C TRP U 63 -18.73 -21.78 -39.40
N TRP U 64 -18.01 -22.77 -39.95
CA TRP U 64 -18.48 -23.50 -41.12
C TRP U 64 -19.51 -24.56 -40.77
N LYS U 65 -19.50 -25.10 -39.55
CA LYS U 65 -20.60 -25.94 -39.10
C LYS U 65 -21.91 -25.17 -39.04
N ASN U 66 -21.88 -23.86 -39.20
CA ASN U 66 -23.06 -23.00 -39.14
C ASN U 66 -23.46 -22.43 -40.49
N VAL U 67 -22.52 -22.17 -41.38
CA VAL U 67 -22.83 -21.80 -42.77
C VAL U 67 -21.97 -22.60 -43.72
N ALA V 27 38.50 6.11 27.07
CA ALA V 27 38.41 5.22 25.91
C ALA V 27 38.38 6.01 24.63
N ALA V 28 39.56 6.42 24.16
CA ALA V 28 39.66 7.10 22.88
C ALA V 28 39.18 6.21 21.74
N GLU V 29 39.32 4.90 21.87
CA GLU V 29 38.86 3.97 20.85
C GLU V 29 37.35 3.82 20.82
N SER V 30 36.59 4.44 21.72
CA SER V 30 35.16 4.11 21.77
C SER V 30 34.33 4.94 20.80
N TRP V 31 34.65 6.22 20.59
CA TRP V 31 33.91 6.94 19.55
C TRP V 31 34.29 6.44 18.17
N GLU V 32 35.50 5.89 18.04
CA GLU V 32 35.93 5.34 16.77
C GLU V 32 35.14 4.09 16.43
N THR V 33 34.97 3.19 17.41
CA THR V 33 34.22 1.96 17.15
C THR V 33 32.77 2.28 16.82
N LEU V 34 32.17 3.25 17.50
CA LEU V 34 30.87 3.73 17.07
C LEU V 34 30.90 4.10 15.60
N GLU V 35 31.93 4.83 15.18
CA GLU V 35 32.02 5.20 13.78
C GLU V 35 32.16 3.95 12.91
N ALA V 36 32.91 2.96 13.39
CA ALA V 36 33.15 1.73 12.62
C ALA V 36 31.88 0.92 12.48
N ASP V 37 31.17 0.68 13.60
CA ASP V 37 29.84 0.10 13.56
C ASP V 37 28.92 0.82 12.56
N LEU V 38 28.85 2.15 12.66
CA LEU V 38 27.90 2.91 11.85
C LEU V 38 28.24 2.88 10.37
N ILE V 39 29.53 2.71 10.03
CA ILE V 39 29.90 2.44 8.65
C ILE V 39 29.39 1.06 8.22
N GLU V 40 29.56 0.07 9.09
CA GLU V 40 29.20 -1.30 8.76
C GLU V 40 27.70 -1.45 8.63
N LEU V 41 26.94 -0.76 9.48
CA LEU V 41 25.49 -0.73 9.34
C LEU V 41 25.12 -0.18 7.96
N SER V 42 25.57 1.04 7.64
CA SER V 42 25.28 1.63 6.34
C SER V 42 25.58 0.67 5.18
N GLN V 43 26.60 -0.16 5.34
CA GLN V 43 26.95 -1.12 4.30
C GLN V 43 25.92 -2.23 4.18
N LEU V 44 25.32 -2.65 5.30
CA LEU V 44 24.20 -3.59 5.24
C LEU V 44 23.01 -2.97 4.50
N VAL V 45 22.64 -1.74 4.87
CA VAL V 45 21.53 -1.05 4.22
C VAL V 45 21.75 -0.96 2.72
N THR V 46 22.99 -0.68 2.27
CA THR V 46 23.27 -0.64 0.84
C THR V 46 23.10 -2.02 0.24
N ASP V 47 23.70 -3.03 0.88
CA ASP V 47 23.60 -4.41 0.40
C ASP V 47 22.14 -4.86 0.33
N PHE V 48 21.35 -4.51 1.34
CA PHE V 48 19.93 -4.87 1.30
C PHE V 48 19.24 -4.21 0.12
N SER V 49 19.49 -2.92 -0.11
CA SER V 49 18.95 -2.23 -1.29
C SER V 49 19.39 -2.88 -2.58
N LEU V 50 20.65 -3.28 -2.67
CA LEU V 50 21.14 -3.83 -3.92
C LEU V 50 20.35 -5.06 -4.31
N LEU V 51 20.05 -5.92 -3.33
CA LEU V 51 19.33 -7.15 -3.60
C LEU V 51 17.88 -6.86 -4.00
N VAL V 52 17.20 -6.00 -3.26
CA VAL V 52 15.86 -5.55 -3.62
C VAL V 52 15.81 -5.05 -5.07
N ASN V 53 16.87 -4.38 -5.53
CA ASN V 53 17.00 -3.97 -6.94
C ASN V 53 17.10 -5.19 -7.87
N SER V 54 18.10 -6.06 -7.63
CA SER V 54 18.33 -7.18 -8.53
C SER V 54 17.06 -7.98 -8.75
N GLN V 55 16.24 -8.08 -7.72
CA GLN V 55 15.05 -8.89 -7.82
C GLN V 55 13.93 -8.20 -8.58
N GLN V 56 14.10 -6.91 -8.89
CA GLN V 56 13.14 -6.25 -9.76
C GLN V 56 13.10 -6.94 -11.12
N GLU V 57 14.24 -7.49 -11.55
CA GLU V 57 14.27 -8.25 -12.80
C GLU V 57 13.29 -9.41 -12.75
N LYS V 58 13.36 -10.23 -11.70
CA LYS V 58 12.53 -11.42 -11.63
C LYS V 58 11.05 -11.04 -11.51
N ILE V 59 10.73 -10.12 -10.59
CA ILE V 59 9.36 -9.64 -10.38
C ILE V 59 8.71 -9.28 -11.71
N ASP V 60 9.35 -8.39 -12.47
CA ASP V 60 8.77 -7.95 -13.75
C ASP V 60 8.54 -9.14 -14.69
N SER V 61 9.55 -10.02 -14.84
CA SER V 61 9.38 -11.26 -15.59
C SER V 61 8.09 -11.98 -15.22
N ILE V 62 7.86 -12.16 -13.91
CA ILE V 62 6.66 -12.83 -13.46
C ILE V 62 5.42 -12.07 -13.93
N ALA V 63 5.38 -10.78 -13.66
CA ALA V 63 4.20 -10.01 -14.05
C ALA V 63 4.04 -9.95 -15.56
N ASP V 64 5.14 -10.12 -16.32
CA ASP V 64 4.98 -10.13 -17.77
C ASP V 64 4.53 -11.49 -18.26
N HIS V 65 5.08 -12.56 -17.65
CA HIS V 65 4.67 -13.89 -18.04
C HIS V 65 3.19 -14.08 -17.80
N VAL V 66 2.74 -13.83 -16.57
CA VAL V 66 1.32 -13.98 -16.27
C VAL V 66 0.48 -13.06 -17.14
N ASN V 67 0.94 -11.82 -17.34
CA ASN V 67 0.14 -10.88 -18.11
C ASN V 67 -0.03 -11.34 -19.55
N SER V 68 0.97 -12.02 -20.13
CA SER V 68 0.79 -12.54 -21.48
C SER V 68 -0.08 -13.79 -21.48
N ALA V 69 0.16 -14.69 -20.52
CA ALA V 69 -0.65 -15.89 -20.42
C ALA V 69 -2.11 -15.55 -20.14
N ALA V 70 -2.37 -14.41 -19.48
CA ALA V 70 -3.74 -13.98 -19.28
C ALA V 70 -4.45 -13.73 -20.61
N VAL V 71 -3.78 -13.07 -21.56
CA VAL V 71 -4.48 -12.75 -22.81
C VAL V 71 -4.77 -14.02 -23.58
N ASN V 72 -3.84 -14.98 -23.57
CA ASN V 72 -4.09 -16.24 -24.27
C ASN V 72 -5.29 -16.98 -23.66
N VAL V 73 -5.29 -17.16 -22.34
CA VAL V 73 -6.38 -17.87 -21.68
C VAL V 73 -7.70 -17.14 -21.90
N GLU V 74 -7.65 -15.82 -22.11
CA GLU V 74 -8.87 -15.05 -22.34
C GLU V 74 -9.27 -15.03 -23.81
N GLU V 75 -8.31 -15.23 -24.72
CA GLU V 75 -8.65 -15.36 -26.14
C GLU V 75 -9.22 -16.75 -26.44
N GLY V 76 -8.69 -17.77 -25.77
CA GLY V 76 -9.29 -19.10 -25.90
C GLY V 76 -10.73 -19.11 -25.41
N THR V 77 -10.99 -18.43 -24.30
CA THR V 77 -12.35 -18.32 -23.77
C THR V 77 -13.28 -17.65 -24.76
N LYS V 78 -12.93 -16.45 -25.22
CA LYS V 78 -13.72 -15.72 -26.21
C LYS V 78 -13.77 -16.43 -27.57
N ASN V 79 -13.16 -17.61 -27.69
CA ASN V 79 -13.24 -18.43 -28.89
C ASN V 79 -14.22 -19.59 -28.73
N LEU V 80 -14.13 -20.30 -27.61
CA LEU V 80 -15.18 -21.26 -27.28
C LEU V 80 -16.51 -20.56 -27.14
N GLY V 81 -16.49 -19.28 -26.74
CA GLY V 81 -17.69 -18.46 -26.79
C GLY V 81 -18.25 -18.31 -28.19
N LYS V 82 -17.36 -18.30 -29.20
CA LYS V 82 -17.81 -18.32 -30.59
C LYS V 82 -18.49 -19.64 -30.91
N ALA V 83 -17.81 -20.75 -30.64
CA ALA V 83 -18.36 -22.06 -30.97
C ALA V 83 -19.65 -22.36 -30.21
N ALA V 84 -19.85 -21.75 -29.04
CA ALA V 84 -21.10 -21.96 -28.30
C ALA V 84 -22.27 -21.20 -28.93
N LYS V 85 -22.00 -20.07 -29.58
CA LYS V 85 -23.05 -19.36 -30.29
C LYS V 85 -23.40 -20.05 -31.61
N TYR V 86 -22.41 -20.64 -32.27
CA TYR V 86 -22.62 -21.43 -33.49
C TYR V 86 -23.25 -22.79 -33.15
N GLN W 4 50.48 22.61 31.37
CA GLN W 4 49.37 22.79 30.43
C GLN W 4 49.65 22.08 29.10
N TYR W 5 50.44 21.00 29.17
CA TYR W 5 50.74 20.19 27.99
C TYR W 5 49.78 19.02 27.80
N LEU W 6 49.09 18.59 28.87
CA LEU W 6 47.94 17.70 28.71
C LEU W 6 46.64 18.47 28.57
N ARG W 7 46.64 19.77 28.91
CA ARG W 7 45.50 20.63 28.61
C ARG W 7 45.35 20.82 27.10
N GLN W 8 46.46 21.03 26.41
CA GLN W 8 46.42 21.08 24.95
C GLN W 8 46.07 19.71 24.35
N GLU W 9 46.37 18.62 25.07
CA GLU W 9 46.06 17.29 24.57
C GLU W 9 44.56 17.01 24.65
N VAL W 10 43.89 17.43 25.72
CA VAL W 10 42.46 17.13 25.80
C VAL W 10 41.69 18.02 24.83
N LEU W 11 42.12 19.28 24.65
CA LEU W 11 41.49 20.14 23.65
C LEU W 11 41.45 19.45 22.28
N ARG W 12 42.47 18.66 21.96
CA ARG W 12 42.45 17.89 20.73
C ARG W 12 41.45 16.74 20.81
N ARG W 13 41.64 15.84 21.78
CA ARG W 13 40.73 14.71 21.93
C ARG W 13 39.28 15.16 22.05
N ALA W 14 39.05 16.44 22.29
CA ALA W 14 37.71 16.99 22.09
C ALA W 14 37.43 17.10 20.60
N GLU W 15 38.29 17.82 19.87
CA GLU W 15 38.07 18.02 18.43
C GLU W 15 37.95 16.69 17.70
N ALA W 16 38.64 15.67 18.20
CA ALA W 16 38.50 14.34 17.63
C ALA W 16 37.08 13.83 17.74
N THR W 17 36.51 13.84 18.96
CA THR W 17 35.20 13.21 19.06
C THR W 17 34.13 14.06 18.42
N ALA W 18 34.34 15.38 18.39
CA ALA W 18 33.41 16.25 17.67
C ALA W 18 33.40 15.89 16.19
N ALA W 19 34.57 15.84 15.56
CA ALA W 19 34.65 15.49 14.14
C ALA W 19 34.17 14.07 13.89
N SER W 20 34.41 13.17 14.85
CA SER W 20 34.07 11.76 14.67
C SER W 20 32.58 11.53 14.86
N THR W 21 31.99 12.05 15.95
CA THR W 21 30.54 11.97 16.10
C THR W 21 29.83 12.57 14.90
N SER W 22 30.34 13.70 14.39
CA SER W 22 29.74 14.34 13.23
C SER W 22 29.75 13.44 12.01
N ARG W 23 30.87 12.75 11.78
CA ARG W 23 30.91 11.74 10.73
C ARG W 23 29.86 10.66 10.97
N SER W 24 29.63 10.30 12.24
CA SER W 24 28.72 9.21 12.55
C SER W 24 27.27 9.66 12.42
N LEU W 25 26.95 10.84 12.94
CA LEU W 25 25.64 11.42 12.67
C LEU W 25 25.36 11.50 11.18
N ALA W 26 26.39 11.78 10.37
CA ALA W 26 26.21 11.89 8.93
C ALA W 26 25.89 10.54 8.29
N LEU W 27 26.54 9.47 8.77
CA LEU W 27 26.28 8.13 8.25
C LEU W 27 24.88 7.68 8.58
N MET W 28 24.45 7.91 9.82
CA MET W 28 23.12 7.44 10.21
C MET W 28 22.03 8.10 9.38
N TYR W 29 22.19 9.39 9.03
CA TYR W 29 21.20 10.02 8.17
C TYR W 29 21.22 9.43 6.77
N GLU W 30 22.39 8.96 6.32
CA GLU W 30 22.50 8.35 5.01
C GLU W 30 21.79 7.00 4.96
N SER W 31 22.14 6.09 5.86
CA SER W 31 21.42 4.84 6.04
C SER W 31 19.92 5.09 6.07
N GLU W 32 19.48 5.95 6.99
CA GLU W 32 18.05 6.23 7.11
C GLU W 32 17.44 6.61 5.75
N LYS W 33 18.18 7.36 4.93
CA LYS W 33 17.69 7.74 3.61
C LYS W 33 17.61 6.54 2.67
N VAL W 34 18.73 5.83 2.50
CA VAL W 34 18.77 4.70 1.58
C VAL W 34 17.88 3.60 2.08
N GLY W 35 17.77 3.49 3.40
CA GLY W 35 16.81 2.59 3.99
C GLY W 35 15.41 2.83 3.50
N VAL W 36 14.86 4.03 3.65
CA VAL W 36 13.46 4.20 3.33
C VAL W 36 13.22 4.05 1.86
N ALA W 37 14.24 4.29 1.04
CA ALA W 37 14.04 4.29 -0.39
C ALA W 37 13.79 2.88 -0.89
N SER W 38 14.48 1.92 -0.28
CA SER W 38 14.32 0.52 -0.67
C SER W 38 13.12 -0.10 0.00
N SER W 39 12.91 0.20 1.28
CA SER W 39 11.66 -0.17 1.93
C SER W 39 10.51 0.27 1.05
N GLU W 40 10.65 1.42 0.42
CA GLU W 40 9.64 1.91 -0.51
C GLU W 40 9.54 1.03 -1.76
N GLU W 41 10.68 0.64 -2.34
CA GLU W 41 10.61 -0.21 -3.53
C GLU W 41 10.04 -1.59 -3.19
N LEU W 42 10.40 -2.14 -2.02
CA LEU W 42 9.82 -3.41 -1.60
C LEU W 42 8.30 -3.36 -1.67
N ALA W 43 7.70 -2.32 -1.07
CA ALA W 43 6.26 -2.15 -1.17
C ALA W 43 5.81 -2.06 -2.62
N ARG W 44 6.52 -1.28 -3.46
CA ARG W 44 6.16 -1.17 -4.89
C ARG W 44 6.10 -2.55 -5.53
N GLN W 45 7.02 -3.44 -5.14
CA GLN W 45 7.04 -4.78 -5.70
C GLN W 45 5.88 -5.62 -5.21
N ARG W 46 5.57 -5.57 -3.90
CA ARG W 46 4.37 -6.25 -3.40
C ARG W 46 3.16 -5.91 -4.26
N GLY W 47 3.03 -4.64 -4.66
CA GLY W 47 1.95 -4.28 -5.56
C GLY W 47 1.94 -5.10 -6.84
N VAL W 48 3.08 -5.16 -7.53
CA VAL W 48 3.17 -5.93 -8.76
C VAL W 48 2.73 -7.37 -8.50
N LEU W 49 3.04 -7.91 -7.33
CA LEU W 49 2.69 -9.29 -7.03
C LEU W 49 1.20 -9.46 -6.80
N GLU W 50 0.57 -8.52 -6.08
CA GLU W 50 -0.88 -8.52 -5.95
C GLU W 50 -1.55 -8.39 -7.32
N ARG W 51 -1.03 -7.51 -8.19
CA ARG W 51 -1.53 -7.41 -9.57
C ARG W 51 -1.40 -8.74 -10.28
N THR W 52 -0.29 -9.44 -10.09
CA THR W 52 -0.15 -10.74 -10.72
C THR W 52 -1.20 -11.70 -10.19
N GLU W 53 -1.43 -11.70 -8.88
CA GLU W 53 -2.39 -12.64 -8.32
C GLU W 53 -3.80 -12.35 -8.82
N LYS W 54 -4.13 -11.08 -9.07
CA LYS W 54 -5.41 -10.76 -9.67
C LYS W 54 -5.53 -11.41 -11.03
N MET W 55 -4.47 -11.37 -11.83
CA MET W 55 -4.58 -11.94 -13.17
C MET W 55 -4.73 -13.45 -13.12
N VAL W 56 -4.12 -14.10 -12.14
CA VAL W 56 -4.29 -15.54 -12.01
C VAL W 56 -5.74 -15.85 -11.64
N ASP W 57 -6.32 -15.07 -10.73
CA ASP W 57 -7.73 -15.24 -10.43
C ASP W 57 -8.56 -15.02 -11.70
N LYS W 58 -8.19 -14.03 -12.52
CA LYS W 58 -8.90 -13.77 -13.77
C LYS W 58 -8.82 -14.97 -14.70
N MET W 59 -7.69 -15.67 -14.72
CA MET W 59 -7.55 -16.83 -15.60
C MET W 59 -8.24 -18.05 -15.02
N ASP W 60 -8.34 -18.15 -13.68
CA ASP W 60 -9.14 -19.20 -13.07
C ASP W 60 -10.63 -18.99 -13.36
N GLN W 61 -11.14 -17.78 -13.11
CA GLN W 61 -12.50 -17.45 -13.52
C GLN W 61 -12.74 -17.71 -15.00
N ASP W 62 -11.70 -17.52 -15.84
CA ASP W 62 -11.85 -17.73 -17.27
C ASP W 62 -11.86 -19.22 -17.62
N LEU W 63 -11.09 -20.03 -16.92
CA LEU W 63 -11.07 -21.45 -17.25
C LEU W 63 -12.35 -22.14 -16.84
N LYS W 64 -13.16 -21.49 -16.00
CA LYS W 64 -14.48 -22.02 -15.70
C LYS W 64 -15.46 -21.64 -16.81
N ILE W 65 -15.52 -20.34 -17.15
CA ILE W 65 -16.37 -19.86 -18.23
C ILE W 65 -16.12 -20.66 -19.51
N SER W 66 -14.89 -21.13 -19.71
CA SER W 66 -14.61 -21.98 -20.86
C SER W 66 -15.17 -23.38 -20.66
N GLN W 67 -15.11 -23.90 -19.44
CA GLN W 67 -15.70 -25.22 -19.16
C GLN W 67 -17.20 -25.20 -19.32
N LYS W 68 -17.84 -24.06 -19.05
CA LYS W 68 -19.27 -23.85 -19.30
C LYS W 68 -19.59 -23.52 -20.75
N HIS W 69 -18.58 -23.19 -21.56
CA HIS W 69 -18.78 -23.08 -23.00
C HIS W 69 -18.49 -24.37 -23.73
N ILE W 70 -17.67 -25.24 -23.16
CA ILE W 70 -17.54 -26.59 -23.70
C ILE W 70 -18.85 -27.34 -23.58
N ASN W 71 -19.52 -27.22 -22.43
CA ASN W 71 -20.80 -27.88 -22.23
C ASN W 71 -21.85 -27.38 -23.20
N SER W 72 -21.65 -26.19 -23.77
CA SER W 72 -22.62 -25.65 -24.71
C SER W 72 -22.46 -26.26 -26.11
N ILE W 73 -21.22 -26.46 -26.56
CA ILE W 73 -21.02 -26.89 -27.95
C ILE W 73 -21.22 -28.39 -28.13
N LYS W 74 -21.14 -29.18 -27.06
CA LYS W 74 -21.32 -30.62 -27.16
C LYS W 74 -22.76 -31.04 -26.89
N SER W 75 -23.38 -30.52 -25.84
CA SER W 75 -24.77 -30.83 -25.54
C SER W 75 -25.68 -29.64 -25.88
N HIS X 4 36.73 27.55 23.13
CA HIS X 4 36.25 26.63 22.10
C HIS X 4 36.20 25.20 22.58
N LEU X 5 36.49 25.00 23.86
CA LEU X 5 36.31 23.68 24.45
C LEU X 5 34.83 23.40 24.70
N ARG X 6 34.08 24.42 25.13
CA ARG X 6 32.63 24.26 25.26
C ARG X 6 31.97 24.04 23.90
N ALA X 7 32.49 24.69 22.85
CA ALA X 7 31.88 24.61 21.53
C ALA X 7 32.02 23.22 20.91
N TYR X 8 32.92 22.39 21.45
CA TYR X 8 32.95 20.99 21.06
C TYR X 8 31.89 20.18 21.79
N HIS X 9 31.73 20.41 23.09
CA HIS X 9 30.72 19.68 23.84
C HIS X 9 29.32 19.97 23.30
N GLN X 10 29.12 21.16 22.72
CA GLN X 10 27.84 21.50 22.10
C GLN X 10 27.70 20.91 20.70
N LYS X 11 28.78 20.40 20.13
CA LYS X 11 28.57 19.57 18.96
C LYS X 11 28.54 18.09 19.34
N ILE X 12 29.41 17.66 20.26
CA ILE X 12 29.41 16.25 20.67
C ILE X 12 28.06 15.86 21.24
N ASP X 13 27.51 16.68 22.14
CA ASP X 13 26.19 16.39 22.70
C ASP X 13 25.12 16.37 21.63
N SER X 14 25.02 17.44 20.84
CA SER X 14 24.02 17.50 19.78
C SER X 14 24.11 16.30 18.84
N ASN X 15 25.34 15.91 18.45
CA ASN X 15 25.49 14.75 17.57
C ASN X 15 24.95 13.49 18.23
N LEU X 16 25.37 13.23 19.48
CA LEU X 16 24.96 12.01 20.17
C LEU X 16 23.46 11.99 20.40
N ASP X 17 22.85 13.16 20.58
CA ASP X 17 21.42 13.23 20.84
C ASP X 17 20.62 12.98 19.56
N GLU X 18 21.02 13.63 18.46
CA GLU X 18 20.42 13.33 17.16
C GLU X 18 20.61 11.86 16.78
N LEU X 19 21.75 11.27 17.16
CA LEU X 19 22.11 9.93 16.72
C LEU X 19 21.27 8.88 17.41
N SER X 20 21.22 8.95 18.75
CA SER X 20 20.29 8.14 19.52
C SER X 20 18.89 8.20 18.91
N MET X 21 18.33 9.40 18.80
CA MET X 21 17.03 9.55 18.13
C MET X 21 17.02 8.92 16.75
N GLY X 22 18.18 8.83 16.11
CA GLY X 22 18.26 8.35 14.75
C GLY X 22 18.31 6.84 14.66
N LEU X 23 19.04 6.23 15.59
CA LEU X 23 19.01 4.78 15.67
C LEU X 23 17.61 4.27 15.93
N GLY X 24 16.80 5.01 16.69
CA GLY X 24 15.41 4.64 16.85
C GLY X 24 14.68 4.55 15.53
N ARG X 25 14.78 5.61 14.71
CA ARG X 25 14.18 5.57 13.39
C ARG X 25 14.75 4.44 12.54
N LEU X 26 16.07 4.20 12.65
CA LEU X 26 16.70 3.12 11.87
C LEU X 26 16.27 1.75 12.35
N LYS X 27 16.14 1.56 13.67
CA LYS X 27 15.62 0.29 14.14
C LYS X 27 14.21 0.08 13.64
N ASP X 28 13.41 1.15 13.65
CA ASP X 28 12.05 1.05 13.14
C ASP X 28 12.05 0.66 11.66
N ILE X 29 12.88 1.33 10.83
CA ILE X 29 12.92 1.05 9.39
C ILE X 29 13.23 -0.42 9.13
N ALA X 30 14.21 -0.98 9.86
CA ALA X 30 14.71 -2.34 9.61
C ALA X 30 13.70 -3.41 10.05
N LEU X 31 13.07 -3.24 11.20
CA LEU X 31 11.93 -4.08 11.54
C LEU X 31 10.88 -4.04 10.44
N GLY X 32 10.56 -2.85 9.96
CA GLY X 32 9.60 -2.73 8.87
C GLY X 32 10.02 -3.51 7.65
N MET X 33 11.31 -3.41 7.28
CA MET X 33 11.78 -4.22 6.17
C MET X 33 11.55 -5.69 6.45
N GLN X 34 11.79 -6.13 7.70
CA GLN X 34 11.63 -7.53 8.07
C GLN X 34 10.19 -8.00 7.90
N THR X 35 9.21 -7.22 8.38
CA THR X 35 7.80 -7.56 8.20
C THR X 35 7.42 -7.64 6.74
N GLU X 36 8.00 -6.78 5.90
CA GLU X 36 7.59 -6.73 4.50
C GLU X 36 8.01 -8.01 3.77
N ILE X 37 9.18 -8.55 4.09
CA ILE X 37 9.60 -9.76 3.40
C ILE X 37 8.70 -10.91 3.81
N GLU X 38 8.19 -10.86 5.05
CA GLU X 38 7.36 -11.93 5.58
C GLU X 38 6.00 -11.99 4.90
N GLU X 39 5.33 -10.84 4.74
CA GLU X 39 4.12 -10.81 3.94
C GLU X 39 4.38 -11.34 2.54
N GLN X 40 5.43 -10.84 1.91
CA GLN X 40 5.71 -11.23 0.53
C GLN X 40 6.05 -12.70 0.41
N ASP X 41 6.65 -13.31 1.44
CA ASP X 41 7.01 -14.70 1.27
C ASP X 41 5.77 -15.58 1.26
N ASP X 42 4.71 -15.14 1.96
CA ASP X 42 3.43 -15.85 1.95
C ASP X 42 2.61 -15.54 0.70
N ILE X 43 2.79 -14.36 0.10
CA ILE X 43 2.15 -14.09 -1.19
C ILE X 43 2.75 -14.99 -2.24
N LEU X 44 4.09 -15.06 -2.29
CA LEU X 44 4.79 -15.84 -3.28
C LEU X 44 4.43 -17.31 -3.14
N ASP X 45 4.50 -17.82 -1.90
CA ASP X 45 4.04 -19.19 -1.65
C ASP X 45 2.67 -19.42 -2.24
N ARG X 46 1.69 -18.59 -1.85
CA ARG X 46 0.35 -18.76 -2.37
C ARG X 46 0.32 -18.63 -3.89
N LEU X 47 0.98 -17.59 -4.44
CA LEU X 47 1.07 -17.44 -5.89
C LEU X 47 1.60 -18.69 -6.57
N THR X 48 2.72 -19.22 -6.06
CA THR X 48 3.34 -20.37 -6.70
C THR X 48 2.37 -21.55 -6.74
N THR X 49 1.60 -21.75 -5.67
CA THR X 49 0.59 -22.79 -5.65
C THR X 49 -0.55 -22.47 -6.62
N LYS X 50 -1.10 -21.25 -6.55
CA LYS X 50 -2.17 -20.86 -7.46
C LYS X 50 -1.76 -20.99 -8.92
N VAL X 51 -0.52 -20.61 -9.24
CA VAL X 51 -0.02 -20.71 -10.62
C VAL X 51 0.06 -22.17 -11.02
N ASP X 52 0.92 -22.94 -10.34
CA ASP X 52 1.13 -24.36 -10.65
C ASP X 52 -0.17 -25.14 -10.85
N LYS X 53 -1.23 -24.77 -10.13
CA LYS X 53 -2.55 -25.33 -10.40
C LYS X 53 -3.09 -24.86 -11.74
N LEU X 54 -3.05 -23.56 -11.99
CA LEU X 54 -3.57 -23.03 -13.24
C LEU X 54 -2.91 -23.72 -14.43
N ASP X 55 -1.64 -24.08 -14.28
CA ASP X 55 -0.91 -24.75 -15.34
C ASP X 55 -1.52 -26.10 -15.66
N VAL X 56 -2.29 -26.67 -14.75
CA VAL X 56 -2.85 -28.01 -14.95
C VAL X 56 -4.29 -27.91 -15.41
N ASN X 57 -4.99 -26.85 -15.00
CA ASN X 57 -6.28 -26.55 -15.60
C ASN X 57 -6.16 -26.17 -17.07
N ILE X 58 -5.03 -25.56 -17.45
CA ILE X 58 -4.83 -25.18 -18.85
C ILE X 58 -4.37 -26.38 -19.67
N LYS X 59 -3.36 -27.10 -19.18
CA LYS X 59 -2.92 -28.32 -19.84
C LYS X 59 -4.07 -29.29 -20.04
N SER X 60 -5.06 -29.27 -19.14
CA SER X 60 -6.20 -30.20 -19.18
C SER X 60 -7.29 -29.74 -20.14
N THR X 61 -7.53 -28.43 -20.22
CA THR X 61 -8.56 -27.93 -21.16
C THR X 61 -8.06 -27.99 -22.61
N GLU X 62 -6.76 -27.78 -22.85
CA GLU X 62 -6.17 -28.01 -24.17
C GLU X 62 -6.19 -29.48 -24.57
N ARG X 63 -6.56 -30.38 -23.65
CA ARG X 63 -6.82 -31.79 -23.95
C ARG X 63 -8.31 -32.11 -23.96
N LYS X 64 -9.14 -31.31 -23.29
CA LYS X 64 -10.60 -31.42 -23.40
C LYS X 64 -11.10 -30.75 -24.68
N VAL X 65 -10.46 -29.65 -25.09
CA VAL X 65 -10.89 -28.93 -26.29
C VAL X 65 -10.39 -29.63 -27.55
N ARG X 66 -9.18 -30.18 -27.51
CA ARG X 66 -8.60 -30.84 -28.67
C ARG X 66 -9.45 -32.01 -29.16
N GLN X 67 -10.32 -32.54 -28.29
CA GLN X 67 -11.23 -33.64 -28.63
C GLN X 67 -12.53 -33.17 -29.27
N LEU X 68 -12.68 -31.87 -29.53
CA LEU X 68 -13.96 -31.32 -29.96
C LEU X 68 -14.09 -31.17 -31.48
#